data_8WSN
#
_entry.id   8WSN
#
_cell.length_a   227.057
_cell.length_b   97.249
_cell.length_c   133.092
_cell.angle_alpha   90.000
_cell.angle_beta   124.624
_cell.angle_gamma   90.000
#
_symmetry.space_group_name_H-M   'C 1 2 1'
#
loop_
_entity.id
_entity.type
_entity.pdbx_description
1 polymer Gn
2 polymer Ab1-H
3 polymer Ab1-L
4 branched 2-acetamido-2-deoxy-beta-D-glucopyranose-(1-4)-2-acetamido-2-deoxy-beta-D-glucopyranose
5 non-polymer 2-acetamido-2-deoxy-beta-D-glucopyranose
6 water water
#
loop_
_entity_poly.entity_id
_entity_poly.type
_entity_poly.pdbx_seq_one_letter_code
_entity_poly.pdbx_strand_id
1 'polypeptide(L)'
;DSGPIICAGPIHSNKSADIPHLLGYSEKICQIDRLIHVSSWLRNHSQFQGYVGQRGGRSQVSYYPAENSYSRWSGLLSPC
DADWLGMLVVKKAKGSDMIVPGPSYKGKVFFERPTFDGYVGWGCGSGKSRTESGELCSSDSGTSSGLLPSDRVLWIGDVA
CQPMTPIPEETFLELKSFSQSEFPDICKIDGIVFNQCEGESLPQPFDVAWMDVGHSHKIIMREHKTKWVQESSSKDFVCY
KEGTGPCSESEEKTCKTSGSCRGDMQFCKVAGCEHGEEASEAKCRCSLVHKPGEVVVSYGGMRVRPKCYGFSRMMATLEV
NHHHHHH
;
A,D
2 'polypeptide(L)'
;QVQLVQSGAEVKKPGESLTISCETSRYNFTYHWVGWVRQMPGEGLEWMGIIYPGDSDTRYSPSFQGQITISADKSLSTTY
LHWRRLKASDTAIYYCARLKPAWGRGYYFDYWGQGTLVTVSSASTKGPSVFPLAPSSKSTSGGTAALGCLVKDYFPEPVT
VSWNSGALTSGVHTFPAVLQSSGLYSLSSVVTVPSSSLGTQTYICNVNHKPSNTKVDKKVEPKSCDK
;
B,E
3 'polypeptide(L)'
;EIVLTQSPATLSVSPGERATLSCRASQSVSSNLAWYQHKPGQAPRLLIYGAFIRATGIPARFSGSGSGTEFTLTISSLQS
EDFAVYYCQHYNNWPPNPFGQGTRLEIKRTVAAPSVFIFPPSDEQLKSGTASVVCLLNNFYPREAKVQWKVDNALQSGNS
QESVTEQDSKDSTYSLSSTLTLSKADYEKHKVYACEVTHQGLSSPVTKSFNRGEC
;
C,F
#
loop_
_chem_comp.id
_chem_comp.type
_chem_comp.name
_chem_comp.formula
NAG D-saccharide, beta linking 2-acetamido-2-deoxy-beta-D-glucopyranose 'C8 H15 N O6'
#
# COMPACT_ATOMS: atom_id res chain seq x y z
N GLY A 3 5.60 -21.24 -29.16
CA GLY A 3 4.82 -22.35 -28.62
C GLY A 3 3.32 -22.14 -28.66
N PRO A 4 2.51 -23.13 -28.15
CA PRO A 4 1.05 -22.97 -28.04
C PRO A 4 0.56 -22.56 -26.65
N ILE A 5 -0.65 -21.99 -26.57
CA ILE A 5 -1.24 -21.61 -25.27
C ILE A 5 -1.70 -22.86 -24.52
N ILE A 6 -2.64 -23.62 -25.12
CA ILE A 6 -3.22 -24.82 -24.53
C ILE A 6 -3.02 -26.03 -25.43
N CYS A 7 -3.44 -25.92 -26.68
CA CYS A 7 -3.73 -27.08 -27.53
C CYS A 7 -2.63 -27.26 -28.58
N ALA A 8 -2.15 -28.49 -28.72
CA ALA A 8 -1.13 -28.79 -29.69
C ALA A 8 -1.76 -28.89 -31.08
N GLY A 9 -0.91 -28.97 -32.10
CA GLY A 9 -1.32 -28.80 -33.49
C GLY A 9 -2.48 -29.64 -33.95
N PRO A 10 -3.44 -29.00 -34.64
CA PRO A 10 -4.65 -29.71 -35.09
C PRO A 10 -4.37 -30.72 -36.18
N ILE A 11 -5.18 -31.76 -36.20
CA ILE A 11 -5.25 -32.68 -37.33
C ILE A 11 -6.71 -32.82 -37.66
N HIS A 12 -7.15 -32.13 -38.70
CA HIS A 12 -8.50 -32.28 -39.21
C HIS A 12 -8.53 -33.48 -40.15
N SER A 13 -9.72 -34.08 -40.30
CA SER A 13 -9.91 -34.97 -41.43
C SER A 13 -11.23 -34.76 -42.15
N ASN A 14 -12.27 -34.27 -41.51
CA ASN A 14 -13.52 -33.98 -42.20
C ASN A 14 -13.48 -32.50 -42.57
N LYS A 15 -13.16 -32.25 -43.84
CA LYS A 15 -13.07 -30.92 -44.39
C LYS A 15 -14.40 -30.15 -44.35
N SER A 16 -15.54 -30.83 -44.19
CA SER A 16 -16.82 -30.16 -44.04
C SER A 16 -17.35 -30.17 -42.60
N ALA A 17 -16.55 -30.64 -41.64
CA ALA A 17 -17.02 -30.80 -40.27
C ALA A 17 -17.51 -29.48 -39.72
N ASP A 18 -18.56 -29.55 -38.89
CA ASP A 18 -19.11 -28.37 -38.24
C ASP A 18 -18.03 -27.59 -37.49
N ILE A 19 -18.19 -26.27 -37.38
CA ILE A 19 -17.28 -25.47 -36.56
C ILE A 19 -18.04 -24.97 -35.34
N PRO A 20 -17.86 -25.59 -34.17
CA PRO A 20 -18.73 -25.25 -33.04
C PRO A 20 -18.44 -23.88 -32.50
N HIS A 21 -19.51 -23.13 -32.23
CA HIS A 21 -19.36 -21.96 -31.38
C HIS A 21 -19.22 -22.43 -29.93
N LEU A 22 -18.00 -22.39 -29.41
CA LEU A 22 -17.78 -22.68 -28.01
C LEU A 22 -17.95 -21.39 -27.19
N LEU A 23 -18.01 -21.54 -25.86
CA LEU A 23 -18.37 -20.50 -24.90
C LEU A 23 -17.28 -20.18 -23.88
N GLY A 24 -16.57 -21.19 -23.39
CA GLY A 24 -15.52 -20.91 -22.44
C GLY A 24 -14.53 -19.92 -23.02
N TYR A 25 -13.89 -19.18 -22.11
CA TYR A 25 -12.73 -18.41 -22.53
C TYR A 25 -11.61 -19.35 -22.94
N SER A 26 -11.29 -20.31 -22.08
CA SER A 26 -10.27 -21.29 -22.40
C SER A 26 -10.66 -22.22 -23.54
N GLU A 27 -11.95 -22.36 -23.83
CA GLU A 27 -12.36 -23.15 -24.99
C GLU A 27 -12.05 -22.39 -26.28
N LYS A 28 -12.66 -21.21 -26.46
CA LYS A 28 -12.31 -20.45 -27.65
C LYS A 28 -10.82 -20.08 -27.67
N ILE A 29 -10.15 -20.01 -26.54
CA ILE A 29 -8.70 -19.83 -26.62
C ILE A 29 -8.09 -21.02 -27.34
N CYS A 30 -8.52 -22.24 -26.97
CA CYS A 30 -7.99 -23.41 -27.67
C CYS A 30 -8.38 -23.41 -29.14
N GLN A 31 -9.56 -22.90 -29.47
CA GLN A 31 -9.90 -22.67 -30.87
C GLN A 31 -8.86 -21.80 -31.55
N ILE A 32 -8.69 -20.57 -31.07
CA ILE A 32 -7.68 -19.64 -31.58
C ILE A 32 -6.37 -20.39 -31.79
N ASP A 33 -5.96 -21.15 -30.78
CA ASP A 33 -4.72 -21.91 -30.85
C ASP A 33 -4.70 -22.82 -32.07
N ARG A 34 -5.85 -23.32 -32.51
CA ARG A 34 -5.91 -24.30 -33.59
C ARG A 34 -6.23 -23.66 -34.92
N LEU A 35 -5.92 -22.36 -35.08
CA LEU A 35 -6.14 -21.65 -36.32
C LEU A 35 -7.57 -21.76 -36.80
N ILE A 36 -8.46 -22.27 -35.95
CA ILE A 36 -9.86 -22.46 -36.31
C ILE A 36 -10.58 -21.13 -36.49
N HIS A 37 -10.16 -20.10 -35.77
CA HIS A 37 -10.78 -18.81 -36.01
C HIS A 37 -10.51 -18.34 -37.43
N VAL A 38 -9.29 -18.56 -37.93
CA VAL A 38 -9.02 -18.19 -39.32
C VAL A 38 -9.79 -19.11 -40.27
N SER A 39 -9.93 -20.40 -39.90
CA SER A 39 -10.74 -21.30 -40.72
C SER A 39 -12.17 -20.79 -40.86
N SER A 40 -12.80 -20.44 -39.74
CA SER A 40 -14.16 -19.92 -39.80
C SER A 40 -14.23 -18.66 -40.64
N TRP A 41 -13.17 -17.85 -40.62
CA TRP A 41 -13.18 -16.61 -41.38
C TRP A 41 -13.30 -16.89 -42.87
N LEU A 42 -12.50 -17.82 -43.36
CA LEU A 42 -12.54 -18.16 -44.78
C LEU A 42 -13.88 -18.74 -45.20
N ARG A 43 -14.48 -19.58 -44.35
CA ARG A 43 -15.81 -20.11 -44.67
C ARG A 43 -16.84 -18.99 -44.78
N ASN A 44 -16.86 -18.07 -43.83
CA ASN A 44 -17.89 -17.03 -43.83
C ASN A 44 -17.78 -16.11 -45.05
N HIS A 45 -16.57 -15.72 -45.44
CA HIS A 45 -16.42 -14.61 -46.38
C HIS A 45 -15.96 -14.99 -47.78
N SER A 46 -15.23 -16.09 -47.96
CA SER A 46 -14.56 -16.29 -49.24
C SER A 46 -14.96 -17.56 -49.96
N GLN A 47 -16.00 -18.27 -49.49
CA GLN A 47 -16.48 -19.50 -50.13
C GLN A 47 -15.39 -20.57 -50.16
N PHE A 48 -14.87 -20.87 -48.99
CA PHE A 48 -13.76 -21.80 -48.81
C PHE A 48 -14.24 -23.01 -48.01
N GLN A 49 -13.80 -24.20 -48.43
CA GLN A 49 -14.15 -25.46 -47.76
C GLN A 49 -12.96 -25.91 -46.91
N GLY A 50 -13.16 -25.98 -45.60
CA GLY A 50 -12.20 -26.68 -44.79
C GLY A 50 -11.58 -25.89 -43.64
N TYR A 51 -10.25 -25.90 -43.60
CA TYR A 51 -9.48 -25.37 -42.49
C TYR A 51 -8.11 -24.95 -42.99
N VAL A 52 -7.47 -24.06 -42.21
CA VAL A 52 -6.05 -23.77 -42.34
C VAL A 52 -5.44 -24.02 -40.97
N GLY A 53 -4.15 -24.33 -40.94
CA GLY A 53 -3.47 -24.56 -39.68
C GLY A 53 -3.11 -26.01 -39.41
N GLN A 54 -3.47 -26.92 -40.32
CA GLN A 54 -3.27 -28.35 -40.09
C GLN A 54 -1.83 -28.65 -39.69
N ARG A 55 -1.70 -29.40 -38.60
CA ARG A 55 -0.45 -29.84 -38.01
C ARG A 55 0.32 -28.65 -37.45
N GLY A 56 -0.13 -27.44 -37.76
CA GLY A 56 0.68 -26.31 -37.36
C GLY A 56 0.13 -25.42 -36.28
N GLY A 57 -1.13 -25.07 -36.42
CA GLY A 57 -1.69 -24.13 -35.50
C GLY A 57 -1.04 -22.76 -35.59
N ARG A 58 -1.44 -21.93 -34.61
CA ARG A 58 -1.05 -20.53 -34.56
C ARG A 58 0.45 -20.36 -34.52
N SER A 59 1.13 -21.20 -33.79
CA SER A 59 2.55 -20.98 -33.65
C SER A 59 3.32 -21.23 -34.94
N GLN A 60 2.67 -21.65 -36.02
CA GLN A 60 3.37 -21.77 -37.28
C GLN A 60 2.85 -20.81 -38.33
N VAL A 61 2.03 -19.83 -37.93
CA VAL A 61 1.58 -18.84 -38.90
C VAL A 61 2.78 -18.03 -39.37
N SER A 62 2.74 -17.60 -40.61
CA SER A 62 3.79 -16.75 -41.15
C SER A 62 3.52 -15.26 -40.88
N TYR A 63 4.61 -14.51 -40.72
CA TYR A 63 4.54 -13.09 -40.41
C TYR A 63 5.35 -12.29 -41.44
N TYR A 64 4.94 -11.06 -41.68
CA TYR A 64 5.75 -10.08 -42.38
C TYR A 64 5.81 -8.83 -41.53
N PRO A 65 7.01 -8.34 -41.16
CA PRO A 65 8.28 -8.97 -41.51
C PRO A 65 8.44 -10.31 -40.80
N ALA A 66 9.33 -11.16 -41.29
CA ALA A 66 9.60 -12.41 -40.59
C ALA A 66 10.18 -12.15 -39.22
N GLU A 67 10.83 -10.98 -39.04
CA GLU A 67 11.36 -10.59 -37.74
C GLU A 67 10.19 -10.06 -36.91
N ASN A 68 9.49 -10.97 -36.26
CA ASN A 68 8.34 -10.60 -35.46
C ASN A 68 8.59 -11.00 -34.01
N SER A 69 8.47 -10.05 -33.09
CA SER A 69 8.80 -10.38 -31.70
C SER A 69 7.60 -10.77 -30.84
N TYR A 70 6.40 -10.27 -31.13
CA TYR A 70 5.29 -10.57 -30.26
C TYR A 70 4.81 -12.00 -30.40
N SER A 71 5.14 -12.67 -31.50
CA SER A 71 4.77 -14.08 -31.59
C SER A 71 5.72 -14.97 -30.82
N ARG A 72 6.79 -14.41 -30.27
CA ARG A 72 7.62 -15.24 -29.40
C ARG A 72 6.95 -15.42 -28.06
N TRP A 73 5.83 -14.73 -27.85
CA TRP A 73 5.00 -14.88 -26.66
C TRP A 73 3.67 -15.50 -27.08
N SER A 74 3.45 -16.76 -26.68
CA SER A 74 2.25 -17.45 -27.11
C SER A 74 1.00 -16.67 -26.76
N GLY A 75 0.99 -16.00 -25.62
CA GLY A 75 -0.28 -15.46 -25.14
C GLY A 75 -0.67 -14.08 -25.63
N LEU A 76 0.05 -13.49 -26.58
CA LEU A 76 -0.32 -12.16 -27.09
C LEU A 76 -1.26 -12.29 -28.28
N LEU A 77 -2.30 -11.48 -28.28
CA LEU A 77 -3.36 -11.66 -29.26
C LEU A 77 -2.99 -10.93 -30.53
N SER A 78 -2.99 -11.66 -31.63
CA SER A 78 -2.92 -11.08 -32.97
C SER A 78 -4.29 -10.50 -33.33
N PRO A 79 -4.36 -9.65 -34.33
CA PRO A 79 -5.69 -9.07 -34.66
C PRO A 79 -6.79 -10.09 -34.97
N CYS A 80 -6.46 -11.15 -35.73
CA CYS A 80 -7.40 -12.24 -35.93
C CYS A 80 -7.88 -12.83 -34.60
N ASP A 81 -7.01 -12.87 -33.61
CA ASP A 81 -7.40 -13.50 -32.36
C ASP A 81 -8.36 -12.64 -31.57
N ALA A 82 -8.10 -11.34 -31.48
CA ALA A 82 -9.09 -10.48 -30.86
C ALA A 82 -10.41 -10.51 -31.62
N ASP A 83 -10.39 -10.91 -32.90
CA ASP A 83 -11.63 -11.02 -33.67
C ASP A 83 -12.52 -12.15 -33.13
N TRP A 84 -11.93 -13.29 -32.80
CA TRP A 84 -12.67 -14.43 -32.29
C TRP A 84 -13.16 -14.21 -30.86
N LEU A 85 -12.57 -13.26 -30.16
CA LEU A 85 -12.93 -12.99 -28.78
C LEU A 85 -13.85 -11.77 -28.65
N GLY A 86 -14.02 -11.00 -29.72
CA GLY A 86 -15.02 -9.95 -29.74
C GLY A 86 -14.52 -8.54 -29.57
N MET A 87 -13.19 -8.33 -29.52
CA MET A 87 -12.64 -7.01 -29.25
C MET A 87 -12.56 -6.13 -30.50
N LEU A 88 -12.54 -6.74 -31.69
CA LEU A 88 -12.54 -5.99 -32.94
C LEU A 88 -13.09 -6.88 -34.05
N VAL A 89 -13.18 -6.29 -35.26
CA VAL A 89 -13.63 -6.97 -36.45
C VAL A 89 -12.52 -6.92 -37.48
N VAL A 90 -12.18 -8.07 -38.07
CA VAL A 90 -11.30 -8.11 -39.23
C VAL A 90 -12.21 -8.16 -40.45
N LYS A 91 -12.36 -7.02 -41.12
CA LYS A 91 -13.32 -6.90 -42.21
C LYS A 91 -12.85 -7.64 -43.47
N LYS A 92 -13.82 -8.06 -44.27
CA LYS A 92 -13.51 -8.59 -45.60
C LYS A 92 -12.99 -7.46 -46.48
N ALA A 93 -11.94 -7.76 -47.24
CA ALA A 93 -11.34 -6.73 -48.09
C ALA A 93 -12.32 -6.26 -49.16
N LYS A 94 -12.37 -4.93 -49.35
CA LYS A 94 -13.07 -4.32 -50.47
C LYS A 94 -12.12 -4.17 -51.66
N GLY A 95 -12.66 -3.66 -52.77
CA GLY A 95 -11.81 -3.36 -53.91
C GLY A 95 -10.93 -2.16 -53.70
N SER A 96 -11.28 -1.28 -52.75
CA SER A 96 -10.47 -0.11 -52.44
C SER A 96 -9.36 -0.41 -51.44
N ASP A 97 -9.45 -1.51 -50.69
CA ASP A 97 -8.41 -1.81 -49.72
C ASP A 97 -7.11 -2.17 -50.44
N MET A 98 -6.07 -1.36 -50.23
CA MET A 98 -4.81 -1.53 -50.94
C MET A 98 -3.98 -2.64 -50.33
N ILE A 99 -3.50 -3.54 -51.18
CA ILE A 99 -2.62 -4.63 -50.76
C ILE A 99 -1.19 -4.13 -50.71
N VAL A 100 -0.51 -4.33 -49.58
CA VAL A 100 0.81 -3.75 -49.38
C VAL A 100 1.91 -4.66 -49.89
N PRO A 101 2.87 -4.13 -50.65
CA PRO A 101 4.00 -4.92 -51.14
C PRO A 101 5.05 -5.18 -50.09
N GLY A 102 5.68 -6.35 -50.20
CA GLY A 102 6.72 -6.75 -49.29
C GLY A 102 6.57 -8.17 -48.75
N PRO A 103 5.35 -8.58 -48.37
CA PRO A 103 5.19 -9.94 -47.89
C PRO A 103 5.24 -10.91 -49.06
N SER A 104 5.72 -12.12 -48.75
CA SER A 104 5.63 -13.23 -49.68
C SER A 104 4.18 -13.71 -49.73
N TYR A 105 3.39 -13.21 -50.69
CA TYR A 105 1.97 -13.55 -50.79
C TYR A 105 1.68 -14.85 -51.55
N LYS A 106 2.58 -15.30 -52.44
CA LYS A 106 2.25 -16.41 -53.35
C LYS A 106 1.89 -17.68 -52.57
N GLY A 107 0.68 -18.19 -52.84
CA GLY A 107 0.19 -19.39 -52.20
C GLY A 107 -0.54 -19.20 -50.88
N LYS A 108 -0.59 -17.99 -50.32
CA LYS A 108 -1.33 -17.80 -49.08
C LYS A 108 -2.81 -17.91 -49.36
N VAL A 109 -3.57 -18.41 -48.39
CA VAL A 109 -4.99 -18.56 -48.57
C VAL A 109 -5.72 -17.48 -47.79
N PHE A 110 -5.12 -17.07 -46.68
CA PHE A 110 -5.61 -15.95 -45.92
C PHE A 110 -4.42 -15.11 -45.49
N PHE A 111 -4.54 -13.79 -45.66
CA PHE A 111 -3.61 -12.87 -45.03
C PHE A 111 -4.39 -11.69 -44.47
N GLU A 112 -3.80 -11.06 -43.46
CA GLU A 112 -4.41 -9.96 -42.72
C GLU A 112 -3.37 -8.86 -42.53
N ARG A 113 -3.81 -7.60 -42.65
CA ARG A 113 -2.97 -6.47 -42.26
C ARG A 113 -3.79 -5.48 -41.46
N PRO A 114 -3.18 -4.80 -40.48
CA PRO A 114 -3.84 -3.64 -39.88
C PRO A 114 -3.84 -2.50 -40.88
N THR A 115 -4.96 -1.79 -40.94
CA THR A 115 -5.10 -0.61 -41.78
C THR A 115 -5.26 0.61 -40.89
N PHE A 116 -5.17 1.80 -41.52
CA PHE A 116 -5.17 3.01 -40.71
C PHE A 116 -6.48 3.16 -39.94
N ASP A 117 -7.57 2.58 -40.42
CA ASP A 117 -8.89 2.76 -39.85
C ASP A 117 -9.56 1.45 -39.45
N GLY A 118 -8.82 0.34 -39.48
CA GLY A 118 -9.36 -0.94 -39.06
C GLY A 118 -8.42 -2.12 -39.26
N TYR A 119 -9.00 -3.27 -39.52
CA TYR A 119 -8.26 -4.48 -39.80
C TYR A 119 -8.93 -5.17 -40.98
N VAL A 120 -8.15 -5.49 -42.02
CA VAL A 120 -8.69 -6.04 -43.26
C VAL A 120 -8.05 -7.38 -43.55
N GLY A 121 -8.90 -8.34 -43.92
CA GLY A 121 -8.45 -9.65 -44.34
C GLY A 121 -8.87 -9.93 -45.78
N TRP A 122 -7.96 -10.56 -46.53
CA TRP A 122 -8.22 -11.02 -47.90
C TRP A 122 -8.23 -12.55 -47.91
N GLY A 123 -9.29 -13.15 -48.47
CA GLY A 123 -9.39 -14.60 -48.53
C GLY A 123 -9.37 -15.20 -49.92
N CYS A 124 -9.15 -16.51 -50.02
CA CYS A 124 -9.22 -17.23 -51.28
C CYS A 124 -10.21 -18.39 -51.15
N GLY A 125 -10.82 -18.75 -52.27
CA GLY A 125 -11.79 -19.84 -52.30
C GLY A 125 -11.15 -21.21 -52.17
N SER A 126 -12.02 -22.22 -52.22
CA SER A 126 -11.59 -23.61 -52.19
C SER A 126 -10.87 -23.96 -53.48
N GLY A 127 -9.69 -24.58 -53.35
CA GLY A 127 -8.88 -24.92 -54.51
C GLY A 127 -8.13 -23.77 -55.18
N LYS A 128 -8.01 -22.61 -54.53
CA LYS A 128 -7.27 -21.48 -55.08
C LYS A 128 -6.35 -20.90 -54.02
N SER A 129 -5.29 -20.22 -54.48
CA SER A 129 -4.37 -19.50 -53.61
C SER A 129 -3.87 -18.24 -54.33
N ARG A 130 -3.09 -17.44 -53.59
CA ARG A 130 -2.69 -16.11 -54.05
C ARG A 130 -1.50 -16.15 -55.00
N THR A 131 -1.53 -15.27 -55.99
CA THR A 131 -0.40 -15.01 -56.87
C THR A 131 0.74 -14.34 -56.08
N GLU A 132 1.90 -14.22 -56.72
CA GLU A 132 3.06 -13.70 -55.99
C GLU A 132 2.84 -12.25 -55.56
N SER A 133 2.34 -11.42 -56.47
CA SER A 133 2.02 -10.03 -56.14
C SER A 133 0.98 -9.91 -55.05
N GLY A 134 0.01 -10.82 -55.00
CA GLY A 134 -1.08 -10.76 -54.06
C GLY A 134 -2.32 -10.22 -54.70
N GLU A 135 -2.26 -9.94 -56.00
CA GLU A 135 -3.35 -9.28 -56.72
C GLU A 135 -4.59 -10.17 -56.78
N LEU A 136 -4.39 -11.47 -56.99
CA LEU A 136 -5.44 -12.37 -57.45
C LEU A 136 -5.40 -13.70 -56.72
N CYS A 137 -6.53 -14.41 -56.80
CA CYS A 137 -6.62 -15.81 -56.41
C CYS A 137 -6.69 -16.63 -57.68
N SER A 138 -5.87 -17.68 -57.77
CA SER A 138 -5.82 -18.56 -58.95
C SER A 138 -5.77 -20.01 -58.50
N SER A 139 -6.15 -20.91 -59.42
CA SER A 139 -6.28 -22.32 -59.08
C SER A 139 -4.94 -22.90 -58.65
N ASP A 140 -4.94 -23.63 -57.54
CA ASP A 140 -3.72 -24.21 -56.97
C ASP A 140 -3.96 -25.68 -56.68
N SER A 141 -3.04 -26.53 -57.15
CA SER A 141 -3.21 -27.97 -56.95
C SER A 141 -3.16 -28.33 -55.47
N GLY A 142 -2.23 -27.74 -54.72
CA GLY A 142 -1.90 -28.13 -53.36
C GLY A 142 -2.89 -27.71 -52.30
N THR A 143 -3.96 -27.05 -52.70
CA THR A 143 -5.05 -26.66 -51.81
C THR A 143 -6.27 -27.58 -51.91
N SER A 144 -6.19 -28.62 -52.75
CA SER A 144 -7.37 -29.44 -53.05
C SER A 144 -7.85 -30.20 -51.82
N SER A 145 -6.92 -30.71 -51.00
CA SER A 145 -7.22 -31.31 -49.71
C SER A 145 -8.29 -30.54 -48.94
N GLY A 146 -8.15 -29.21 -48.87
CA GLY A 146 -9.00 -28.40 -48.02
C GLY A 146 -8.60 -28.38 -46.56
N LEU A 147 -7.53 -29.07 -46.19
CA LEU A 147 -6.91 -29.03 -44.88
C LEU A 147 -5.50 -28.52 -45.10
N LEU A 148 -5.31 -27.20 -44.92
CA LEU A 148 -4.10 -26.59 -45.44
C LEU A 148 -3.17 -26.25 -44.31
N PRO A 149 -1.87 -26.22 -44.55
CA PRO A 149 -0.92 -25.96 -43.47
C PRO A 149 -0.96 -24.50 -43.01
N SER A 150 -0.38 -24.29 -41.83
CA SER A 150 -0.22 -22.93 -41.29
C SER A 150 0.57 -22.04 -42.24
N ASP A 151 1.46 -22.62 -43.07
CA ASP A 151 2.21 -21.84 -44.04
C ASP A 151 1.31 -21.03 -44.94
N ARG A 152 0.02 -21.33 -45.00
CA ARG A 152 -0.91 -20.63 -45.87
C ARG A 152 -1.62 -19.46 -45.18
N VAL A 153 -1.25 -19.15 -43.94
CA VAL A 153 -1.82 -18.02 -43.21
C VAL A 153 -0.74 -16.98 -42.97
N LEU A 154 -1.02 -15.73 -43.34
CA LEU A 154 -0.06 -14.65 -43.24
C LEU A 154 -0.66 -13.51 -42.43
N TRP A 155 -0.02 -13.15 -41.32
CA TRP A 155 -0.43 -11.97 -40.56
C TRP A 155 0.65 -10.92 -40.76
N ILE A 156 0.25 -9.79 -41.36
CA ILE A 156 1.20 -8.72 -41.66
C ILE A 156 1.36 -7.85 -40.42
N GLY A 157 2.55 -7.84 -39.86
CA GLY A 157 2.88 -6.97 -38.76
C GLY A 157 3.26 -7.64 -37.45
N ASP A 158 3.90 -6.86 -36.59
CA ASP A 158 4.25 -7.22 -35.22
C ASP A 158 3.31 -6.45 -34.31
N VAL A 159 2.17 -7.07 -33.99
CA VAL A 159 1.00 -6.41 -33.40
C VAL A 159 0.56 -7.19 -32.17
N ALA A 160 0.17 -6.48 -31.10
CA ALA A 160 -0.45 -7.11 -29.93
C ALA A 160 -1.75 -6.39 -29.58
N CYS A 161 -2.79 -7.17 -29.30
CA CYS A 161 -4.11 -6.64 -28.98
C CYS A 161 -4.53 -7.13 -27.60
N GLN A 162 -5.34 -6.33 -26.92
CA GLN A 162 -5.55 -6.54 -25.50
C GLN A 162 -6.80 -5.79 -25.08
N PRO A 163 -7.39 -6.13 -23.93
CA PRO A 163 -8.44 -5.25 -23.35
C PRO A 163 -7.90 -3.84 -23.13
N MET A 164 -8.64 -2.86 -23.66
CA MET A 164 -8.23 -1.47 -23.64
C MET A 164 -8.92 -0.74 -22.50
N THR A 165 -8.30 0.37 -22.07
CA THR A 165 -8.97 1.30 -21.19
C THR A 165 -9.45 2.49 -22.00
N PRO A 166 -10.77 2.69 -22.16
CA PRO A 166 -11.26 3.76 -23.05
C PRO A 166 -10.74 5.13 -22.61
N ILE A 167 -10.56 6.01 -23.60
CA ILE A 167 -10.11 7.38 -23.36
C ILE A 167 -11.13 8.33 -23.97
N PRO A 168 -11.28 9.55 -23.46
CA PRO A 168 -12.29 10.45 -24.01
C PRO A 168 -11.91 10.97 -25.39
N GLU A 169 -12.94 11.43 -26.09
CA GLU A 169 -12.74 12.06 -27.38
C GLU A 169 -11.67 13.14 -27.30
N GLU A 170 -11.81 14.05 -26.32
CA GLU A 170 -10.90 15.18 -26.20
C GLU A 170 -9.45 14.73 -26.22
N THR A 171 -9.12 13.66 -25.48
CA THR A 171 -7.75 13.17 -25.45
C THR A 171 -7.41 12.40 -26.71
N PHE A 172 -8.39 11.87 -27.44
CA PHE A 172 -8.10 11.29 -28.74
C PHE A 172 -7.70 12.35 -29.78
N LEU A 173 -8.48 13.43 -29.86
CA LEU A 173 -8.15 14.52 -30.80
C LEU A 173 -6.76 15.09 -30.53
N GLU A 174 -6.50 15.28 -29.28
CA GLU A 174 -5.31 15.77 -28.62
C GLU A 174 -4.10 14.89 -29.03
N LEU A 175 -4.34 13.56 -29.14
CA LEU A 175 -3.40 12.56 -29.68
C LEU A 175 -3.31 12.63 -31.21
N LYS A 176 -4.46 12.71 -31.89
CA LYS A 176 -4.44 12.73 -33.35
C LYS A 176 -3.58 13.87 -33.88
N SER A 177 -3.63 15.02 -33.20
CA SER A 177 -2.85 16.20 -33.62
C SER A 177 -1.36 16.01 -33.38
N PHE A 178 -0.97 15.40 -32.26
CA PHE A 178 0.46 15.17 -32.09
C PHE A 178 1.00 14.26 -33.19
N SER A 179 0.26 13.19 -33.52
CA SER A 179 0.69 12.28 -34.57
C SER A 179 0.78 13.00 -35.91
N GLN A 180 -0.14 13.94 -36.16
CA GLN A 180 0.00 14.72 -37.38
C GLN A 180 1.27 15.56 -37.33
N SER A 181 1.63 16.06 -36.13
CA SER A 181 2.78 16.96 -36.01
C SER A 181 4.08 16.25 -36.32
N GLU A 182 4.20 14.96 -35.94
CA GLU A 182 5.44 14.20 -36.19
C GLU A 182 5.53 13.65 -37.61
N PHE A 183 4.45 13.72 -38.37
CA PHE A 183 4.41 13.24 -39.75
C PHE A 183 3.81 14.33 -40.64
N PRO A 184 4.56 15.39 -40.92
CA PRO A 184 3.96 16.52 -41.66
C PRO A 184 3.94 16.37 -43.17
N ASP A 185 4.80 15.55 -43.76
CA ASP A 185 4.79 15.38 -45.19
C ASP A 185 3.93 14.18 -45.64
N ILE A 186 3.03 13.71 -44.79
CA ILE A 186 2.06 12.68 -45.13
C ILE A 186 0.74 13.36 -45.48
N CYS A 187 0.05 12.81 -46.48
CA CYS A 187 -1.23 13.35 -46.91
C CYS A 187 -2.38 12.41 -46.59
N LYS A 188 -2.27 11.15 -46.98
CA LYS A 188 -3.28 10.17 -46.61
C LYS A 188 -2.57 8.85 -46.31
N ILE A 189 -3.23 8.03 -45.48
CA ILE A 189 -2.79 6.68 -45.14
C ILE A 189 -3.92 5.73 -45.43
N ASP A 190 -3.64 4.69 -46.23
CA ASP A 190 -4.62 3.65 -46.49
C ASP A 190 -5.96 4.22 -46.95
N GLY A 191 -5.95 5.32 -47.69
CA GLY A 191 -7.15 5.87 -48.27
C GLY A 191 -7.81 6.96 -47.47
N ILE A 192 -7.31 7.25 -46.28
CA ILE A 192 -7.96 8.19 -45.36
C ILE A 192 -7.06 9.42 -45.19
N VAL A 193 -7.69 10.59 -45.15
CA VAL A 193 -6.93 11.84 -45.10
C VAL A 193 -6.27 12.00 -43.74
N PHE A 194 -4.96 12.22 -43.77
CA PHE A 194 -4.14 12.41 -42.58
C PHE A 194 -3.83 13.88 -42.34
N ASN A 195 -3.36 14.57 -43.38
CA ASN A 195 -3.07 15.99 -43.37
C ASN A 195 -3.62 16.59 -44.64
N GLN A 196 -4.00 17.85 -44.58
CA GLN A 196 -4.40 18.53 -45.81
C GLN A 196 -3.16 18.81 -46.68
N CYS A 197 -3.28 18.56 -47.99
CA CYS A 197 -2.19 18.75 -48.94
C CYS A 197 -2.68 19.46 -50.21
N GLU A 198 -1.81 20.28 -50.86
CA GLU A 198 -1.72 20.24 -52.33
C GLU A 198 -1.15 19.11 -53.13
N GLY A 199 0.12 18.99 -53.11
CA GLY A 199 0.65 18.11 -54.08
C GLY A 199 0.70 16.81 -53.35
N GLU A 200 -0.06 15.81 -53.77
CA GLU A 200 0.04 14.54 -53.09
C GLU A 200 0.46 13.49 -54.11
N SER A 201 1.43 12.69 -53.70
CA SER A 201 2.04 11.66 -54.55
C SER A 201 1.11 10.45 -54.64
N LEU A 202 1.63 9.38 -55.27
CA LEU A 202 1.01 8.07 -55.35
C LEU A 202 1.31 7.27 -54.06
N PRO A 203 0.45 6.32 -53.71
CA PRO A 203 0.67 5.56 -52.47
C PRO A 203 1.87 4.64 -52.57
N GLN A 204 2.54 4.46 -51.42
CA GLN A 204 3.75 3.66 -51.37
C GLN A 204 3.88 3.04 -49.98
N PRO A 205 4.75 2.02 -49.81
CA PRO A 205 4.85 1.36 -48.50
C PRO A 205 5.36 2.31 -47.43
N PHE A 206 4.82 2.12 -46.23
CA PHE A 206 4.98 3.01 -45.08
C PHE A 206 5.00 2.14 -43.83
N ASP A 207 6.17 1.87 -43.28
CA ASP A 207 6.31 1.08 -42.06
C ASP A 207 6.28 2.00 -40.86
N VAL A 208 5.35 1.79 -39.93
CA VAL A 208 5.17 2.74 -38.84
C VAL A 208 4.68 2.03 -37.59
N ALA A 209 4.98 2.64 -36.45
CA ALA A 209 4.46 2.25 -35.15
C ALA A 209 3.14 2.98 -34.92
N TRP A 210 2.19 2.30 -34.30
CA TRP A 210 0.86 2.86 -34.17
C TRP A 210 0.18 2.19 -32.99
N MET A 211 -0.91 2.80 -32.54
CA MET A 211 -1.76 2.14 -31.56
C MET A 211 -3.22 2.36 -31.91
N ASP A 212 -4.05 1.41 -31.51
CA ASP A 212 -5.49 1.52 -31.63
C ASP A 212 -6.06 1.89 -30.26
N VAL A 213 -6.62 3.08 -30.16
CA VAL A 213 -7.17 3.57 -28.90
C VAL A 213 -8.70 3.51 -28.90
N GLY A 214 -9.28 2.68 -29.76
CA GLY A 214 -10.72 2.50 -29.79
C GLY A 214 -11.46 3.65 -30.44
N HIS A 215 -10.93 4.20 -31.53
CA HIS A 215 -11.53 5.38 -32.15
C HIS A 215 -11.51 5.23 -33.67
N SER A 216 -11.86 6.33 -34.36
CA SER A 216 -12.13 6.29 -35.79
C SER A 216 -10.92 5.92 -36.62
N HIS A 217 -9.72 6.03 -36.07
CA HIS A 217 -8.55 5.53 -36.76
C HIS A 217 -7.43 5.32 -35.74
N LYS A 218 -6.33 4.76 -36.23
CA LYS A 218 -5.21 4.48 -35.37
C LYS A 218 -4.42 5.76 -35.10
N ILE A 219 -3.59 5.71 -34.08
CA ILE A 219 -2.66 6.78 -33.79
C ILE A 219 -1.29 6.27 -34.16
N ILE A 220 -0.75 6.75 -35.28
CA ILE A 220 0.60 6.40 -35.67
C ILE A 220 1.59 7.31 -34.94
N MET A 221 2.75 6.76 -34.64
CA MET A 221 3.66 7.38 -33.69
C MET A 221 5.09 7.26 -34.17
N ARG A 222 5.89 8.29 -33.88
CA ARG A 222 7.33 8.20 -34.11
C ARG A 222 8.10 8.06 -32.81
N GLU A 223 8.03 9.04 -31.93
CA GLU A 223 8.77 9.06 -30.67
C GLU A 223 7.78 8.83 -29.53
N HIS A 224 7.73 7.59 -29.05
CA HIS A 224 6.82 7.14 -28.00
C HIS A 224 7.57 6.23 -27.05
N LYS A 225 6.91 5.85 -25.95
CA LYS A 225 7.49 4.90 -24.99
C LYS A 225 6.43 3.91 -24.49
N THR A 226 6.87 2.68 -24.22
CA THR A 226 5.97 1.60 -23.82
C THR A 226 6.44 0.97 -22.51
N LYS A 227 5.50 0.64 -21.62
CA LYS A 227 5.78 -0.21 -20.47
C LYS A 227 4.74 -1.32 -20.41
N TRP A 228 5.13 -2.43 -19.78
CA TRP A 228 4.28 -3.61 -19.67
C TRP A 228 3.99 -3.93 -18.21
N VAL A 229 2.70 -4.12 -17.91
CA VAL A 229 2.22 -4.31 -16.55
C VAL A 229 1.57 -5.68 -16.46
N GLN A 230 2.18 -6.57 -15.68
CA GLN A 230 1.65 -7.92 -15.49
C GLN A 230 0.40 -7.79 -14.63
N GLU A 231 -0.76 -7.92 -15.26
CA GLU A 231 -2.03 -7.64 -14.60
C GLU A 231 -2.69 -8.84 -13.93
N SER A 232 -2.30 -10.06 -14.33
CA SER A 232 -2.64 -11.28 -13.60
C SER A 232 -4.11 -11.26 -13.17
N SER A 233 -4.98 -10.73 -14.04
CA SER A 233 -6.42 -10.73 -13.86
C SER A 233 -6.99 -12.02 -14.47
N SER A 234 -8.30 -12.09 -14.66
CA SER A 234 -8.93 -13.35 -15.02
C SER A 234 -8.64 -13.79 -16.45
N LYS A 235 -8.38 -12.85 -17.36
CA LYS A 235 -7.96 -13.20 -18.71
C LYS A 235 -6.54 -13.77 -18.76
N ASP A 236 -5.77 -13.61 -17.69
CA ASP A 236 -4.37 -13.98 -17.71
C ASP A 236 -4.15 -15.45 -17.38
N PHE A 237 -5.24 -16.19 -17.16
CA PHE A 237 -5.20 -17.61 -16.83
C PHE A 237 -6.07 -18.39 -17.80
N VAL A 238 -5.62 -19.59 -18.15
CA VAL A 238 -6.42 -20.50 -18.96
C VAL A 238 -6.58 -21.78 -18.16
N CYS A 239 -7.75 -22.37 -18.24
CA CYS A 239 -8.09 -23.55 -17.45
C CYS A 239 -8.20 -24.76 -18.36
N TYR A 240 -7.67 -25.87 -17.89
CA TYR A 240 -7.49 -27.00 -18.77
C TYR A 240 -7.41 -28.29 -17.96
N LYS A 241 -7.69 -29.38 -18.66
CA LYS A 241 -7.76 -30.72 -18.13
C LYS A 241 -6.62 -31.44 -18.82
N GLU A 242 -5.62 -31.90 -18.07
CA GLU A 242 -4.38 -32.36 -18.70
C GLU A 242 -4.63 -33.66 -19.46
N GLY A 243 -4.40 -33.61 -20.79
CA GLY A 243 -4.60 -34.75 -21.65
C GLY A 243 -5.90 -34.73 -22.44
N THR A 244 -6.88 -33.93 -22.01
CA THR A 244 -8.16 -33.85 -22.69
C THR A 244 -8.55 -32.40 -23.03
N GLY A 245 -7.59 -31.48 -22.95
CA GLY A 245 -7.78 -30.13 -23.43
C GLY A 245 -8.45 -29.18 -22.46
N PRO A 246 -8.95 -28.06 -22.99
CA PRO A 246 -9.47 -27.02 -22.11
C PRO A 246 -10.63 -27.53 -21.27
N CYS A 247 -10.98 -26.73 -20.28
CA CYS A 247 -12.19 -27.02 -19.53
C CYS A 247 -13.38 -26.27 -20.13
N SER A 248 -14.57 -26.66 -19.68
CA SER A 248 -15.81 -26.06 -20.14
C SER A 248 -16.00 -24.68 -19.52
N GLU A 249 -16.93 -23.94 -20.11
CA GLU A 249 -17.34 -22.68 -19.50
C GLU A 249 -17.69 -22.90 -18.04
N SER A 250 -18.50 -23.91 -17.76
CA SER A 250 -18.78 -24.30 -16.39
C SER A 250 -17.48 -24.56 -15.67
N GLU A 251 -16.75 -25.60 -16.10
CA GLU A 251 -15.57 -26.06 -15.36
C GLU A 251 -14.59 -24.93 -15.11
N GLU A 252 -14.44 -24.01 -16.07
CA GLU A 252 -13.56 -22.87 -15.87
C GLU A 252 -14.14 -21.87 -14.89
N LYS A 253 -15.40 -21.46 -15.10
CA LYS A 253 -15.97 -20.43 -14.25
C LYS A 253 -16.04 -20.89 -12.81
N THR A 254 -16.32 -22.17 -12.58
CA THR A 254 -16.27 -22.64 -11.20
C THR A 254 -14.87 -22.47 -10.63
N CYS A 255 -13.83 -22.69 -11.45
CA CYS A 255 -12.45 -22.64 -10.95
C CYS A 255 -11.92 -21.23 -10.74
N LYS A 256 -12.47 -20.24 -11.43
CA LYS A 256 -12.12 -18.86 -11.16
C LYS A 256 -13.03 -18.25 -10.08
N THR A 257 -13.86 -19.07 -9.44
CA THR A 257 -14.78 -18.55 -8.45
C THR A 257 -14.77 -19.35 -7.15
N SER A 258 -14.52 -20.65 -7.24
CA SER A 258 -14.66 -21.49 -6.07
C SER A 258 -13.44 -21.48 -5.17
N GLY A 259 -12.25 -21.22 -5.71
CA GLY A 259 -11.03 -21.38 -4.95
C GLY A 259 -10.64 -22.82 -4.68
N SER A 260 -11.29 -23.77 -5.35
CA SER A 260 -11.22 -25.19 -5.03
C SER A 260 -10.29 -25.98 -5.93
N CYS A 261 -10.06 -25.53 -7.16
CA CYS A 261 -9.33 -26.34 -8.12
C CYS A 261 -7.84 -26.06 -8.08
N ARG A 262 -7.12 -26.65 -9.02
CA ARG A 262 -5.68 -26.63 -9.08
C ARG A 262 -5.20 -25.43 -9.89
N GLY A 263 -3.97 -25.04 -9.64
CA GLY A 263 -3.39 -23.93 -10.36
C GLY A 263 -1.92 -23.85 -10.07
N ASP A 264 -1.29 -22.91 -10.74
CA ASP A 264 0.12 -22.65 -10.51
C ASP A 264 0.27 -21.63 -9.39
N MET A 265 1.51 -21.28 -9.09
CA MET A 265 1.79 -20.39 -7.98
C MET A 265 0.97 -19.12 -8.06
N GLN A 266 0.86 -18.53 -9.24
CA GLN A 266 0.12 -17.28 -9.33
C GLN A 266 -1.37 -17.50 -9.25
N PHE A 267 -1.88 -18.63 -9.74
CA PHE A 267 -3.32 -18.87 -9.68
C PHE A 267 -3.81 -19.01 -8.23
N CYS A 268 -3.07 -19.77 -7.40
CA CYS A 268 -3.44 -19.88 -5.99
C CYS A 268 -3.37 -18.52 -5.29
N LYS A 269 -2.38 -17.71 -5.65
CA LYS A 269 -2.12 -16.48 -4.93
C LYS A 269 -3.23 -15.48 -5.11
N VAL A 270 -3.89 -15.48 -6.26
CA VAL A 270 -4.90 -14.49 -6.54
C VAL A 270 -6.31 -15.06 -6.50
N ALA A 271 -6.49 -16.37 -6.72
CA ALA A 271 -7.83 -16.93 -6.87
C ALA A 271 -8.15 -18.06 -5.90
N GLY A 272 -7.16 -18.83 -5.45
CA GLY A 272 -7.49 -19.90 -4.56
C GLY A 272 -7.15 -21.30 -5.02
N CYS A 273 -6.31 -21.97 -4.26
CA CYS A 273 -5.83 -23.30 -4.57
C CYS A 273 -6.40 -24.32 -3.61
N GLU A 274 -6.47 -25.56 -4.09
CA GLU A 274 -6.55 -26.72 -3.21
C GLU A 274 -5.99 -27.91 -4.00
N HIS A 275 -4.89 -28.48 -3.51
CA HIS A 275 -4.30 -29.68 -4.11
C HIS A 275 -4.37 -30.87 -3.16
N ALA A 282 -8.54 -36.10 -11.61
CA ALA A 282 -8.51 -34.95 -10.70
C ALA A 282 -9.51 -33.87 -11.15
N LYS A 283 -9.09 -32.61 -11.07
CA LYS A 283 -9.92 -31.46 -11.43
C LYS A 283 -9.18 -30.59 -12.46
N CYS A 284 -9.86 -29.56 -12.95
CA CYS A 284 -9.22 -28.62 -13.87
C CYS A 284 -8.06 -27.90 -13.21
N ARG A 285 -7.11 -27.46 -14.02
CA ARG A 285 -6.00 -26.62 -13.57
C ARG A 285 -5.96 -25.34 -14.40
N CYS A 286 -5.62 -24.21 -13.78
CA CYS A 286 -5.49 -22.95 -14.49
C CYS A 286 -4.10 -22.36 -14.30
N SER A 287 -3.56 -21.77 -15.36
CA SER A 287 -2.21 -21.23 -15.34
C SER A 287 -2.12 -19.93 -16.13
N LEU A 288 -1.07 -19.19 -15.82
CA LEU A 288 -0.81 -17.92 -16.49
C LEU A 288 -0.44 -18.15 -17.94
N VAL A 289 -0.96 -17.30 -18.81
CA VAL A 289 -0.57 -17.29 -20.22
C VAL A 289 0.79 -16.60 -20.34
N HIS A 290 1.66 -17.15 -21.20
CA HIS A 290 3.01 -16.60 -21.35
C HIS A 290 2.92 -15.34 -22.21
N LYS A 291 3.10 -14.17 -21.57
CA LYS A 291 3.13 -12.86 -22.22
C LYS A 291 3.77 -11.85 -21.28
N PRO A 292 4.37 -10.78 -21.79
CA PRO A 292 4.96 -9.75 -20.93
C PRO A 292 3.97 -8.79 -20.30
N GLY A 293 2.65 -8.91 -20.57
CA GLY A 293 1.65 -8.19 -19.81
C GLY A 293 0.71 -7.37 -20.68
N GLU A 294 0.10 -6.37 -20.08
CA GLU A 294 -0.69 -5.38 -20.80
C GLU A 294 0.24 -4.23 -21.14
N VAL A 295 0.23 -3.79 -22.39
CA VAL A 295 1.09 -2.68 -22.81
C VAL A 295 0.42 -1.33 -22.52
N VAL A 296 1.21 -0.38 -22.01
CA VAL A 296 0.78 1.00 -21.77
C VAL A 296 1.70 1.92 -22.55
N VAL A 297 1.14 2.91 -23.24
CA VAL A 297 1.90 3.73 -24.18
C VAL A 297 1.93 5.17 -23.67
N SER A 298 3.12 5.79 -23.80
CA SER A 298 3.37 7.19 -23.50
C SER A 298 3.66 7.90 -24.82
N TYR A 299 2.73 8.73 -25.27
CA TYR A 299 2.94 9.46 -26.51
C TYR A 299 2.43 10.88 -26.35
N GLY A 300 3.27 11.85 -26.71
CA GLY A 300 2.86 13.25 -26.73
C GLY A 300 2.28 13.77 -25.44
N GLY A 301 2.78 13.28 -24.30
CA GLY A 301 2.37 13.73 -22.98
C GLY A 301 1.17 13.04 -22.36
N MET A 302 0.65 11.98 -22.99
CA MET A 302 -0.43 11.19 -22.44
C MET A 302 0.02 9.74 -22.25
N ARG A 303 -0.61 9.08 -21.28
CA ARG A 303 -0.36 7.68 -20.97
C ARG A 303 -1.66 6.93 -21.19
N VAL A 304 -1.68 6.04 -22.18
CA VAL A 304 -2.87 5.30 -22.58
C VAL A 304 -2.58 3.81 -22.64
N ARG A 305 -3.62 3.00 -22.41
CA ARG A 305 -3.59 1.54 -22.57
C ARG A 305 -4.38 1.21 -23.82
N PRO A 306 -3.73 1.04 -24.97
CA PRO A 306 -4.47 0.92 -26.22
C PRO A 306 -5.12 -0.44 -26.35
N LYS A 307 -5.99 -0.56 -27.36
CA LYS A 307 -6.61 -1.82 -27.71
C LYS A 307 -5.65 -2.71 -28.49
N CYS A 308 -4.93 -2.14 -29.45
CA CYS A 308 -3.84 -2.82 -30.16
C CYS A 308 -2.67 -1.86 -30.28
N TYR A 309 -1.48 -2.43 -30.30
CA TYR A 309 -0.25 -1.69 -30.47
C TYR A 309 0.69 -2.52 -31.31
N GLY A 310 1.38 -1.90 -32.26
CA GLY A 310 2.36 -2.63 -33.02
C GLY A 310 3.06 -1.80 -34.08
N PHE A 311 3.86 -2.49 -34.90
CA PHE A 311 4.62 -1.88 -35.99
C PHE A 311 4.27 -2.62 -37.28
N SER A 312 3.57 -1.94 -38.19
CA SER A 312 2.98 -2.58 -39.36
C SER A 312 3.27 -1.76 -40.61
N ARG A 313 3.01 -2.32 -41.79
CA ARG A 313 3.16 -1.58 -43.04
C ARG A 313 1.80 -1.21 -43.60
N MET A 314 1.62 0.04 -43.97
CA MET A 314 0.41 0.55 -44.60
C MET A 314 0.80 1.30 -45.86
N MET A 315 -0.19 1.89 -46.51
CA MET A 315 0.02 2.70 -47.70
C MET A 315 -0.22 4.16 -47.37
N ALA A 316 0.71 5.02 -47.74
CA ALA A 316 0.55 6.46 -47.51
C ALA A 316 1.08 7.25 -48.69
N THR A 317 0.47 8.42 -48.89
CA THR A 317 0.87 9.36 -49.94
C THR A 317 1.58 10.55 -49.31
N LEU A 318 2.56 11.07 -50.03
CA LEU A 318 3.41 12.15 -49.55
C LEU A 318 3.04 13.46 -50.23
N GLU A 319 3.56 14.56 -49.67
CA GLU A 319 3.28 15.90 -50.17
C GLU A 319 4.14 16.18 -51.41
N VAL A 320 3.61 17.04 -52.29
CA VAL A 320 4.26 17.43 -53.53
C VAL A 320 4.00 18.90 -53.88
N VAL B 2 28.88 11.96 2.34
CA VAL B 2 27.87 10.91 2.24
C VAL B 2 28.14 10.05 1.03
N GLN B 3 28.30 8.73 1.24
CA GLN B 3 28.69 7.86 0.13
C GLN B 3 27.89 6.58 0.14
N LEU B 4 27.27 6.29 -1.00
CA LEU B 4 26.62 5.03 -1.28
C LEU B 4 27.46 4.29 -2.31
N VAL B 5 27.95 3.11 -1.96
CA VAL B 5 28.83 2.32 -2.83
C VAL B 5 28.17 0.97 -3.10
N GLN B 6 27.90 0.69 -4.38
CA GLN B 6 27.16 -0.51 -4.75
C GLN B 6 28.11 -1.63 -5.16
N SER B 7 27.61 -2.86 -5.04
CA SER B 7 28.28 -4.04 -5.56
C SER B 7 28.45 -3.96 -7.09
N GLY B 8 29.25 -4.88 -7.63
CA GLY B 8 29.63 -4.85 -9.01
C GLY B 8 28.63 -5.51 -9.95
N ALA B 9 29.01 -5.57 -11.22
CA ALA B 9 28.12 -5.96 -12.30
C ALA B 9 27.79 -7.45 -12.23
N GLU B 10 26.65 -7.79 -12.81
CA GLU B 10 26.13 -9.15 -12.75
C GLU B 10 25.62 -9.61 -14.09
N VAL B 11 25.98 -10.85 -14.45
CA VAL B 11 25.40 -11.55 -15.60
C VAL B 11 24.74 -12.82 -15.09
N LYS B 12 23.41 -12.93 -15.27
CA LYS B 12 22.64 -14.03 -14.70
C LYS B 12 21.66 -14.58 -15.72
N LYS B 13 21.23 -15.83 -15.51
CA LYS B 13 20.27 -16.55 -16.35
C LYS B 13 18.85 -16.32 -15.86
N PRO B 14 17.89 -16.21 -16.75
CA PRO B 14 16.49 -16.10 -16.31
C PRO B 14 16.11 -17.29 -15.44
N GLY B 15 15.32 -17.01 -14.40
CA GLY B 15 14.95 -18.02 -13.44
C GLY B 15 15.83 -18.07 -12.23
N GLU B 16 16.68 -17.08 -12.03
CA GLU B 16 17.68 -17.17 -11.00
C GLU B 16 17.51 -16.09 -9.93
N SER B 17 18.29 -16.28 -8.87
CA SER B 17 18.25 -15.42 -7.71
C SER B 17 19.48 -14.52 -7.68
N LEU B 18 19.28 -13.29 -7.21
CA LEU B 18 20.35 -12.33 -7.12
C LEU B 18 20.08 -11.43 -5.93
N THR B 19 21.16 -11.02 -5.28
CA THR B 19 21.09 -10.02 -4.22
C THR B 19 22.15 -9.00 -4.53
N ILE B 20 21.75 -7.73 -4.66
CA ILE B 20 22.79 -6.73 -4.85
C ILE B 20 22.68 -5.70 -3.75
N SER B 21 23.83 -5.19 -3.34
CA SER B 21 23.99 -4.50 -2.08
C SER B 21 24.43 -3.07 -2.29
N CYS B 22 24.14 -2.24 -1.31
CA CYS B 22 24.53 -0.84 -1.31
C CYS B 22 25.09 -0.51 0.07
N GLU B 23 26.39 -0.22 0.12
CA GLU B 23 27.09 0.06 1.37
C GLU B 23 27.15 1.57 1.63
N THR B 24 26.78 1.97 2.84
CA THR B 24 26.55 3.35 3.20
C THR B 24 27.59 3.80 4.21
N SER B 25 27.93 5.09 4.16
CA SER B 25 28.95 5.59 5.08
C SER B 25 28.89 7.10 5.14
N ARG B 26 29.50 7.64 6.20
CA ARG B 26 29.62 9.07 6.46
C ARG B 26 28.31 9.73 6.88
N TYR B 27 27.32 8.96 7.37
CA TYR B 27 26.10 9.49 7.99
C TYR B 27 25.46 8.36 8.78
N ASN B 28 24.69 8.70 9.82
CA ASN B 28 24.03 7.69 10.65
C ASN B 28 22.95 7.01 9.81
N PHE B 29 23.12 5.70 9.57
CA PHE B 29 22.27 4.94 8.66
C PHE B 29 20.86 4.70 9.21
N THR B 30 20.59 5.00 10.48
CA THR B 30 19.36 4.49 11.05
C THR B 30 18.17 5.41 10.87
N TYR B 31 18.37 6.69 10.56
CA TYR B 31 17.22 7.58 10.47
C TYR B 31 17.16 8.33 9.14
N HIS B 32 17.62 7.72 8.08
CA HIS B 32 17.43 8.24 6.74
C HIS B 32 16.84 7.13 5.90
N TRP B 33 15.91 7.50 5.04
CA TRP B 33 15.31 6.55 4.13
C TRP B 33 16.28 6.24 3.00
N VAL B 34 16.44 4.95 2.69
CA VAL B 34 17.18 4.52 1.51
C VAL B 34 16.23 3.68 0.67
N GLY B 35 16.52 3.55 -0.61
CA GLY B 35 15.65 2.85 -1.53
C GLY B 35 16.34 2.51 -2.84
N TRP B 36 15.63 1.85 -3.72
CA TRP B 36 16.26 1.38 -4.93
C TRP B 36 15.45 1.84 -6.12
N VAL B 37 16.15 2.24 -7.19
CA VAL B 37 15.56 2.78 -8.41
C VAL B 37 16.16 2.02 -9.59
N ARG B 38 15.34 1.67 -10.59
CA ARG B 38 15.86 0.94 -11.74
C ARG B 38 15.71 1.78 -13.00
N GLN B 39 16.74 1.69 -13.86
CA GLN B 39 16.73 2.32 -15.17
C GLN B 39 16.82 1.22 -16.22
N MET B 40 15.70 0.90 -16.85
CA MET B 40 15.74 -0.09 -17.90
C MET B 40 16.39 0.49 -19.14
N PRO B 41 17.14 -0.35 -19.92
CA PRO B 41 17.86 0.15 -21.09
C PRO B 41 17.12 1.16 -21.95
N GLY B 42 17.72 2.34 -22.05
CA GLY B 42 17.15 3.42 -22.83
C GLY B 42 15.87 4.02 -22.28
N GLU B 43 15.46 3.69 -21.07
CA GLU B 43 14.27 4.27 -20.48
C GLU B 43 14.67 5.23 -19.36
N GLY B 44 13.67 5.91 -18.78
CA GLY B 44 13.86 6.73 -17.61
C GLY B 44 13.87 5.95 -16.29
N LEU B 45 13.61 6.67 -15.21
CA LEU B 45 13.82 6.18 -13.85
C LEU B 45 12.53 5.62 -13.24
N GLU B 46 12.61 4.45 -12.62
CA GLU B 46 11.50 3.87 -11.88
C GLU B 46 11.91 3.57 -10.44
N TRP B 47 11.13 4.06 -9.48
CA TRP B 47 11.44 3.62 -8.13
C TRP B 47 10.79 2.27 -7.84
N MET B 48 11.53 1.41 -7.12
CA MET B 48 11.15 0.06 -6.76
C MET B 48 10.58 -0.01 -5.35
N GLY B 49 11.28 0.53 -4.37
CA GLY B 49 10.84 0.52 -3.00
C GLY B 49 11.84 1.10 -2.03
N ILE B 50 11.36 1.69 -0.93
CA ILE B 50 12.26 2.35 0.02
C ILE B 50 12.07 1.69 1.37
N ILE B 51 13.03 1.93 2.24
CA ILE B 51 13.06 1.30 3.55
C ILE B 51 13.61 2.31 4.55
N TYR B 52 13.06 2.30 5.76
CA TYR B 52 13.60 3.12 6.85
C TYR B 52 14.34 2.19 7.79
N PRO B 53 15.67 2.21 7.83
CA PRO B 53 16.39 1.22 8.64
C PRO B 53 16.09 1.33 10.13
N GLY B 54 15.52 2.45 10.60
CA GLY B 54 15.22 2.63 12.00
C GLY B 54 14.21 1.62 12.54
N ASP B 55 12.97 1.68 12.04
CA ASP B 55 11.93 0.77 12.47
C ASP B 55 11.72 -0.38 11.50
N SER B 56 12.49 -0.46 10.41
CA SER B 56 12.37 -1.45 9.34
C SER B 56 11.12 -1.29 8.49
N ASP B 57 10.49 -0.14 8.52
CA ASP B 57 9.36 0.14 7.66
C ASP B 57 9.80 0.09 6.19
N THR B 58 9.41 -0.98 5.48
CA THR B 58 9.74 -1.21 4.08
C THR B 58 8.50 -0.99 3.22
N ARG B 59 8.61 -0.18 2.18
CA ARG B 59 7.47 0.04 1.29
C ARG B 59 7.85 -0.01 -0.19
N TYR B 60 7.09 -0.77 -0.97
CA TYR B 60 7.41 -1.00 -2.37
C TYR B 60 6.42 -0.31 -3.29
N SER B 61 6.93 0.08 -4.45
CA SER B 61 6.04 0.48 -5.55
C SER B 61 5.11 -0.69 -5.91
N PRO B 62 3.81 -0.42 -6.13
CA PRO B 62 2.88 -1.52 -6.47
C PRO B 62 3.35 -2.39 -7.63
N SER B 63 3.99 -1.80 -8.65
CA SER B 63 4.50 -2.55 -9.78
C SER B 63 5.53 -3.59 -9.39
N PHE B 64 6.31 -3.33 -8.32
CA PHE B 64 7.36 -4.24 -7.88
C PHE B 64 6.97 -5.11 -6.70
N GLN B 65 5.80 -4.87 -6.12
CA GLN B 65 5.34 -5.66 -4.99
C GLN B 65 5.35 -7.16 -5.33
N GLY B 66 5.90 -7.97 -4.42
CA GLY B 66 5.95 -9.38 -4.65
C GLY B 66 7.04 -9.84 -5.56
N GLN B 67 7.71 -8.93 -6.24
CA GLN B 67 8.76 -9.32 -7.17
C GLN B 67 10.15 -9.31 -6.55
N ILE B 68 10.33 -8.64 -5.41
CA ILE B 68 11.67 -8.29 -4.90
C ILE B 68 11.63 -8.16 -3.38
N THR B 69 12.82 -8.16 -2.77
CA THR B 69 12.94 -7.88 -1.34
C THR B 69 14.04 -6.84 -1.08
N ILE B 70 13.65 -5.69 -0.54
CA ILE B 70 14.59 -4.69 -0.05
C ILE B 70 14.74 -4.89 1.44
N SER B 71 15.97 -4.89 1.93
CA SER B 71 16.20 -5.04 3.36
C SER B 71 17.45 -4.25 3.75
N ALA B 72 17.66 -4.13 5.06
CA ALA B 72 18.71 -3.29 5.61
C ALA B 72 19.41 -4.02 6.75
N ASP B 73 20.62 -3.57 7.06
CA ASP B 73 21.41 -4.15 8.16
C ASP B 73 22.17 -3.00 8.82
N LYS B 74 21.66 -2.54 9.98
CA LYS B 74 22.19 -1.31 10.57
C LYS B 74 23.63 -1.45 11.02
N SER B 75 24.02 -2.65 11.42
CA SER B 75 25.40 -2.87 11.84
C SER B 75 26.36 -2.53 10.72
N LEU B 76 25.99 -2.88 9.48
CA LEU B 76 26.85 -2.65 8.33
C LEU B 76 26.42 -1.46 7.49
N SER B 77 25.36 -0.74 7.90
CA SER B 77 24.83 0.37 7.12
C SER B 77 24.76 0.02 5.64
N THR B 78 23.93 -0.97 5.29
CA THR B 78 23.89 -1.52 3.95
C THR B 78 22.45 -1.93 3.64
N THR B 79 21.99 -1.59 2.44
CA THR B 79 20.71 -2.04 1.90
C THR B 79 20.94 -3.23 0.98
N TYR B 80 19.90 -4.03 0.80
CA TYR B 80 19.98 -5.15 -0.11
C TYR B 80 18.77 -5.15 -1.02
N LEU B 81 19.01 -5.45 -2.30
CA LEU B 81 17.95 -5.69 -3.26
C LEU B 81 18.09 -7.13 -3.71
N HIS B 82 16.97 -7.86 -3.74
CA HIS B 82 16.97 -9.29 -3.96
C HIS B 82 15.78 -9.72 -4.79
N TRP B 83 16.02 -10.48 -5.85
CA TRP B 83 15.00 -11.20 -6.59
C TRP B 83 15.19 -12.68 -6.30
N ARG B 84 14.10 -13.41 -6.14
CA ARG B 84 14.29 -14.84 -6.08
C ARG B 84 14.23 -15.49 -7.44
N ARG B 85 13.61 -14.83 -8.43
CA ARG B 85 13.57 -15.35 -9.79
C ARG B 85 13.60 -14.19 -10.79
N LEU B 86 14.75 -13.99 -11.43
CA LEU B 86 14.90 -12.94 -12.45
C LEU B 86 14.23 -13.35 -13.76
N LYS B 87 13.72 -12.36 -14.47
CA LYS B 87 13.32 -12.49 -15.86
C LYS B 87 14.28 -11.69 -16.74
N ALA B 88 14.25 -11.92 -18.06
CA ALA B 88 15.14 -11.16 -18.96
C ALA B 88 14.77 -9.70 -19.02
N SER B 89 13.53 -9.35 -18.72
CA SER B 89 13.22 -7.94 -18.53
C SER B 89 13.82 -7.37 -17.26
N ASP B 90 14.60 -8.11 -16.48
CA ASP B 90 15.25 -7.50 -15.32
C ASP B 90 16.56 -6.82 -15.71
N THR B 91 16.96 -6.97 -16.97
CA THR B 91 18.15 -6.34 -17.49
C THR B 91 17.96 -4.83 -17.41
N ALA B 92 18.83 -4.17 -16.63
CA ALA B 92 18.68 -2.77 -16.26
C ALA B 92 19.94 -2.30 -15.54
N ILE B 93 20.00 -1.01 -15.25
CA ILE B 93 20.91 -0.48 -14.24
C ILE B 93 20.10 -0.25 -12.98
N TYR B 94 20.66 -0.61 -11.82
CA TYR B 94 19.99 -0.42 -10.54
C TYR B 94 20.80 0.50 -9.63
N TYR B 95 20.13 1.53 -9.08
CA TYR B 95 20.71 2.50 -8.14
C TYR B 95 20.09 2.36 -6.75
N CYS B 96 20.91 2.37 -5.73
CA CYS B 96 20.39 2.75 -4.41
C CYS B 96 20.48 4.27 -4.31
N ALA B 97 19.66 4.84 -3.44
CA ALA B 97 19.74 6.27 -3.20
C ALA B 97 19.23 6.57 -1.80
N ARG B 98 19.65 7.72 -1.28
CA ARG B 98 19.11 8.22 -0.02
C ARG B 98 17.97 9.18 -0.31
N LEU B 99 16.85 8.96 0.36
CA LEU B 99 15.65 9.78 0.22
C LEU B 99 15.58 10.79 1.34
N LYS B 100 14.79 11.83 1.09
CA LYS B 100 14.35 12.80 2.07
C LYS B 100 12.84 12.81 2.04
N PRO B 101 12.18 12.80 3.20
CA PRO B 101 10.72 12.81 3.21
C PRO B 101 10.12 14.21 3.12
N ALA B 102 8.83 14.23 2.79
CA ALA B 102 8.02 15.44 2.65
C ALA B 102 6.68 15.26 3.39
N TRP B 103 6.77 14.85 4.66
CA TRP B 103 5.66 14.71 5.61
C TRP B 103 4.59 13.73 5.18
N GLY B 104 3.41 14.23 4.80
CA GLY B 104 2.39 13.29 4.35
C GLY B 104 2.58 12.81 2.95
N ARG B 105 3.48 13.47 2.22
CA ARG B 105 3.64 13.37 0.79
C ARG B 105 4.70 12.30 0.47
N GLY B 106 5.27 12.32 -0.74
CA GLY B 106 6.35 11.41 -1.06
C GLY B 106 7.75 11.87 -0.68
N TYR B 107 8.71 11.69 -1.58
CA TYR B 107 10.11 11.87 -1.22
C TYR B 107 10.87 12.43 -2.42
N TYR B 108 12.06 12.98 -2.17
CA TYR B 108 13.07 13.18 -3.20
C TYR B 108 14.37 12.44 -2.83
N PHE B 109 15.30 12.40 -3.80
CA PHE B 109 16.50 11.57 -3.73
C PHE B 109 17.72 12.48 -3.63
N ASP B 110 18.31 12.59 -2.44
CA ASP B 110 19.35 13.58 -2.28
C ASP B 110 20.76 13.01 -2.45
N TYR B 111 20.92 11.70 -2.60
CA TYR B 111 22.23 11.08 -2.84
C TYR B 111 22.05 9.74 -3.54
N TRP B 112 22.88 9.48 -4.57
CA TRP B 112 22.75 8.30 -5.42
C TRP B 112 24.01 7.43 -5.42
N GLY B 113 23.86 6.12 -5.32
CA GLY B 113 24.97 5.22 -5.55
C GLY B 113 25.37 5.20 -7.01
N GLN B 114 26.48 4.51 -7.31
CA GLN B 114 27.05 4.61 -8.66
C GLN B 114 26.27 3.80 -9.71
N GLY B 115 25.44 2.88 -9.30
CA GLY B 115 24.73 2.02 -10.22
C GLY B 115 25.30 0.61 -10.22
N THR B 116 24.42 -0.36 -10.46
CA THR B 116 24.84 -1.74 -10.74
C THR B 116 24.15 -2.20 -11.99
N LEU B 117 24.92 -2.64 -12.98
CA LEU B 117 24.33 -3.16 -14.21
C LEU B 117 24.04 -4.64 -14.00
N VAL B 118 22.76 -5.00 -14.15
CA VAL B 118 22.32 -6.38 -14.07
C VAL B 118 21.83 -6.79 -15.46
N THR B 119 22.49 -7.78 -16.05
CA THR B 119 22.05 -8.35 -17.33
C THR B 119 21.50 -9.74 -17.10
N VAL B 120 20.35 -10.03 -17.70
CA VAL B 120 19.70 -11.32 -17.54
C VAL B 120 19.44 -11.92 -18.92
N SER B 121 20.01 -13.09 -19.19
CA SER B 121 19.97 -13.65 -20.53
C SER B 121 20.38 -15.13 -20.50
N SER B 122 19.69 -15.93 -21.31
CA SER B 122 19.98 -17.34 -21.44
C SER B 122 21.24 -17.62 -22.23
N ALA B 123 21.85 -16.59 -22.81
CA ALA B 123 23.04 -16.79 -23.62
C ALA B 123 24.23 -17.18 -22.75
N SER B 124 25.08 -18.05 -23.30
CA SER B 124 26.40 -18.33 -22.76
C SER B 124 27.39 -17.28 -23.26
N THR B 125 28.53 -17.19 -22.58
CA THR B 125 29.55 -16.27 -23.06
C THR B 125 30.06 -16.75 -24.40
N LYS B 126 30.20 -15.80 -25.33
CA LYS B 126 30.66 -16.09 -26.67
C LYS B 126 31.47 -14.90 -27.16
N GLY B 127 32.68 -15.16 -27.64
CA GLY B 127 33.50 -14.13 -28.26
C GLY B 127 32.97 -13.64 -29.60
N PRO B 128 33.31 -12.41 -29.95
CA PRO B 128 32.84 -11.87 -31.22
C PRO B 128 33.47 -12.58 -32.40
N SER B 129 32.75 -12.55 -33.51
CA SER B 129 33.36 -12.79 -34.81
C SER B 129 33.55 -11.45 -35.52
N VAL B 130 34.68 -11.31 -36.22
CA VAL B 130 35.10 -10.04 -36.79
C VAL B 130 35.18 -10.17 -38.31
N PHE B 131 34.39 -9.36 -39.01
CA PHE B 131 34.41 -9.25 -40.45
C PHE B 131 34.85 -7.85 -40.84
N PRO B 132 35.60 -7.71 -41.92
CA PRO B 132 36.01 -6.36 -42.36
C PRO B 132 34.97 -5.70 -43.22
N LEU B 133 34.89 -4.39 -43.08
CA LEU B 133 34.13 -3.54 -44.00
C LEU B 133 35.17 -2.86 -44.88
N ALA B 134 35.22 -3.28 -46.19
CA ALA B 134 36.21 -2.85 -47.18
C ALA B 134 35.78 -1.55 -47.86
N PRO B 135 36.74 -0.67 -48.17
CA PRO B 135 36.38 0.68 -48.65
C PRO B 135 35.80 0.75 -50.06
N SER B 136 35.95 -0.29 -50.90
CA SER B 136 35.51 -0.27 -52.31
C SER B 136 36.21 0.81 -53.16
N GLY B 143 39.48 11.29 -53.10
CA GLY B 143 39.54 11.84 -51.75
C GLY B 143 39.14 10.83 -50.70
N THR B 144 38.87 11.32 -49.48
CA THR B 144 38.69 10.49 -48.28
C THR B 144 37.87 9.23 -48.54
N ALA B 145 38.34 8.10 -47.96
CA ALA B 145 37.65 6.83 -47.99
C ALA B 145 37.36 6.37 -46.55
N ALA B 146 36.32 5.51 -46.44
CA ALA B 146 35.89 4.96 -45.17
C ALA B 146 36.05 3.45 -45.16
N LEU B 147 36.33 2.91 -43.99
CA LEU B 147 36.49 1.48 -43.84
C LEU B 147 36.29 1.15 -42.36
N GLY B 148 35.99 -0.11 -42.07
CA GLY B 148 35.74 -0.46 -40.69
C GLY B 148 35.74 -1.95 -40.45
N CYS B 149 35.39 -2.30 -39.20
CA CYS B 149 35.26 -3.69 -38.75
C CYS B 149 33.86 -3.94 -38.24
N LEU B 150 33.26 -5.05 -38.69
CA LEU B 150 32.01 -5.56 -38.14
C LEU B 150 32.31 -6.55 -37.02
N VAL B 151 31.65 -6.39 -35.87
CA VAL B 151 31.90 -7.17 -34.64
C VAL B 151 30.59 -7.80 -34.21
N LYS B 152 30.44 -9.11 -34.43
CA LYS B 152 29.13 -9.74 -34.55
C LYS B 152 29.00 -10.97 -33.65
N ASP B 153 27.88 -11.07 -32.93
CA ASP B 153 27.57 -12.26 -32.11
C ASP B 153 28.53 -12.54 -30.94
N TYR B 154 28.68 -11.58 -30.02
CA TYR B 154 29.35 -11.82 -28.75
C TYR B 154 28.34 -11.64 -27.63
N PHE B 155 28.68 -12.17 -26.46
CA PHE B 155 27.90 -11.98 -25.24
C PHE B 155 28.84 -12.25 -24.08
N PRO B 156 28.78 -11.48 -22.98
CA PRO B 156 28.03 -10.23 -22.87
C PRO B 156 28.86 -9.03 -23.30
N GLU B 157 28.37 -7.86 -22.97
CA GLU B 157 29.12 -6.65 -23.18
C GLU B 157 30.17 -6.54 -22.08
N PRO B 158 31.30 -5.88 -22.34
CA PRO B 158 31.60 -5.14 -23.56
C PRO B 158 32.63 -5.78 -24.48
N VAL B 159 32.79 -5.14 -25.63
CA VAL B 159 33.95 -5.29 -26.50
C VAL B 159 34.60 -3.92 -26.61
N THR B 160 35.91 -3.90 -26.84
CA THR B 160 36.61 -2.64 -27.09
C THR B 160 37.40 -2.80 -28.37
N VAL B 161 37.23 -1.87 -29.31
CA VAL B 161 37.90 -1.92 -30.61
C VAL B 161 38.90 -0.77 -30.69
N SER B 162 40.11 -1.08 -31.15
CA SER B 162 41.14 -0.08 -31.41
C SER B 162 41.63 -0.23 -32.86
N TRP B 163 42.51 0.68 -33.28
CA TRP B 163 43.02 0.63 -34.65
C TRP B 163 44.54 0.75 -34.62
N ASN B 164 45.20 -0.10 -35.40
CA ASN B 164 46.66 -0.15 -35.47
C ASN B 164 47.25 -0.04 -34.06
N SER B 165 46.90 -1.03 -33.23
CA SER B 165 47.27 -1.11 -31.81
C SER B 165 47.24 0.26 -31.14
N GLY B 166 46.17 0.99 -31.38
CA GLY B 166 45.94 2.26 -30.72
C GLY B 166 46.56 3.49 -31.37
N ALA B 167 47.24 3.34 -32.50
CA ALA B 167 47.90 4.49 -33.11
C ALA B 167 46.95 5.36 -33.92
N LEU B 168 45.91 4.76 -34.52
CA LEU B 168 44.94 5.46 -35.38
C LEU B 168 43.77 5.87 -34.50
N THR B 169 43.78 7.12 -34.06
CA THR B 169 42.82 7.56 -33.08
C THR B 169 41.86 8.62 -33.62
N SER B 170 42.14 9.25 -34.76
CA SER B 170 41.33 10.36 -35.23
C SER B 170 40.41 9.91 -36.35
N GLY B 171 39.16 10.36 -36.29
CA GLY B 171 38.17 9.96 -37.28
C GLY B 171 37.56 8.60 -37.05
N VAL B 172 37.71 8.04 -35.85
CA VAL B 172 37.23 6.71 -35.53
C VAL B 172 35.85 6.82 -34.90
N HIS B 173 34.90 6.02 -35.38
CA HIS B 173 33.62 5.84 -34.70
C HIS B 173 33.38 4.36 -34.41
N THR B 174 33.28 4.03 -33.13
CA THR B 174 32.87 2.71 -32.67
C THR B 174 31.47 2.82 -32.13
N PHE B 175 30.54 2.03 -32.67
CA PHE B 175 29.18 2.37 -32.33
C PHE B 175 28.73 1.64 -31.08
N PRO B 176 27.68 2.11 -30.42
CA PRO B 176 27.01 1.28 -29.41
C PRO B 176 26.53 -0.03 -30.02
N ALA B 177 26.73 -1.11 -29.29
CA ALA B 177 26.28 -2.41 -29.76
C ALA B 177 24.76 -2.48 -29.78
N VAL B 178 24.24 -3.53 -30.41
CA VAL B 178 22.82 -3.82 -30.36
C VAL B 178 22.61 -5.25 -29.95
N LEU B 179 21.55 -5.49 -29.17
CA LEU B 179 21.03 -6.83 -28.91
C LEU B 179 20.27 -7.32 -30.13
N GLN B 180 20.69 -8.44 -30.67
CA GLN B 180 20.00 -9.02 -31.82
C GLN B 180 18.86 -9.92 -31.32
N SER B 181 18.08 -10.47 -32.25
CA SER B 181 17.01 -11.37 -31.85
C SER B 181 17.54 -12.65 -31.24
N SER B 182 18.78 -13.02 -31.58
CA SER B 182 19.41 -14.24 -31.08
C SER B 182 19.91 -14.13 -29.65
N GLY B 183 19.89 -12.94 -29.05
CA GLY B 183 20.50 -12.72 -27.78
C GLY B 183 21.93 -12.25 -27.84
N LEU B 184 22.55 -12.23 -29.01
CA LEU B 184 23.94 -11.83 -29.10
C LEU B 184 24.06 -10.35 -29.45
N TYR B 185 25.15 -9.72 -29.00
CA TYR B 185 25.39 -8.31 -29.26
C TYR B 185 26.16 -8.11 -30.56
N SER B 186 25.98 -6.94 -31.16
CA SER B 186 26.61 -6.67 -32.46
C SER B 186 26.84 -5.17 -32.66
N LEU B 187 27.91 -4.84 -33.40
CA LEU B 187 28.55 -3.53 -33.26
C LEU B 187 29.60 -3.33 -34.35
N SER B 188 29.77 -2.09 -34.77
CA SER B 188 30.68 -1.75 -35.86
C SER B 188 31.68 -0.69 -35.42
N SER B 189 32.88 -0.74 -35.99
CA SER B 189 33.83 0.35 -35.83
C SER B 189 34.38 0.73 -37.20
N VAL B 190 34.32 2.03 -37.51
CA VAL B 190 34.68 2.56 -38.82
C VAL B 190 35.75 3.65 -38.68
N VAL B 191 36.53 3.84 -39.74
CA VAL B 191 37.47 4.97 -39.78
C VAL B 191 37.33 5.66 -41.13
N THR B 192 37.48 6.99 -41.11
CA THR B 192 37.69 7.76 -42.33
C THR B 192 39.19 7.92 -42.55
N VAL B 193 39.60 7.91 -43.81
CA VAL B 193 41.01 7.83 -44.16
C VAL B 193 41.18 8.53 -45.51
N PRO B 194 42.30 9.22 -45.76
CA PRO B 194 42.52 9.81 -47.08
C PRO B 194 42.74 8.74 -48.13
N SER B 195 42.27 9.01 -49.35
CA SER B 195 42.34 7.98 -50.38
C SER B 195 43.78 7.58 -50.66
N SER B 196 44.71 8.53 -50.58
CA SER B 196 46.12 8.25 -50.84
C SER B 196 46.57 6.95 -50.17
N SER B 197 46.23 6.78 -48.88
CA SER B 197 46.93 5.81 -48.03
C SER B 197 46.58 4.36 -48.37
N LEU B 198 45.36 4.06 -48.80
CA LEU B 198 45.05 2.69 -49.19
C LEU B 198 45.98 2.23 -50.31
N GLY B 199 46.45 0.98 -50.21
CA GLY B 199 47.52 0.49 -51.08
C GLY B 199 48.91 0.91 -50.64
N THR B 200 49.02 1.79 -49.65
CA THR B 200 50.25 2.13 -48.96
C THR B 200 50.21 1.70 -47.50
N GLN B 201 49.21 2.20 -46.76
CA GLN B 201 49.10 1.99 -45.32
C GLN B 201 48.35 0.69 -45.00
N THR B 202 48.73 0.09 -43.88
CA THR B 202 48.07 -1.10 -43.36
C THR B 202 47.09 -0.71 -42.25
N TYR B 203 45.87 -1.23 -42.33
CA TYR B 203 44.81 -0.85 -41.40
C TYR B 203 44.31 -2.11 -40.68
N ILE B 204 44.49 -2.13 -39.36
CA ILE B 204 44.22 -3.30 -38.54
C ILE B 204 43.35 -2.87 -37.37
N CYS B 205 42.14 -3.41 -37.27
CA CYS B 205 41.35 -3.20 -36.05
C CYS B 205 41.57 -4.36 -35.09
N ASN B 206 41.72 -4.01 -33.81
CA ASN B 206 41.98 -4.96 -32.74
C ASN B 206 40.77 -4.98 -31.82
N VAL B 207 40.14 -6.15 -31.73
CA VAL B 207 38.90 -6.33 -30.99
C VAL B 207 39.20 -7.08 -29.72
N ASN B 208 38.56 -6.69 -28.64
CA ASN B 208 38.77 -7.30 -27.34
C ASN B 208 37.42 -7.70 -26.79
N HIS B 209 37.38 -8.86 -26.14
CA HIS B 209 36.19 -9.28 -25.38
C HIS B 209 36.69 -9.94 -24.10
N LYS B 210 36.80 -9.13 -23.03
CA LYS B 210 37.37 -9.66 -21.80
C LYS B 210 36.63 -10.88 -21.29
N PRO B 211 35.29 -10.87 -21.15
CA PRO B 211 34.60 -12.04 -20.57
C PRO B 211 34.99 -13.35 -21.23
N SER B 212 35.22 -13.38 -22.54
CA SER B 212 35.57 -14.62 -23.23
C SER B 212 37.06 -14.84 -23.39
N ASN B 213 37.91 -13.92 -22.93
CA ASN B 213 39.36 -14.08 -23.03
C ASN B 213 39.80 -14.14 -24.49
N THR B 214 39.04 -13.49 -25.38
CA THR B 214 39.38 -13.50 -26.81
C THR B 214 39.95 -12.16 -27.24
N LYS B 215 40.94 -12.20 -28.14
CA LYS B 215 41.53 -11.03 -28.79
C LYS B 215 41.65 -11.39 -30.26
N VAL B 216 41.09 -10.58 -31.13
CA VAL B 216 41.18 -10.81 -32.55
C VAL B 216 41.71 -9.55 -33.21
N ASP B 217 42.63 -9.73 -34.15
CA ASP B 217 43.15 -8.65 -34.99
C ASP B 217 42.80 -9.00 -36.44
N LYS B 218 42.08 -8.10 -37.11
CA LYS B 218 41.72 -8.29 -38.51
C LYS B 218 42.27 -7.15 -39.34
N LYS B 219 42.88 -7.50 -40.46
CA LYS B 219 43.38 -6.53 -41.43
C LYS B 219 42.27 -6.17 -42.40
N VAL B 220 42.12 -4.88 -42.67
CA VAL B 220 41.14 -4.39 -43.63
C VAL B 220 41.88 -3.90 -44.87
N GLU B 221 41.25 -4.11 -46.03
CA GLU B 221 41.89 -4.22 -47.33
C GLU B 221 40.99 -3.61 -48.40
N PRO B 222 41.58 -3.01 -49.46
CA PRO B 222 40.79 -2.65 -50.66
C PRO B 222 39.96 -3.81 -51.20
N GLU C 1 -1.30 9.11 -10.82
CA GLU C 1 -2.34 9.53 -11.74
C GLU C 1 -2.11 10.97 -12.18
N ILE C 2 -1.12 11.59 -11.56
CA ILE C 2 -0.76 12.97 -11.81
C ILE C 2 0.51 12.98 -12.66
N VAL C 3 0.46 13.59 -13.84
CA VAL C 3 1.43 13.33 -14.90
C VAL C 3 2.26 14.58 -15.16
N LEU C 4 3.57 14.37 -15.30
CA LEU C 4 4.57 15.42 -15.49
C LEU C 4 5.17 15.25 -16.86
N THR C 5 5.06 16.25 -17.72
CA THR C 5 5.73 16.18 -19.02
C THR C 5 6.78 17.26 -19.13
N GLN C 6 7.98 16.85 -19.51
CA GLN C 6 9.08 17.76 -19.81
C GLN C 6 9.12 17.90 -21.33
N SER C 7 8.78 19.08 -21.84
CA SER C 7 8.83 19.37 -23.27
C SER C 7 9.67 20.63 -23.51
N PRO C 8 10.62 20.58 -24.45
CA PRO C 8 10.89 19.53 -25.42
C PRO C 8 11.58 18.28 -24.85
N ALA C 9 11.53 17.17 -25.59
CA ALA C 9 12.28 15.98 -25.21
C ALA C 9 13.77 16.16 -25.48
N THR C 10 14.12 17.05 -26.41
CA THR C 10 15.50 17.37 -26.73
C THR C 10 15.63 18.87 -26.91
N LEU C 11 16.43 19.52 -26.06
CA LEU C 11 16.66 20.95 -26.22
C LEU C 11 18.06 21.13 -26.75
N SER C 12 18.19 21.84 -27.87
CA SER C 12 19.49 22.06 -28.49
C SER C 12 19.88 23.52 -28.26
N VAL C 13 20.96 23.72 -27.52
CA VAL C 13 21.31 25.07 -27.09
C VAL C 13 22.82 25.21 -27.07
N SER C 14 23.35 26.38 -27.47
CA SER C 14 24.81 26.51 -27.66
C SER C 14 25.54 26.57 -26.32
N PRO C 15 26.77 26.07 -26.28
CA PRO C 15 27.55 26.23 -25.05
C PRO C 15 27.81 27.72 -24.79
N GLY C 16 27.84 28.07 -23.52
CA GLY C 16 27.89 29.44 -23.13
C GLY C 16 26.54 30.14 -23.13
N GLU C 17 25.56 29.61 -23.85
CA GLU C 17 24.26 30.24 -23.92
C GLU C 17 23.48 29.90 -22.64
N ARG C 18 22.20 30.27 -22.61
CA ARG C 18 21.34 30.06 -21.44
C ARG C 18 20.32 28.98 -21.76
N ALA C 19 20.15 28.05 -20.84
CA ALA C 19 19.26 26.92 -21.06
C ALA C 19 18.09 26.98 -20.08
N THR C 20 16.88 26.82 -20.61
CA THR C 20 15.66 26.88 -19.80
C THR C 20 14.80 25.66 -20.10
N LEU C 21 14.81 24.71 -19.17
CA LEU C 21 14.06 23.47 -19.30
C LEU C 21 12.70 23.61 -18.62
N SER C 22 11.67 23.07 -19.27
CA SER C 22 10.33 23.13 -18.75
C SER C 22 9.94 21.82 -18.09
N CYS C 23 9.16 21.91 -17.01
CA CYS C 23 8.43 20.78 -16.45
C CYS C 23 7.05 21.28 -16.06
N ARG C 24 6.02 20.67 -16.66
CA ARG C 24 4.62 21.04 -16.50
C ARG C 24 3.88 19.87 -15.86
N ALA C 25 3.13 20.14 -14.80
CA ALA C 25 2.38 19.12 -14.10
C ALA C 25 0.89 19.16 -14.46
N SER C 26 0.25 17.99 -14.47
CA SER C 26 -1.16 17.93 -14.87
C SER C 26 -2.08 18.43 -13.77
N GLN C 27 -1.66 18.35 -12.51
CA GLN C 27 -2.38 18.94 -11.38
C GLN C 27 -1.37 19.62 -10.46
N SER C 28 -1.85 20.62 -9.73
CA SER C 28 -0.95 21.40 -8.89
C SER C 28 -0.22 20.50 -7.89
N VAL C 29 1.07 20.78 -7.71
CA VAL C 29 1.95 20.02 -6.83
C VAL C 29 2.62 20.98 -5.84
N SER C 30 2.08 22.20 -5.75
CA SER C 30 2.63 23.29 -4.94
C SER C 30 4.09 23.48 -5.33
N SER C 31 4.99 23.33 -4.36
CA SER C 31 6.42 23.41 -4.60
C SER C 31 7.13 22.09 -4.34
N ASN C 32 6.39 20.99 -4.34
CA ASN C 32 6.99 19.68 -4.11
C ASN C 32 7.50 19.09 -5.42
N LEU C 33 8.48 19.80 -5.99
CA LEU C 33 9.13 19.47 -7.26
C LEU C 33 10.63 19.39 -7.04
N ALA C 34 11.28 18.35 -7.56
CA ALA C 34 12.72 18.29 -7.54
C ALA C 34 13.27 18.10 -8.95
N TRP C 35 14.56 18.41 -9.14
CA TRP C 35 15.23 18.32 -10.44
C TRP C 35 16.54 17.55 -10.35
N TYR C 36 16.78 16.66 -11.31
CA TYR C 36 17.98 15.84 -11.31
C TYR C 36 18.73 16.03 -12.62
N GLN C 37 20.05 15.92 -12.55
CA GLN C 37 20.91 15.83 -13.71
C GLN C 37 21.50 14.42 -13.79
N HIS C 38 21.53 13.87 -15.00
CA HIS C 38 22.03 12.53 -15.26
C HIS C 38 23.07 12.58 -16.39
N LYS C 39 24.34 12.53 -15.98
CA LYS C 39 25.55 12.63 -16.76
C LYS C 39 25.60 11.34 -17.61
N PRO C 40 26.34 11.31 -18.71
CA PRO C 40 26.52 10.02 -19.39
C PRO C 40 27.18 8.95 -18.54
N GLY C 41 26.43 7.88 -18.25
CA GLY C 41 26.97 6.69 -17.60
C GLY C 41 27.50 6.89 -16.19
N GLN C 42 26.91 7.84 -15.45
CA GLN C 42 27.19 8.08 -14.04
C GLN C 42 25.88 7.97 -13.28
N ALA C 43 25.95 8.19 -11.95
CA ALA C 43 24.77 8.25 -11.10
C ALA C 43 24.04 9.57 -11.28
N PRO C 44 22.72 9.60 -11.09
CA PRO C 44 22.02 10.89 -11.07
C PRO C 44 22.52 11.75 -9.92
N ARG C 45 22.32 13.06 -10.07
CA ARG C 45 22.65 14.01 -9.03
C ARG C 45 21.46 14.93 -8.80
N LEU C 46 21.14 15.20 -7.54
CA LEU C 46 20.08 16.13 -7.21
C LEU C 46 20.58 17.58 -7.37
N LEU C 47 19.83 18.41 -8.10
CA LEU C 47 20.15 19.82 -8.27
C LEU C 47 19.27 20.75 -7.46
N ILE C 48 17.95 20.57 -7.55
CA ILE C 48 16.92 21.41 -6.95
C ILE C 48 15.92 20.51 -6.24
N TYR C 49 15.51 20.91 -5.05
CA TYR C 49 14.34 20.34 -4.40
C TYR C 49 13.53 21.51 -3.86
N GLY C 50 12.23 21.29 -3.67
CA GLY C 50 11.42 22.43 -3.28
C GLY C 50 11.23 23.44 -4.39
N ALA C 51 11.47 23.05 -5.63
CA ALA C 51 11.24 23.80 -6.86
C ALA C 51 12.24 24.91 -7.02
N PHE C 52 12.85 25.35 -5.92
CA PHE C 52 13.79 26.46 -6.01
C PHE C 52 14.98 26.40 -5.06
N ILE C 53 15.05 25.43 -4.16
CA ILE C 53 16.15 25.37 -3.21
C ILE C 53 17.29 24.58 -3.86
N ARG C 54 18.43 25.24 -4.05
CA ARG C 54 19.61 24.60 -4.62
C ARG C 54 20.14 23.53 -3.66
N ALA C 55 20.52 22.39 -4.20
CA ALA C 55 21.00 21.31 -3.37
C ALA C 55 22.45 21.56 -3.02
N THR C 56 22.93 20.81 -2.02
CA THR C 56 24.26 21.06 -1.47
C THR C 56 25.32 20.79 -2.52
N GLY C 57 26.24 21.75 -2.68
CA GLY C 57 27.36 21.64 -3.60
C GLY C 57 27.03 21.84 -5.06
N ILE C 58 25.92 22.47 -5.40
CA ILE C 58 25.51 22.66 -6.79
C ILE C 58 25.88 24.07 -7.21
N PRO C 59 26.50 24.24 -8.36
CA PRO C 59 26.86 25.57 -8.86
C PRO C 59 25.71 26.57 -8.89
N ALA C 60 26.01 27.84 -8.61
CA ALA C 60 24.99 28.88 -8.66
C ALA C 60 24.33 28.98 -10.03
N ARG C 61 25.05 28.64 -11.10
CA ARG C 61 24.49 28.83 -12.43
C ARG C 61 23.26 27.93 -12.71
N PHE C 62 22.91 27.03 -11.82
CA PHE C 62 21.62 26.35 -11.84
C PHE C 62 20.66 27.07 -10.89
N SER C 63 19.45 27.36 -11.36
CA SER C 63 18.43 27.98 -10.53
C SER C 63 17.07 27.34 -10.79
N GLY C 64 16.29 27.16 -9.72
CA GLY C 64 14.95 26.57 -9.84
C GLY C 64 13.89 27.64 -9.66
N SER C 65 12.79 27.50 -10.39
CA SER C 65 11.68 28.44 -10.20
C SER C 65 10.37 27.79 -10.64
N GLY C 66 9.27 28.39 -10.18
CA GLY C 66 7.92 27.89 -10.40
C GLY C 66 7.27 27.42 -9.10
N SER C 67 5.97 27.18 -9.21
CA SER C 67 5.14 26.59 -8.16
C SER C 67 3.77 26.30 -8.76
N GLY C 68 3.20 25.16 -8.43
CA GLY C 68 1.90 24.82 -8.99
C GLY C 68 1.94 23.89 -10.19
N THR C 69 1.88 24.44 -11.41
CA THR C 69 1.78 23.63 -12.61
C THR C 69 2.89 23.83 -13.64
N GLU C 70 3.64 24.95 -13.59
CA GLU C 70 4.76 25.19 -14.49
C GLU C 70 6.05 25.38 -13.70
N PHE C 71 7.09 24.63 -14.07
CA PHE C 71 8.39 24.64 -13.40
C PHE C 71 9.49 24.73 -14.44
N THR C 72 10.53 25.50 -14.11
CA THR C 72 11.65 25.70 -15.01
C THR C 72 12.96 25.40 -14.29
N LEU C 73 13.80 24.60 -14.93
CA LEU C 73 15.20 24.49 -14.58
C LEU C 73 15.93 25.43 -15.54
N THR C 74 16.61 26.43 -14.99
CA THR C 74 17.42 27.33 -15.80
C THR C 74 18.91 27.15 -15.48
N ILE C 75 19.71 27.09 -16.53
CA ILE C 75 21.16 27.13 -16.42
C ILE C 75 21.65 28.46 -17.03
N SER C 76 22.29 29.30 -16.21
CA SER C 76 22.51 30.70 -16.63
C SER C 76 23.48 30.81 -17.80
N SER C 77 24.63 30.16 -17.71
CA SER C 77 25.46 29.99 -18.90
C SER C 77 25.97 28.57 -18.98
N LEU C 78 25.63 27.90 -20.09
CA LEU C 78 25.92 26.48 -20.26
C LEU C 78 27.40 26.19 -20.37
N GLN C 79 27.88 25.24 -19.59
CA GLN C 79 29.22 24.70 -19.71
C GLN C 79 29.18 23.30 -20.32
N SER C 80 30.38 22.79 -20.63
CA SER C 80 30.51 21.52 -21.34
C SER C 80 29.85 20.37 -20.56
N GLU C 81 30.17 20.24 -19.25
CA GLU C 81 29.56 19.12 -18.52
C GLU C 81 28.06 19.30 -18.38
N ASP C 82 27.51 20.46 -18.72
CA ASP C 82 26.10 20.68 -18.46
C ASP C 82 25.22 20.02 -19.50
N PHE C 83 25.79 19.46 -20.56
CA PHE C 83 24.98 18.76 -21.57
C PHE C 83 24.76 17.36 -21.08
N ALA C 84 23.52 17.03 -20.75
CA ALA C 84 23.15 15.79 -20.07
C ALA C 84 21.63 15.64 -20.13
N VAL C 85 21.12 14.57 -19.53
CA VAL C 85 19.66 14.38 -19.44
C VAL C 85 19.18 14.92 -18.10
N TYR C 86 18.13 15.76 -18.13
CA TYR C 86 17.60 16.43 -16.94
C TYR C 86 16.17 15.95 -16.63
N TYR C 87 15.97 15.49 -15.40
CA TYR C 87 14.68 14.97 -14.95
C TYR C 87 14.02 15.86 -13.90
N CYS C 88 12.70 16.02 -14.01
CA CYS C 88 11.92 16.64 -12.96
C CYS C 88 11.14 15.56 -12.22
N GLN C 89 10.92 15.78 -10.92
CA GLN C 89 10.24 14.79 -10.10
C GLN C 89 9.40 15.47 -9.03
N HIS C 90 8.13 15.10 -8.93
CA HIS C 90 7.23 15.61 -7.91
C HIS C 90 7.13 14.64 -6.74
N TYR C 91 6.78 15.19 -5.58
CA TYR C 91 6.51 14.40 -4.39
C TYR C 91 5.27 14.92 -3.68
N ASN C 92 4.24 15.30 -4.44
CA ASN C 92 2.96 15.68 -3.83
C ASN C 92 2.26 14.47 -3.19
N ASN C 93 2.27 13.34 -3.88
CA ASN C 93 1.91 12.04 -3.33
C ASN C 93 3.12 11.15 -3.53
N TRP C 94 2.95 9.84 -3.46
CA TRP C 94 4.00 8.89 -3.81
C TRP C 94 3.41 7.89 -4.79
N PRO C 95 3.12 8.32 -6.01
CA PRO C 95 2.54 7.44 -6.98
C PRO C 95 3.60 6.54 -7.54
N PRO C 96 3.22 5.53 -8.32
CA PRO C 96 4.22 4.68 -8.98
C PRO C 96 5.14 5.37 -9.97
N ASN C 97 4.78 6.53 -10.56
CA ASN C 97 5.61 7.20 -11.57
C ASN C 97 5.58 8.71 -11.36
N PRO C 98 6.28 9.21 -10.36
CA PRO C 98 6.34 10.66 -10.14
C PRO C 98 7.41 11.39 -10.93
N PHE C 99 8.14 10.70 -11.80
CA PHE C 99 9.20 11.31 -12.59
C PHE C 99 8.66 11.75 -13.93
N GLY C 100 9.07 12.93 -14.37
CA GLY C 100 8.94 13.25 -15.78
C GLY C 100 9.79 12.31 -16.62
N GLN C 101 9.64 12.44 -17.94
CA GLN C 101 10.36 11.59 -18.88
C GLN C 101 11.78 12.08 -19.20
N GLY C 102 12.19 13.23 -18.69
CA GLY C 102 13.54 13.67 -18.97
C GLY C 102 13.64 14.51 -20.23
N THR C 103 14.57 15.46 -20.21
CA THR C 103 14.90 16.26 -21.37
C THR C 103 16.41 16.13 -21.60
N ARG C 104 16.77 15.83 -22.84
CA ARG C 104 18.17 15.74 -23.24
C ARG C 104 18.66 17.08 -23.76
N LEU C 105 19.78 17.54 -23.22
CA LEU C 105 20.42 18.77 -23.64
C LEU C 105 21.55 18.45 -24.61
N GLU C 106 21.49 18.98 -25.84
CA GLU C 106 22.57 18.76 -26.80
C GLU C 106 23.18 20.07 -27.29
N ILE C 107 24.42 19.97 -27.76
CA ILE C 107 25.17 21.09 -28.35
C ILE C 107 24.58 21.48 -29.71
N LYS C 108 24.11 22.72 -29.82
CA LYS C 108 23.55 23.20 -31.07
C LYS C 108 24.68 23.64 -32.00
N ARG C 109 24.57 23.26 -33.27
CA ARG C 109 25.53 23.72 -34.26
C ARG C 109 24.86 23.82 -35.62
N THR C 110 25.66 24.20 -36.60
CA THR C 110 25.14 24.46 -37.92
C THR C 110 24.84 23.14 -38.62
N VAL C 111 23.83 23.17 -39.49
CA VAL C 111 23.41 21.95 -40.18
C VAL C 111 24.55 21.39 -40.99
N ALA C 112 24.83 20.10 -40.81
CA ALA C 112 25.86 19.41 -41.55
C ALA C 112 25.31 18.09 -42.07
N ALA C 113 25.57 17.80 -43.34
CA ALA C 113 25.10 16.65 -44.09
C ALA C 113 26.00 15.44 -43.85
N PRO C 114 25.41 14.25 -43.76
CA PRO C 114 26.21 13.04 -43.57
C PRO C 114 26.95 12.69 -44.85
N SER C 115 28.11 12.06 -44.68
CA SER C 115 28.79 11.38 -45.76
C SER C 115 28.39 9.91 -45.67
N VAL C 116 27.86 9.37 -46.78
CA VAL C 116 27.25 8.05 -46.77
C VAL C 116 28.22 7.04 -47.38
N PHE C 117 28.37 5.89 -46.72
CA PHE C 117 29.13 4.78 -47.25
C PHE C 117 28.29 3.53 -47.11
N ILE C 118 28.45 2.60 -48.05
CA ILE C 118 27.79 1.31 -47.99
C ILE C 118 28.87 0.25 -48.16
N PHE C 119 28.77 -0.83 -47.38
CA PHE C 119 29.73 -1.91 -47.46
C PHE C 119 29.02 -3.22 -47.74
N PRO C 120 29.44 -3.97 -48.75
CA PRO C 120 28.90 -5.29 -48.98
C PRO C 120 29.46 -6.28 -47.99
N PRO C 121 28.81 -7.43 -47.84
CA PRO C 121 29.33 -8.47 -46.93
C PRO C 121 30.70 -8.96 -47.33
N SER C 122 31.58 -9.07 -46.34
CA SER C 122 32.84 -9.75 -46.55
C SER C 122 32.62 -11.16 -47.07
N ASP C 123 33.55 -11.62 -47.91
CA ASP C 123 33.53 -12.99 -48.38
C ASP C 123 33.60 -13.97 -47.21
N GLU C 124 34.49 -13.70 -46.24
CA GLU C 124 34.68 -14.59 -45.11
C GLU C 124 33.38 -14.80 -44.34
N GLN C 125 32.61 -13.73 -44.13
CA GLN C 125 31.35 -13.87 -43.43
C GLN C 125 30.33 -14.65 -44.26
N LEU C 126 30.29 -14.39 -45.58
CA LEU C 126 29.28 -14.99 -46.43
C LEU C 126 29.37 -16.50 -46.42
N LYS C 127 30.56 -17.03 -46.22
CA LYS C 127 30.67 -18.48 -46.16
C LYS C 127 30.04 -19.10 -44.90
N SER C 128 29.72 -18.32 -43.88
CA SER C 128 29.20 -18.92 -42.66
C SER C 128 27.68 -18.88 -42.56
N GLY C 129 26.99 -18.42 -43.60
CA GLY C 129 25.54 -18.52 -43.69
C GLY C 129 24.76 -17.23 -43.64
N THR C 130 25.36 -16.10 -43.26
CA THR C 130 24.62 -14.85 -43.13
C THR C 130 25.36 -13.71 -43.82
N ALA C 131 24.59 -12.79 -44.43
CA ALA C 131 25.13 -11.60 -45.09
C ALA C 131 24.66 -10.36 -44.36
N SER C 132 25.61 -9.53 -43.93
CA SER C 132 25.30 -8.30 -43.21
C SER C 132 25.76 -7.11 -44.05
N VAL C 133 24.82 -6.23 -44.38
CA VAL C 133 25.14 -5.07 -45.21
C VAL C 133 25.03 -3.83 -44.34
N VAL C 134 26.09 -3.02 -44.35
CA VAL C 134 26.23 -1.89 -43.43
C VAL C 134 26.24 -0.57 -44.20
N CYS C 135 25.39 0.33 -43.78
CA CYS C 135 25.36 1.69 -44.25
C CYS C 135 25.86 2.60 -43.14
N LEU C 136 26.70 3.55 -43.51
CA LEU C 136 27.36 4.44 -42.56
C LEU C 136 26.99 5.88 -42.91
N LEU C 137 26.37 6.58 -41.96
CA LEU C 137 26.17 8.02 -42.07
C LEU C 137 27.20 8.71 -41.18
N ASN C 138 28.06 9.52 -41.77
CA ASN C 138 29.23 10.04 -41.08
C ASN C 138 29.13 11.54 -40.85
N ASN C 139 29.29 11.96 -39.58
CA ASN C 139 29.49 13.35 -39.14
C ASN C 139 28.40 14.29 -39.66
N PHE C 140 27.17 14.08 -39.20
CA PHE C 140 26.09 14.97 -39.61
C PHE C 140 25.49 15.65 -38.39
N TYR C 141 24.72 16.70 -38.66
CA TYR C 141 23.92 17.39 -37.65
C TYR C 141 22.78 18.06 -38.39
N PRO C 142 21.55 18.07 -37.84
CA PRO C 142 21.04 17.49 -36.59
C PRO C 142 21.02 15.95 -36.57
N ARG C 143 20.65 15.30 -35.44
CA ARG C 143 20.65 13.83 -35.34
C ARG C 143 19.56 13.22 -36.20
N GLU C 144 18.47 13.94 -36.43
CA GLU C 144 17.33 13.37 -37.13
C GLU C 144 17.75 13.02 -38.55
N ALA C 145 17.99 11.74 -38.78
CA ALA C 145 18.29 11.21 -40.10
C ALA C 145 17.39 10.00 -40.33
N LYS C 146 16.98 9.80 -41.58
CA LYS C 146 16.10 8.69 -41.92
C LYS C 146 16.77 7.85 -43.01
N VAL C 147 16.85 6.54 -42.77
CA VAL C 147 17.62 5.63 -43.60
C VAL C 147 16.75 4.45 -44.00
N GLN C 148 16.65 4.19 -45.30
CA GLN C 148 15.86 3.09 -45.83
C GLN C 148 16.73 2.19 -46.69
N TRP C 149 16.52 0.89 -46.55
CA TRP C 149 17.22 -0.10 -47.36
C TRP C 149 16.29 -0.59 -48.44
N LYS C 150 16.80 -0.70 -49.66
CA LYS C 150 16.01 -1.15 -50.78
C LYS C 150 16.84 -2.16 -51.54
N VAL C 151 16.34 -3.39 -51.64
CA VAL C 151 16.99 -4.47 -52.37
C VAL C 151 16.15 -4.74 -53.60
N ASP C 152 16.78 -4.71 -54.77
CA ASP C 152 16.05 -4.83 -56.04
C ASP C 152 14.86 -3.87 -56.04
N ASN C 153 15.06 -2.70 -55.44
CA ASN C 153 14.10 -1.59 -55.40
C ASN C 153 12.97 -1.83 -54.42
N ALA C 154 12.96 -2.93 -53.67
CA ALA C 154 11.89 -3.20 -52.71
C ALA C 154 12.29 -2.70 -51.32
N LEU C 155 11.45 -1.85 -50.74
CA LEU C 155 11.73 -1.34 -49.40
C LEU C 155 11.84 -2.49 -48.40
N GLN C 156 12.60 -2.25 -47.35
CA GLN C 156 12.82 -3.27 -46.36
C GLN C 156 12.13 -2.87 -45.06
N SER C 157 11.74 -3.90 -44.32
CA SER C 157 11.13 -3.75 -43.01
C SER C 157 11.66 -4.91 -42.18
N GLY C 158 11.96 -4.66 -40.91
CA GLY C 158 12.26 -5.74 -39.99
C GLY C 158 13.66 -6.33 -40.01
N ASN C 159 14.50 -6.00 -40.96
CA ASN C 159 15.79 -6.66 -41.10
C ASN C 159 16.98 -5.70 -40.92
N SER C 160 16.82 -4.62 -40.15
CA SER C 160 17.93 -3.67 -39.95
C SER C 160 17.90 -3.08 -38.55
N GLN C 161 19.06 -2.63 -38.07
CA GLN C 161 19.21 -2.01 -36.76
C GLN C 161 20.16 -0.81 -36.83
N GLU C 162 19.68 0.37 -36.41
CA GLU C 162 20.45 1.62 -36.40
C GLU C 162 21.21 1.78 -35.08
N SER C 163 22.41 2.35 -35.16
CA SER C 163 23.13 2.74 -33.95
C SER C 163 23.71 4.12 -34.18
N VAL C 164 23.68 4.97 -33.14
CA VAL C 164 24.19 6.33 -33.25
C VAL C 164 25.28 6.52 -32.20
N THR C 165 26.32 7.28 -32.55
CA THR C 165 27.35 7.68 -31.61
C THR C 165 26.85 8.84 -30.75
N GLU C 166 27.57 9.11 -29.67
CA GLU C 166 27.25 10.35 -29.02
C GLU C 166 27.91 11.52 -29.78
N GLN C 167 27.55 12.73 -29.38
CA GLN C 167 28.02 13.90 -30.11
C GLN C 167 29.54 14.00 -30.04
N ASP C 168 30.14 14.33 -31.17
CA ASP C 168 31.59 14.52 -31.21
C ASP C 168 32.02 15.63 -30.25
N SER C 169 33.16 15.47 -29.60
CA SER C 169 33.63 16.55 -28.75
C SER C 169 34.23 17.68 -29.57
N LYS C 170 34.83 17.34 -30.71
CA LYS C 170 35.49 18.34 -31.55
C LYS C 170 34.48 19.12 -32.40
N ASP C 171 33.76 18.44 -33.31
CA ASP C 171 32.81 19.12 -34.19
C ASP C 171 31.35 18.94 -33.78
N SER C 172 31.06 18.21 -32.71
CA SER C 172 29.70 18.07 -32.20
C SER C 172 28.74 17.42 -33.20
N THR C 173 29.23 16.62 -34.12
CA THR C 173 28.34 15.91 -35.04
C THR C 173 27.95 14.54 -34.48
N TYR C 174 27.02 13.89 -35.18
CA TYR C 174 26.64 12.50 -34.97
C TYR C 174 27.03 11.65 -36.17
N SER C 175 27.26 10.37 -35.88
CA SER C 175 27.39 9.36 -36.91
C SER C 175 26.43 8.22 -36.60
N LEU C 176 25.89 7.64 -37.65
CA LEU C 176 24.92 6.56 -37.52
C LEU C 176 25.38 5.40 -38.38
N SER C 177 25.12 4.18 -37.92
CA SER C 177 25.28 3.01 -38.78
C SER C 177 23.98 2.23 -38.80
N SER C 178 23.58 1.79 -39.99
CA SER C 178 22.46 0.88 -40.17
C SER C 178 22.98 -0.44 -40.75
N THR C 179 22.64 -1.54 -40.10
CA THR C 179 23.05 -2.85 -40.58
C THR C 179 21.84 -3.65 -41.04
N LEU C 180 21.88 -4.11 -42.29
CA LEU C 180 20.85 -4.96 -42.89
C LEU C 180 21.37 -6.40 -42.89
N THR C 181 20.60 -7.31 -42.32
CA THR C 181 21.01 -8.69 -42.06
C THR C 181 20.19 -9.68 -42.88
N LEU C 182 20.88 -10.48 -43.69
CA LEU C 182 20.20 -11.48 -44.51
C LEU C 182 21.00 -12.76 -44.55
N SER C 183 20.29 -13.88 -44.72
CA SER C 183 20.92 -15.17 -44.93
C SER C 183 21.52 -15.24 -46.33
N LYS C 184 22.57 -16.05 -46.48
CA LYS C 184 23.18 -16.22 -47.79
C LYS C 184 22.11 -16.57 -48.83
N ALA C 185 21.15 -17.42 -48.46
CA ALA C 185 20.08 -17.78 -49.37
C ALA C 185 19.38 -16.54 -49.92
N ASP C 186 18.76 -15.76 -49.04
CA ASP C 186 18.08 -14.55 -49.51
C ASP C 186 19.06 -13.55 -50.11
N TYR C 187 20.26 -13.42 -49.52
CA TYR C 187 21.19 -12.42 -50.01
C TYR C 187 21.57 -12.69 -51.44
N GLU C 188 21.66 -13.96 -51.81
CA GLU C 188 22.12 -14.31 -53.15
C GLU C 188 21.01 -14.26 -54.18
N LYS C 189 19.74 -14.21 -53.75
CA LYS C 189 18.55 -14.14 -54.58
C LYS C 189 18.25 -12.74 -55.12
N HIS C 190 19.13 -11.74 -54.93
CA HIS C 190 18.84 -10.35 -55.26
C HIS C 190 20.12 -9.70 -55.74
N LYS C 191 20.00 -8.55 -56.43
CA LYS C 191 21.16 -8.02 -57.14
C LYS C 191 21.58 -6.64 -56.68
N VAL C 192 20.67 -5.68 -56.60
CA VAL C 192 20.99 -4.31 -56.18
C VAL C 192 20.64 -4.16 -54.69
N TYR C 193 21.62 -3.75 -53.90
CA TYR C 193 21.41 -3.40 -52.50
C TYR C 193 21.67 -1.91 -52.37
N ALA C 194 20.68 -1.16 -51.91
CA ALA C 194 20.76 0.29 -51.97
C ALA C 194 20.41 0.92 -50.63
N CYS C 195 21.28 1.81 -50.17
CA CYS C 195 21.06 2.56 -48.95
C CYS C 195 20.55 3.96 -49.28
N GLU C 196 19.37 4.31 -48.78
CA GLU C 196 18.76 5.60 -49.08
C GLU C 196 18.69 6.48 -47.82
N VAL C 197 19.30 7.67 -47.89
CA VAL C 197 19.52 8.53 -46.73
C VAL C 197 18.83 9.87 -46.94
N THR C 198 18.05 10.31 -45.96
CA THR C 198 17.34 11.57 -46.00
C THR C 198 17.69 12.38 -44.77
N HIS C 199 18.05 13.65 -44.98
CA HIS C 199 18.53 14.49 -43.89
C HIS C 199 18.36 15.96 -44.29
N GLN C 200 18.18 16.80 -43.27
CA GLN C 200 17.97 18.23 -43.48
C GLN C 200 19.04 18.84 -44.36
N GLY C 201 20.29 18.36 -44.22
CA GLY C 201 21.44 18.89 -44.93
C GLY C 201 21.62 18.48 -46.38
N LEU C 202 20.76 17.61 -46.92
CA LEU C 202 20.80 17.25 -48.34
C LEU C 202 19.63 17.85 -49.09
N SER C 203 19.92 18.35 -50.30
CA SER C 203 18.86 18.87 -51.15
C SER C 203 17.87 17.76 -51.55
N SER C 204 18.37 16.57 -51.84
CA SER C 204 17.56 15.44 -52.26
C SER C 204 18.11 14.17 -51.62
N PRO C 205 17.29 13.14 -51.46
CA PRO C 205 17.78 11.90 -50.83
C PRO C 205 18.95 11.29 -51.59
N VAL C 206 19.92 10.81 -50.83
CA VAL C 206 21.18 10.28 -51.35
C VAL C 206 21.11 8.76 -51.36
N THR C 207 21.49 8.15 -52.47
CA THR C 207 21.53 6.69 -52.52
C THR C 207 22.96 6.23 -52.75
N LYS C 208 23.32 5.14 -52.06
CA LYS C 208 24.57 4.45 -52.32
C LYS C 208 24.25 2.97 -52.42
N SER C 209 24.73 2.34 -53.49
CA SER C 209 24.29 0.99 -53.86
C SER C 209 25.45 0.20 -54.47
N PHE C 210 25.23 -1.10 -54.57
CA PHE C 210 26.16 -2.00 -55.22
C PHE C 210 25.39 -3.17 -55.82
N ASN C 211 26.00 -3.82 -56.81
CA ASN C 211 25.51 -5.04 -57.42
C ASN C 211 26.37 -6.19 -56.93
N ARG C 212 25.76 -7.36 -56.69
CA ARG C 212 26.43 -8.44 -55.95
C ARG C 212 27.86 -8.73 -56.44
N GLY C 213 28.13 -8.56 -57.74
CA GLY C 213 29.50 -8.59 -58.23
C GLY C 213 30.21 -9.93 -58.10
N GLY D 3 4.12 13.36 33.61
CA GLY D 3 5.21 14.26 33.26
C GLY D 3 4.83 15.50 32.44
N PRO D 4 5.84 16.37 32.10
CA PRO D 4 5.60 17.51 31.19
C PRO D 4 5.96 17.27 29.72
N ILE D 5 5.39 18.09 28.82
CA ILE D 5 5.69 17.98 27.39
C ILE D 5 7.06 18.57 27.09
N ILE D 6 7.22 19.85 27.39
CA ILE D 6 8.44 20.59 27.11
C ILE D 6 9.01 21.19 28.39
N CYS D 7 8.20 21.96 29.11
CA CYS D 7 8.68 22.93 30.09
C CYS D 7 8.46 22.46 31.52
N ALA D 8 9.49 22.65 32.33
CA ALA D 8 9.44 22.29 33.74
C ALA D 8 8.71 23.35 34.54
N GLY D 9 8.49 23.02 35.82
CA GLY D 9 7.69 23.79 36.72
C GLY D 9 8.11 25.24 36.84
N PRO D 10 7.14 26.14 36.74
CA PRO D 10 7.43 27.57 36.81
C PRO D 10 7.89 28.01 38.19
N ILE D 11 8.70 29.06 38.22
CA ILE D 11 9.01 29.79 39.44
C ILE D 11 8.78 31.25 39.11
N HIS D 12 7.63 31.77 39.49
CA HIS D 12 7.30 33.17 39.34
C HIS D 12 7.79 33.96 40.54
N SER D 13 7.97 35.26 40.34
CA SER D 13 8.02 36.15 41.50
C SER D 13 7.21 37.41 41.33
N ASN D 14 7.02 37.93 40.11
CA ASN D 14 6.24 39.14 39.87
C ASN D 14 4.82 38.77 39.45
N LYS D 15 3.88 38.83 40.40
CA LYS D 15 2.48 38.54 40.14
C LYS D 15 1.80 39.53 39.19
N SER D 16 2.36 40.73 38.97
CA SER D 16 1.76 41.72 38.08
C SER D 16 2.39 41.71 36.70
N ALA D 17 3.29 40.76 36.44
CA ALA D 17 3.97 40.66 35.16
C ALA D 17 2.95 40.45 34.04
N ASP D 18 3.25 41.02 32.88
CA ASP D 18 2.49 40.81 31.66
C ASP D 18 2.34 39.33 31.32
N ILE D 19 1.30 38.94 30.57
CA ILE D 19 1.21 37.56 30.09
C ILE D 19 1.40 37.57 28.57
N PRO D 20 2.57 37.19 28.07
CA PRO D 20 2.87 37.39 26.64
C PRO D 20 2.06 36.43 25.78
N HIS D 21 1.45 36.98 24.73
CA HIS D 21 0.90 36.17 23.66
C HIS D 21 2.06 35.68 22.78
N LEU D 22 2.41 34.42 22.93
CA LEU D 22 3.38 33.82 22.03
C LEU D 22 2.65 33.26 20.81
N LEU D 23 3.43 32.87 19.80
CA LEU D 23 2.88 32.46 18.51
C LEU D 23 3.21 31.02 18.12
N GLY D 24 4.41 30.56 18.42
CA GLY D 24 4.74 29.19 18.10
C GLY D 24 3.76 28.21 18.73
N TYR D 25 3.60 27.08 18.07
CA TYR D 25 2.89 25.98 18.70
C TYR D 25 3.66 25.46 19.90
N SER D 26 4.96 25.21 19.72
CA SER D 26 5.78 24.76 20.83
C SER D 26 5.92 25.80 21.93
N GLU D 27 5.64 27.06 21.63
CA GLU D 27 5.59 28.08 22.69
C GLU D 27 4.29 27.97 23.47
N LYS D 28 3.16 27.98 22.76
CA LYS D 28 1.89 27.82 23.45
C LYS D 28 1.85 26.50 24.20
N ILE D 29 2.47 25.45 23.66
CA ILE D 29 2.50 24.20 24.42
C ILE D 29 3.31 24.40 25.68
N CYS D 30 4.48 25.03 25.57
CA CYS D 30 5.27 25.27 26.77
C CYS D 30 4.56 26.21 27.74
N GLN D 31 3.82 27.19 27.23
CA GLN D 31 2.96 27.97 28.12
C GLN D 31 1.98 27.05 28.86
N ILE D 32 1.10 26.38 28.13
CA ILE D 32 0.12 25.43 28.65
C ILE D 32 0.78 24.58 29.73
N ASP D 33 1.98 24.07 29.44
CA ASP D 33 2.66 23.27 30.43
C ASP D 33 2.81 24.03 31.74
N ARG D 34 2.93 25.36 31.67
CA ARG D 34 3.19 26.15 32.87
C ARG D 34 1.91 26.74 33.44
N LEU D 35 0.77 26.13 33.15
CA LEU D 35 -0.52 26.55 33.72
C LEU D 35 -0.80 28.01 33.47
N ILE D 36 -0.03 28.59 32.53
CA ILE D 36 -0.18 30.00 32.21
C ILE D 36 -1.53 30.26 31.57
N HIS D 37 -2.07 29.28 30.83
CA HIS D 37 -3.40 29.45 30.26
C HIS D 37 -4.44 29.55 31.37
N VAL D 38 -4.31 28.75 32.42
CA VAL D 38 -5.25 28.88 33.53
C VAL D 38 -5.02 30.19 34.25
N SER D 39 -3.75 30.60 34.37
CA SER D 39 -3.46 31.91 34.95
C SER D 39 -4.14 33.03 34.15
N SER D 40 -4.01 33.00 32.82
CA SER D 40 -4.63 34.04 32.00
C SER D 40 -6.16 34.04 32.14
N TRP D 41 -6.75 32.85 32.25
CA TRP D 41 -8.20 32.74 32.37
C TRP D 41 -8.71 33.46 33.61
N LEU D 42 -8.05 33.21 34.76
CA LEU D 42 -8.45 33.84 36.01
C LEU D 42 -8.29 35.36 35.94
N ARG D 43 -7.22 35.84 35.30
CA ARG D 43 -7.06 37.29 35.15
C ARG D 43 -8.20 37.90 34.35
N ASN D 44 -8.54 37.27 33.22
CA ASN D 44 -9.54 37.84 32.31
C ASN D 44 -10.92 37.90 32.96
N HIS D 45 -11.34 36.84 33.66
CA HIS D 45 -12.73 36.70 34.05
C HIS D 45 -13.01 36.86 35.54
N SER D 46 -12.01 36.69 36.42
CA SER D 46 -12.28 36.55 37.84
C SER D 46 -11.64 37.61 38.71
N GLN D 47 -11.03 38.65 38.12
CA GLN D 47 -10.36 39.71 38.87
C GLN D 47 -9.27 39.11 39.77
N PHE D 48 -8.35 38.37 39.15
CA PHE D 48 -7.33 37.62 39.88
C PHE D 48 -5.96 38.17 39.51
N GLN D 49 -5.13 38.39 40.52
CA GLN D 49 -3.78 38.91 40.31
C GLN D 49 -2.80 37.75 40.46
N GLY D 50 -2.14 37.40 39.36
CA GLY D 50 -1.00 36.50 39.49
C GLY D 50 -0.95 35.25 38.63
N TYR D 51 -0.75 34.10 39.28
CA TYR D 51 -0.40 32.87 38.59
C TYR D 51 -0.86 31.64 39.36
N VAL D 52 -1.07 30.55 38.61
CA VAL D 52 -1.28 29.22 39.18
C VAL D 52 -0.28 28.27 38.55
N GLY D 53 0.04 27.20 39.26
CA GLY D 53 0.96 26.19 38.77
C GLY D 53 2.35 26.23 39.35
N GLN D 54 2.63 27.21 40.21
CA GLN D 54 3.98 27.44 40.71
C GLN D 54 4.58 26.16 41.26
N ARG D 55 5.78 25.86 40.79
CA ARG D 55 6.56 24.69 41.20
C ARG D 55 5.93 23.40 40.69
N GLY D 56 4.69 23.45 40.21
CA GLY D 56 4.07 22.21 39.82
C GLY D 56 3.84 22.03 38.33
N GLY D 57 3.28 23.07 37.72
CA GLY D 57 2.87 22.98 36.36
C GLY D 57 1.70 22.02 36.17
N ARG D 58 1.38 21.83 34.88
CA ARG D 58 0.21 21.06 34.43
C ARG D 58 0.23 19.64 34.97
N SER D 59 1.40 19.02 35.08
CA SER D 59 1.38 17.64 35.50
C SER D 59 0.98 17.47 36.98
N GLN D 60 0.73 18.54 37.74
CA GLN D 60 0.33 18.39 39.13
C GLN D 60 -1.07 18.94 39.42
N VAL D 61 -1.86 19.21 38.39
CA VAL D 61 -3.23 19.62 38.62
C VAL D 61 -4.01 18.49 39.26
N SER D 62 -5.03 18.84 40.02
CA SER D 62 -5.92 17.85 40.60
C SER D 62 -7.03 17.47 39.64
N TYR D 63 -7.48 16.21 39.73
CA TYR D 63 -8.55 15.69 38.89
C TYR D 63 -9.68 15.13 39.73
N TYR D 64 -10.91 15.27 39.22
CA TYR D 64 -12.08 14.53 39.75
C TYR D 64 -12.76 13.79 38.61
N PRO D 65 -12.89 12.44 38.69
CA PRO D 65 -12.38 11.63 39.81
C PRO D 65 -10.85 11.67 39.89
N ALA D 66 -10.26 11.38 41.06
CA ALA D 66 -8.82 11.38 41.15
C ALA D 66 -8.20 10.28 40.30
N GLU D 67 -8.90 9.17 40.13
CA GLU D 67 -8.37 8.10 39.29
C GLU D 67 -8.59 8.50 37.84
N ASN D 68 -7.68 9.31 37.32
CA ASN D 68 -7.79 9.85 35.97
C ASN D 68 -6.64 9.30 35.15
N SER D 69 -6.96 8.67 34.02
CA SER D 69 -5.93 8.01 33.23
C SER D 69 -5.43 8.86 32.05
N TYR D 70 -6.21 9.78 31.50
CA TYR D 70 -5.72 10.53 30.34
C TYR D 70 -4.58 11.47 30.69
N SER D 71 -4.43 11.82 31.96
CA SER D 71 -3.29 12.63 32.36
C SER D 71 -2.00 11.81 32.48
N ARG D 72 -2.08 10.49 32.32
CA ARG D 72 -0.85 9.70 32.27
C ARG D 72 -0.13 9.86 30.95
N TRP D 73 -0.73 10.55 30.00
CA TRP D 73 -0.08 10.92 28.75
C TRP D 73 0.00 12.44 28.74
N SER D 74 1.22 12.97 28.89
CA SER D 74 1.40 14.42 28.99
C SER D 74 0.77 15.14 27.79
N GLY D 75 0.79 14.51 26.63
CA GLY D 75 0.38 15.19 25.42
C GLY D 75 -1.08 15.13 25.06
N LEU D 76 -1.95 14.62 25.93
CA LEU D 76 -3.38 14.65 25.68
C LEU D 76 -3.94 15.95 26.24
N LEU D 77 -4.71 16.65 25.42
CA LEU D 77 -5.11 18.01 25.75
C LEU D 77 -6.40 18.04 26.55
N SER D 78 -6.34 18.71 27.69
CA SER D 78 -7.50 19.04 28.51
C SER D 78 -8.33 20.18 27.88
N PRO D 79 -9.60 20.33 28.27
CA PRO D 79 -10.39 21.44 27.69
C PRO D 79 -9.80 22.82 27.95
N CYS D 80 -9.29 23.08 29.16
CA CYS D 80 -8.53 24.30 29.36
C CYS D 80 -7.37 24.37 28.38
N ASP D 81 -6.79 23.23 28.05
CA ASP D 81 -5.64 23.21 27.15
C ASP D 81 -6.04 23.49 25.70
N ALA D 82 -7.07 22.81 25.21
CA ALA D 82 -7.58 23.15 23.90
C ALA D 82 -8.13 24.58 23.88
N ASP D 83 -8.47 25.14 25.04
CA ASP D 83 -8.93 26.52 25.08
C ASP D 83 -7.81 27.46 24.62
N TRP D 84 -6.58 27.20 25.09
CA TRP D 84 -5.46 28.07 24.78
C TRP D 84 -4.99 27.90 23.34
N LEU D 85 -5.35 26.79 22.69
CA LEU D 85 -4.93 26.53 21.33
C LEU D 85 -5.98 26.92 20.31
N GLY D 86 -7.20 27.24 20.74
CA GLY D 86 -8.20 27.83 19.88
C GLY D 86 -9.30 26.90 19.42
N MET D 87 -9.35 25.68 19.91
CA MET D 87 -10.33 24.71 19.44
C MET D 87 -11.68 24.80 20.16
N LEU D 88 -11.72 25.35 21.37
CA LEU D 88 -12.97 25.55 22.09
C LEU D 88 -12.79 26.71 23.07
N VAL D 89 -13.88 27.07 23.75
CA VAL D 89 -13.85 28.10 24.78
C VAL D 89 -14.34 27.50 26.09
N VAL D 90 -13.60 27.76 27.16
CA VAL D 90 -14.05 27.42 28.50
C VAL D 90 -14.69 28.70 29.03
N LYS D 91 -16.02 28.73 28.99
CA LYS D 91 -16.77 29.93 29.33
C LYS D 91 -16.77 30.18 30.83
N LYS D 92 -16.91 31.46 31.21
CA LYS D 92 -17.10 31.81 32.60
C LYS D 92 -18.48 31.35 33.07
N ALA D 93 -18.53 30.84 34.29
CA ALA D 93 -19.77 30.33 34.83
C ALA D 93 -20.81 31.44 34.95
N LYS D 94 -22.05 31.12 34.56
CA LYS D 94 -23.20 31.94 34.86
C LYS D 94 -23.77 31.48 36.19
N GLY D 95 -24.83 32.14 36.66
CA GLY D 95 -25.48 31.67 37.86
C GLY D 95 -26.28 30.40 37.67
N SER D 96 -26.65 30.09 36.41
CA SER D 96 -27.43 28.91 36.08
C SER D 96 -26.57 27.66 35.92
N ASP D 97 -25.28 27.82 35.72
CA ASP D 97 -24.41 26.67 35.59
C ASP D 97 -24.29 25.97 36.94
N MET D 98 -24.74 24.70 36.99
CA MET D 98 -24.79 23.97 38.25
C MET D 98 -23.40 23.52 38.66
N ILE D 99 -23.02 23.79 39.90
CA ILE D 99 -21.77 23.24 40.40
C ILE D 99 -22.02 21.81 40.85
N VAL D 100 -21.27 20.89 40.28
CA VAL D 100 -21.56 19.46 40.36
C VAL D 100 -21.02 18.90 41.67
N PRO D 101 -21.81 18.10 42.39
CA PRO D 101 -21.32 17.48 43.65
C PRO D 101 -20.38 16.30 43.42
N GLY D 102 -19.38 16.18 44.31
CA GLY D 102 -18.40 15.11 44.26
C GLY D 102 -16.93 15.55 44.38
N PRO D 103 -16.53 16.62 43.70
CA PRO D 103 -15.15 17.09 43.84
C PRO D 103 -14.87 17.78 45.17
N SER D 104 -13.61 17.69 45.60
CA SER D 104 -13.06 18.50 46.70
C SER D 104 -12.78 19.91 46.18
N TYR D 105 -13.75 20.80 46.39
CA TYR D 105 -13.64 22.18 45.94
C TYR D 105 -12.91 23.09 46.93
N LYS D 106 -12.82 22.74 48.21
CA LYS D 106 -12.29 23.66 49.23
C LYS D 106 -10.86 24.08 48.91
N GLY D 107 -10.64 25.40 48.81
CA GLY D 107 -9.32 25.92 48.50
C GLY D 107 -8.99 26.01 47.03
N LYS D 108 -9.85 25.52 46.15
CA LYS D 108 -9.57 25.67 44.74
C LYS D 108 -9.75 27.13 44.34
N VAL D 109 -8.94 27.55 43.37
CA VAL D 109 -9.06 28.88 42.82
C VAL D 109 -9.70 28.84 41.45
N PHE D 110 -9.51 27.76 40.72
CA PHE D 110 -10.18 27.55 39.46
C PHE D 110 -10.58 26.08 39.36
N PHE D 111 -11.80 25.83 38.92
CA PHE D 111 -12.14 24.50 38.46
C PHE D 111 -12.97 24.63 37.20
N GLU D 112 -12.89 23.57 36.38
CA GLU D 112 -13.58 23.49 35.11
C GLU D 112 -14.22 22.11 35.02
N ARG D 113 -15.44 22.05 34.49
CA ARG D 113 -16.05 20.78 34.16
C ARG D 113 -16.63 20.86 32.77
N PRO D 114 -16.61 19.76 32.03
CA PRO D 114 -17.37 19.71 30.79
C PRO D 114 -18.85 19.72 31.10
N THR D 115 -19.60 20.54 30.36
CA THR D 115 -21.04 20.61 30.45
C THR D 115 -21.67 20.10 29.17
N PHE D 116 -22.99 19.89 29.22
CA PHE D 116 -23.66 19.26 28.10
C PHE D 116 -23.57 20.10 26.83
N ASP D 117 -23.46 21.41 26.96
CA ASP D 117 -23.50 22.32 25.83
C ASP D 117 -22.21 23.13 25.69
N GLY D 118 -21.19 22.83 26.49
CA GLY D 118 -19.93 23.55 26.38
C GLY D 118 -18.97 23.14 27.47
N TYR D 119 -18.14 24.09 27.87
CA TYR D 119 -17.22 23.90 28.98
C TYR D 119 -17.25 25.17 29.83
N VAL D 120 -17.44 25.01 31.13
CA VAL D 120 -17.63 26.14 32.03
C VAL D 120 -16.55 26.09 33.11
N GLY D 121 -15.96 27.26 33.37
CA GLY D 121 -14.97 27.41 34.42
C GLY D 121 -15.46 28.37 35.48
N TRP D 122 -15.14 28.07 36.74
CA TRP D 122 -15.44 28.93 37.89
C TRP D 122 -14.14 29.50 38.42
N GLY D 123 -14.09 30.82 38.61
CA GLY D 123 -12.88 31.41 39.16
C GLY D 123 -13.10 32.07 40.51
N CYS D 124 -12.03 32.35 41.23
CA CYS D 124 -12.09 33.15 42.45
C CYS D 124 -11.13 34.31 42.32
N GLY D 125 -11.43 35.43 42.99
CA GLY D 125 -10.57 36.59 42.93
C GLY D 125 -9.25 36.39 43.68
N SER D 126 -8.41 37.43 43.62
CA SER D 126 -7.15 37.41 44.37
C SER D 126 -7.46 37.48 45.86
N GLY D 127 -6.81 36.63 46.64
CA GLY D 127 -7.10 36.51 48.06
C GLY D 127 -8.33 35.71 48.43
N LYS D 128 -8.91 34.95 47.50
CA LYS D 128 -10.08 34.12 47.78
C LYS D 128 -9.82 32.72 47.27
N SER D 129 -10.53 31.75 47.85
CA SER D 129 -10.59 30.38 47.34
C SER D 129 -11.99 29.85 47.63
N ARG D 130 -12.27 28.64 47.14
CA ARG D 130 -13.62 28.09 47.19
C ARG D 130 -13.93 27.48 48.55
N THR D 131 -15.17 27.65 48.98
CA THR D 131 -15.66 26.91 50.14
C THR D 131 -15.75 25.42 49.79
N GLU D 132 -15.97 24.57 50.80
CA GLU D 132 -15.89 23.12 50.59
C GLU D 132 -16.99 22.64 49.64
N SER D 133 -18.22 23.11 49.85
CA SER D 133 -19.30 22.79 48.92
C SER D 133 -19.01 23.36 47.53
N GLY D 134 -18.39 24.54 47.46
CA GLY D 134 -17.93 25.12 46.21
C GLY D 134 -18.76 26.22 45.59
N GLU D 135 -19.87 26.63 46.21
CA GLU D 135 -20.71 27.65 45.60
C GLU D 135 -20.08 29.04 45.68
N LEU D 136 -19.27 29.31 46.71
CA LEU D 136 -18.90 30.67 47.07
C LEU D 136 -17.38 30.79 47.17
N CYS D 137 -16.89 32.02 46.99
CA CYS D 137 -15.48 32.37 47.20
C CYS D 137 -15.35 33.16 48.49
N SER D 138 -14.39 32.78 49.33
CA SER D 138 -14.18 33.44 50.60
C SER D 138 -12.69 33.67 50.81
N SER D 139 -12.37 34.57 51.73
CA SER D 139 -10.98 34.94 51.95
C SER D 139 -10.17 33.77 52.49
N ASP D 140 -8.97 33.60 51.93
CA ASP D 140 -8.05 32.52 52.23
C ASP D 140 -6.65 33.12 52.47
N SER D 141 -6.00 32.71 53.55
CA SER D 141 -4.68 33.23 53.88
C SER D 141 -3.65 32.85 52.81
N GLY D 142 -3.72 31.61 52.32
CA GLY D 142 -2.70 31.02 51.46
C GLY D 142 -2.68 31.46 50.02
N THR D 143 -3.63 32.30 49.63
CA THR D 143 -3.71 32.82 48.28
C THR D 143 -3.15 34.22 48.14
N SER D 144 -2.65 34.80 49.23
CA SER D 144 -2.26 36.22 49.24
C SER D 144 -1.08 36.48 48.30
N SER D 145 -0.09 35.57 48.27
CA SER D 145 0.98 35.66 47.29
C SER D 145 0.44 35.99 45.91
N GLY D 146 -0.61 35.28 45.48
CA GLY D 146 -1.06 35.39 44.10
C GLY D 146 -0.26 34.57 43.12
N LEU D 147 0.71 33.78 43.58
CA LEU D 147 1.43 32.81 42.76
C LEU D 147 1.26 31.46 43.46
N LEU D 148 0.28 30.66 43.03
CA LEU D 148 -0.27 29.57 43.82
C LEU D 148 0.12 28.19 43.29
N PRO D 149 0.11 27.17 44.16
CA PRO D 149 0.56 25.83 43.72
C PRO D 149 -0.44 25.18 42.78
N SER D 150 0.02 24.11 42.11
CA SER D 150 -0.86 23.38 41.18
C SER D 150 -2.11 22.81 41.85
N ASP D 151 -2.03 22.40 43.11
CA ASP D 151 -3.20 21.83 43.78
C ASP D 151 -4.39 22.78 43.83
N ARG D 152 -4.22 24.06 43.50
CA ARG D 152 -5.34 25.00 43.55
C ARG D 152 -6.16 25.02 42.26
N VAL D 153 -5.83 24.15 41.29
CA VAL D 153 -6.59 24.02 40.05
C VAL D 153 -7.25 22.65 40.01
N LEU D 154 -8.55 22.62 39.69
CA LEU D 154 -9.29 21.36 39.65
C LEU D 154 -9.90 21.18 38.25
N TRP D 155 -9.53 20.10 37.57
CA TRP D 155 -10.15 19.76 36.29
C TRP D 155 -11.08 18.56 36.47
N ILE D 156 -12.37 18.79 36.24
CA ILE D 156 -13.38 17.77 36.44
C ILE D 156 -13.48 16.89 35.19
N GLY D 157 -13.21 15.60 35.35
CA GLY D 157 -13.40 14.66 34.26
C GLY D 157 -12.10 14.01 33.83
N ASP D 158 -12.27 12.95 33.03
CA ASP D 158 -11.24 12.21 32.30
C ASP D 158 -11.48 12.54 30.83
N VAL D 159 -10.82 13.58 30.33
CA VAL D 159 -11.21 14.22 29.08
C VAL D 159 -10.02 14.31 28.15
N ALA D 160 -10.25 14.07 26.85
CA ALA D 160 -9.24 14.33 25.82
C ALA D 160 -9.81 15.15 24.67
N CYS D 161 -9.06 16.16 24.22
CA CYS D 161 -9.49 17.04 23.13
C CYS D 161 -8.47 17.06 22.00
N GLN D 162 -8.94 17.25 20.77
CA GLN D 162 -8.13 17.01 19.58
C GLN D 162 -8.79 17.70 18.38
N PRO D 163 -8.03 17.92 17.29
CA PRO D 163 -8.66 18.34 16.02
C PRO D 163 -9.68 17.32 15.57
N MET D 164 -10.87 17.80 15.23
CA MET D 164 -12.02 16.97 14.88
C MET D 164 -12.18 16.89 13.36
N THR D 165 -12.90 15.85 12.92
CA THR D 165 -13.38 15.79 11.55
C THR D 165 -14.85 16.20 11.55
N PRO D 166 -15.21 17.34 10.96
CA PRO D 166 -16.60 17.81 11.05
C PRO D 166 -17.58 16.82 10.44
N ILE D 167 -18.79 16.81 10.98
CA ILE D 167 -19.86 15.97 10.43
C ILE D 167 -21.06 16.85 10.11
N PRO D 168 -21.85 16.51 9.10
CA PRO D 168 -23.01 17.35 8.75
C PRO D 168 -24.15 17.16 9.73
N GLU D 169 -25.07 18.15 9.71
CA GLU D 169 -26.25 18.13 10.59
C GLU D 169 -26.99 16.79 10.53
N GLU D 170 -27.28 16.29 9.31
CA GLU D 170 -27.98 15.01 9.16
C GLU D 170 -27.32 13.88 9.93
N THR D 171 -25.98 13.83 9.93
CA THR D 171 -25.26 12.80 10.68
C THR D 171 -25.25 13.10 12.18
N PHE D 172 -25.35 14.37 12.55
CA PHE D 172 -25.46 14.75 13.96
C PHE D 172 -26.79 14.28 14.55
N LEU D 173 -27.90 14.59 13.88
CA LEU D 173 -29.19 14.14 14.41
C LEU D 173 -29.25 12.62 14.51
N GLU D 174 -28.70 11.91 13.53
CA GLU D 174 -28.69 10.45 13.61
C GLU D 174 -28.03 9.99 14.90
N LEU D 175 -26.96 10.67 15.34
CA LEU D 175 -26.32 10.37 16.62
C LEU D 175 -27.16 10.85 17.80
N LYS D 176 -27.65 12.10 17.74
CA LYS D 176 -28.39 12.68 18.86
C LYS D 176 -29.64 11.88 19.18
N SER D 177 -30.38 11.48 18.15
CA SER D 177 -31.62 10.71 18.34
C SER D 177 -31.32 9.31 18.82
N PHE D 178 -30.24 8.72 18.30
CA PHE D 178 -29.75 7.46 18.85
C PHE D 178 -29.34 7.63 20.31
N SER D 179 -28.70 8.76 20.63
CA SER D 179 -28.31 9.04 22.02
C SER D 179 -29.52 9.15 22.94
N GLN D 180 -30.65 9.63 22.43
CA GLN D 180 -31.88 9.59 23.21
C GLN D 180 -32.40 8.17 23.42
N SER D 181 -32.16 7.26 22.46
CA SER D 181 -32.78 5.95 22.51
C SER D 181 -32.29 5.12 23.69
N GLU D 182 -31.03 5.26 24.09
CA GLU D 182 -30.56 4.57 25.28
C GLU D 182 -30.81 5.35 26.57
N PHE D 183 -31.26 6.59 26.49
CA PHE D 183 -31.54 7.41 27.68
C PHE D 183 -32.98 7.93 27.63
N PRO D 184 -33.97 7.05 27.85
CA PRO D 184 -35.37 7.48 27.84
C PRO D 184 -35.80 7.99 29.22
N ASP D 185 -35.06 7.60 30.27
CA ASP D 185 -35.34 8.03 31.63
C ASP D 185 -34.58 9.31 32.01
N ILE D 186 -33.96 9.99 31.05
CA ILE D 186 -33.37 11.30 31.25
C ILE D 186 -34.31 12.34 30.67
N CYS D 187 -34.36 13.52 31.28
CA CYS D 187 -35.18 14.60 30.76
C CYS D 187 -34.35 15.79 30.32
N LYS D 188 -33.46 16.26 31.18
CA LYS D 188 -32.57 17.35 30.81
C LYS D 188 -31.20 17.07 31.43
N ILE D 189 -30.17 17.63 30.80
CA ILE D 189 -28.79 17.55 31.27
C ILE D 189 -28.24 18.97 31.34
N ASP D 190 -27.77 19.37 32.52
CA ASP D 190 -27.18 20.70 32.70
C ASP D 190 -28.09 21.81 32.16
N GLY D 191 -29.41 21.62 32.27
CA GLY D 191 -30.35 22.65 31.89
C GLY D 191 -30.94 22.53 30.50
N ILE D 192 -30.48 21.58 29.70
CA ILE D 192 -30.92 21.45 28.31
C ILE D 192 -31.75 20.18 28.18
N VAL D 193 -32.87 20.27 27.45
CA VAL D 193 -33.81 19.17 27.34
C VAL D 193 -33.24 18.04 26.48
N PHE D 194 -33.27 16.82 27.01
CA PHE D 194 -32.76 15.64 26.33
C PHE D 194 -33.86 14.88 25.60
N ASN D 195 -34.93 14.49 26.30
CA ASN D 195 -36.16 13.95 25.74
C ASN D 195 -37.28 14.45 26.64
N GLN D 196 -38.50 14.58 26.08
CA GLN D 196 -39.65 14.99 26.89
C GLN D 196 -40.12 13.89 27.82
N CYS D 197 -40.49 14.28 29.05
CA CYS D 197 -40.95 13.33 30.06
C CYS D 197 -42.25 13.71 30.76
N GLU D 198 -42.52 15.03 30.83
CA GLU D 198 -43.63 15.64 31.57
C GLU D 198 -43.22 15.79 33.03
N GLY D 199 -43.08 14.69 33.75
CA GLY D 199 -42.58 14.74 35.12
C GLY D 199 -41.09 14.52 35.23
N GLU D 200 -40.34 15.52 35.71
CA GLU D 200 -38.90 15.39 35.92
C GLU D 200 -38.54 15.69 37.37
N SER D 201 -37.58 14.91 37.88
CA SER D 201 -37.13 15.02 39.25
C SER D 201 -36.23 16.24 39.42
N LEU D 202 -35.63 16.40 40.59
CA LEU D 202 -34.64 17.45 40.81
C LEU D 202 -33.28 17.01 40.26
N PRO D 203 -32.41 17.96 39.92
CA PRO D 203 -31.14 17.59 39.30
C PRO D 203 -30.22 16.85 40.27
N GLN D 204 -29.44 15.93 39.70
CA GLN D 204 -28.61 15.03 40.49
C GLN D 204 -27.36 14.68 39.69
N PRO D 205 -26.32 14.17 40.36
CA PRO D 205 -25.08 13.81 39.65
C PRO D 205 -25.30 12.71 38.62
N PHE D 206 -24.57 12.81 37.51
CA PHE D 206 -24.73 11.93 36.35
C PHE D 206 -23.34 11.71 35.74
N ASP D 207 -22.75 10.53 36.00
CA ASP D 207 -21.46 10.17 35.42
C ASP D 207 -21.67 9.41 34.11
N VAL D 208 -21.13 9.93 33.00
CA VAL D 208 -21.40 9.34 31.68
C VAL D 208 -20.26 9.62 30.71
N ALA D 209 -20.11 8.75 29.71
CA ALA D 209 -19.20 8.97 28.58
C ALA D 209 -19.92 9.71 27.46
N TRP D 210 -19.17 10.58 26.77
CA TRP D 210 -19.75 11.48 25.79
C TRP D 210 -18.63 11.90 24.83
N MET D 211 -19.04 12.51 23.73
CA MET D 211 -18.10 13.17 22.84
C MET D 211 -18.72 14.47 22.33
N ASP D 212 -17.86 15.43 22.01
CA ASP D 212 -18.25 16.69 21.39
C ASP D 212 -17.91 16.59 19.90
N VAL D 213 -18.93 16.60 19.06
CA VAL D 213 -18.74 16.41 17.62
C VAL D 213 -18.79 17.75 16.89
N GLY D 214 -18.49 18.82 17.61
CA GLY D 214 -18.39 20.15 17.03
C GLY D 214 -19.72 20.76 16.67
N HIS D 215 -20.72 20.58 17.53
CA HIS D 215 -22.07 20.97 17.19
C HIS D 215 -22.76 21.55 18.42
N SER D 216 -24.09 21.71 18.33
CA SER D 216 -24.83 22.46 19.34
C SER D 216 -24.82 21.81 20.71
N HIS D 217 -24.57 20.51 20.80
CA HIS D 217 -24.38 19.90 22.11
C HIS D 217 -23.64 18.57 21.94
N LYS D 218 -23.32 17.96 23.08
CA LYS D 218 -22.56 16.72 23.12
C LYS D 218 -23.43 15.51 22.79
N ILE D 219 -22.78 14.41 22.42
CA ILE D 219 -23.44 13.13 22.21
C ILE D 219 -23.03 12.23 23.36
N ILE D 220 -23.91 12.00 24.30
CA ILE D 220 -23.58 11.08 25.38
C ILE D 220 -23.82 9.66 24.90
N MET D 221 -22.99 8.73 25.34
CA MET D 221 -22.99 7.38 24.80
C MET D 221 -22.92 6.36 25.92
N ARG D 222 -23.59 5.23 25.70
CA ARG D 222 -23.48 4.06 26.55
C ARG D 222 -22.76 2.93 25.82
N GLU D 223 -23.28 2.53 24.67
CA GLU D 223 -22.77 1.40 23.90
C GLU D 223 -21.93 1.98 22.76
N HIS D 224 -20.62 2.13 23.01
CA HIS D 224 -19.71 2.65 22.00
C HIS D 224 -18.39 1.90 22.10
N LYS D 225 -17.54 2.14 21.09
CA LYS D 225 -16.19 1.58 21.02
C LYS D 225 -15.24 2.68 20.55
N THR D 226 -14.00 2.63 21.02
CA THR D 226 -12.98 3.63 20.69
C THR D 226 -11.76 2.93 20.12
N LYS D 227 -11.12 3.55 19.14
CA LYS D 227 -9.80 3.13 18.68
C LYS D 227 -8.90 4.35 18.67
N TRP D 228 -7.59 4.14 18.83
CA TRP D 228 -6.60 5.23 18.83
C TRP D 228 -5.58 5.05 17.71
N VAL D 229 -5.40 6.09 16.89
CA VAL D 229 -4.59 6.05 15.67
C VAL D 229 -3.41 7.03 15.79
N GLN D 230 -2.18 6.50 15.84
CA GLN D 230 -0.98 7.34 15.90
C GLN D 230 -0.82 7.99 14.54
N GLU D 231 -1.22 9.25 14.42
CA GLU D 231 -1.22 9.92 13.12
C GLU D 231 0.03 10.77 12.87
N SER D 232 0.80 11.05 13.91
CA SER D 232 2.17 11.58 13.76
C SER D 232 2.24 12.71 12.72
N SER D 233 1.25 13.62 12.78
CA SER D 233 1.17 14.82 11.95
C SER D 233 1.94 15.98 12.61
N SER D 234 1.71 17.21 12.18
CA SER D 234 2.54 18.31 12.65
C SER D 234 2.23 18.68 14.10
N LYS D 235 0.99 18.45 14.55
CA LYS D 235 0.65 18.73 15.94
C LYS D 235 1.35 17.78 16.90
N ASP D 236 1.87 16.68 16.38
CA ASP D 236 2.39 15.59 17.20
C ASP D 236 3.84 15.76 17.55
N PHE D 237 4.46 16.87 17.15
CA PHE D 237 5.85 17.18 17.41
C PHE D 237 6.00 18.55 18.06
N VAL D 238 6.96 18.67 18.97
CA VAL D 238 7.28 19.95 19.62
C VAL D 238 8.76 20.22 19.41
N CYS D 239 9.09 21.49 19.18
CA CYS D 239 10.46 21.90 18.86
C CYS D 239 11.05 22.76 19.97
N TYR D 240 12.31 22.49 20.28
CA TYR D 240 12.89 23.07 21.48
C TYR D 240 14.42 23.04 21.38
N LYS D 241 15.03 23.88 22.19
CA LYS D 241 16.47 23.99 22.30
C LYS D 241 16.83 23.62 23.73
N GLU D 242 17.68 22.62 23.90
CA GLU D 242 17.97 22.08 25.23
C GLU D 242 18.71 23.12 26.05
N GLY D 243 18.13 23.50 27.19
CA GLY D 243 18.68 24.50 28.07
C GLY D 243 18.00 25.87 28.01
N THR D 244 17.28 26.17 26.93
CA THR D 244 16.61 27.46 26.84
C THR D 244 15.14 27.38 26.43
N GLY D 245 14.53 26.19 26.49
CA GLY D 245 13.09 26.07 26.28
C GLY D 245 12.67 25.96 24.83
N PRO D 246 11.39 26.23 24.55
CA PRO D 246 10.84 25.96 23.22
C PRO D 246 11.59 26.74 22.14
N CYS D 247 11.28 26.39 20.90
CA CYS D 247 11.77 27.13 19.75
C CYS D 247 10.78 28.23 19.33
N SER D 248 11.25 29.11 18.46
CA SER D 248 10.45 30.22 18.00
C SER D 248 9.36 29.77 17.04
N GLU D 249 8.36 30.64 16.85
CA GLU D 249 7.42 30.42 15.76
C GLU D 249 8.20 30.29 14.46
N SER D 250 9.07 31.25 14.20
CA SER D 250 9.97 31.16 13.06
C SER D 250 10.76 29.85 13.10
N GLU D 251 11.62 29.69 14.12
CA GLU D 251 12.55 28.56 14.17
C GLU D 251 11.82 27.22 14.03
N GLU D 252 10.63 27.11 14.63
CA GLU D 252 9.85 25.89 14.52
C GLU D 252 9.35 25.69 13.09
N LYS D 253 8.76 26.75 12.52
CA LYS D 253 8.16 26.61 11.19
C LYS D 253 9.20 26.20 10.16
N THR D 254 10.40 26.77 10.26
CA THR D 254 11.50 26.32 9.42
C THR D 254 11.85 24.86 9.71
N CYS D 255 11.80 24.45 10.98
CA CYS D 255 12.23 23.10 11.36
C CYS D 255 11.21 22.02 10.99
N LYS D 256 9.95 22.37 10.80
CA LYS D 256 8.97 21.44 10.27
C LYS D 256 8.84 21.52 8.75
N THR D 257 9.71 22.26 8.07
CA THR D 257 9.59 22.36 6.61
C THR D 257 10.92 22.16 5.89
N SER D 258 12.04 22.46 6.55
CA SER D 258 13.33 22.40 5.89
C SER D 258 13.90 20.99 5.81
N GLY D 259 13.55 20.11 6.75
CA GLY D 259 14.24 18.84 6.81
C GLY D 259 15.66 18.94 7.32
N SER D 260 16.04 20.09 7.89
CA SER D 260 17.43 20.45 8.21
C SER D 260 17.82 20.26 9.67
N CYS D 261 16.91 20.41 10.62
CA CYS D 261 17.30 20.37 12.03
C CYS D 261 17.19 18.95 12.59
N ARG D 262 17.39 18.84 13.90
CA ARG D 262 17.51 17.58 14.63
C ARG D 262 16.16 17.06 15.13
N GLY D 263 16.13 15.76 15.42
CA GLY D 263 14.91 15.17 15.93
C GLY D 263 15.12 13.76 16.42
N ASP D 264 14.03 13.15 16.87
CA ASP D 264 14.01 11.76 17.27
C ASP D 264 13.70 10.86 16.06
N MET D 265 13.65 9.55 16.30
CA MET D 265 13.47 8.56 15.23
C MET D 265 12.29 8.91 14.34
N GLN D 266 11.15 9.26 14.94
CA GLN D 266 9.98 9.50 14.11
C GLN D 266 10.06 10.84 13.38
N PHE D 267 10.67 11.85 13.97
CA PHE D 267 10.75 13.15 13.29
C PHE D 267 11.58 13.06 12.02
N CYS D 268 12.71 12.32 12.06
CA CYS D 268 13.45 12.09 10.83
C CYS D 268 12.62 11.30 9.83
N LYS D 269 11.85 10.32 10.29
CA LYS D 269 11.16 9.43 9.38
C LYS D 269 10.12 10.17 8.57
N VAL D 270 9.45 11.16 9.17
CA VAL D 270 8.35 11.81 8.49
C VAL D 270 8.68 13.20 8.00
N ALA D 271 9.68 13.87 8.57
CA ALA D 271 9.92 15.28 8.28
C ALA D 271 11.32 15.58 7.74
N GLY D 272 12.33 14.84 8.14
CA GLY D 272 13.66 15.12 7.66
C GLY D 272 14.65 15.50 8.73
N CYS D 273 15.73 14.73 8.84
CA CYS D 273 16.76 14.96 9.83
C CYS D 273 18.04 15.41 9.17
N GLU D 274 18.85 16.15 9.92
CA GLU D 274 20.28 16.29 9.65
C GLU D 274 20.96 16.60 10.97
N HIS D 275 21.86 15.72 11.41
CA HIS D 275 22.64 15.89 12.62
C HIS D 275 24.11 16.09 12.26
N GLY D 276 24.74 17.10 12.86
CA GLY D 276 26.14 17.41 12.59
C GLY D 276 26.32 18.65 11.73
N LYS D 283 19.65 23.81 14.51
CA LYS D 283 20.05 23.85 15.92
C LYS D 283 18.93 23.28 16.80
N CYS D 284 17.70 23.74 16.61
CA CYS D 284 16.55 23.23 17.34
C CYS D 284 16.25 21.77 17.02
N ARG D 285 15.60 21.09 17.97
CA ARG D 285 15.18 19.71 17.83
C ARG D 285 13.68 19.56 18.02
N CYS D 286 13.05 18.64 17.27
CA CYS D 286 11.64 18.34 17.45
C CYS D 286 11.43 16.85 17.72
N SER D 287 10.54 16.54 18.64
CA SER D 287 10.28 15.17 19.03
C SER D 287 8.78 14.99 19.27
N LEU D 288 8.36 13.72 19.22
CA LEU D 288 6.96 13.37 19.37
C LEU D 288 6.44 13.72 20.76
N VAL D 289 5.23 14.27 20.79
CA VAL D 289 4.54 14.49 22.04
C VAL D 289 3.92 13.17 22.49
N HIS D 290 4.07 12.83 23.78
CA HIS D 290 3.61 11.54 24.27
C HIS D 290 2.09 11.56 24.45
N LYS D 291 1.38 10.87 23.56
CA LYS D 291 -0.05 10.63 23.61
C LYS D 291 -0.35 9.47 22.67
N PRO D 292 -1.41 8.68 22.93
CA PRO D 292 -1.70 7.51 22.09
C PRO D 292 -2.35 7.79 20.75
N GLY D 293 -2.70 9.04 20.41
CA GLY D 293 -3.14 9.35 19.06
C GLY D 293 -4.46 10.10 19.04
N GLU D 294 -5.15 10.02 17.91
CA GLU D 294 -6.48 10.59 17.77
C GLU D 294 -7.51 9.55 18.11
N VAL D 295 -8.43 9.89 19.00
CA VAL D 295 -9.44 8.91 19.35
C VAL D 295 -10.51 8.98 18.26
N VAL D 296 -10.93 7.80 17.79
CA VAL D 296 -12.02 7.67 16.83
C VAL D 296 -13.08 6.84 17.50
N VAL D 297 -14.33 7.29 17.41
CA VAL D 297 -15.42 6.71 18.18
C VAL D 297 -16.37 6.02 17.23
N SER D 298 -16.87 4.86 17.66
CA SER D 298 -17.91 4.13 16.97
C SER D 298 -19.15 4.14 17.86
N TYR D 299 -20.17 4.88 17.42
CA TYR D 299 -21.43 4.96 18.15
C TYR D 299 -22.54 4.87 17.12
N GLY D 300 -23.53 4.02 17.40
CA GLY D 300 -24.68 3.89 16.54
C GLY D 300 -24.31 3.58 15.09
N GLY D 301 -23.25 2.81 14.89
CA GLY D 301 -22.92 2.43 13.54
C GLY D 301 -22.15 3.43 12.72
N MET D 302 -21.74 4.55 13.31
CA MET D 302 -21.00 5.60 12.60
C MET D 302 -19.59 5.68 13.19
N ARG D 303 -18.60 6.11 12.41
CA ARG D 303 -17.24 6.28 12.94
C ARG D 303 -17.02 7.77 12.85
N VAL D 304 -16.79 8.48 13.97
CA VAL D 304 -16.48 9.91 13.90
C VAL D 304 -15.22 10.18 14.72
N ARG D 305 -14.51 11.24 14.36
CA ARG D 305 -13.35 11.73 15.10
C ARG D 305 -13.76 12.99 15.86
N PRO D 306 -14.15 12.88 17.12
CA PRO D 306 -14.72 14.02 17.83
C PRO D 306 -13.64 15.03 18.21
N LYS D 307 -14.12 16.21 18.62
CA LYS D 307 -13.26 17.28 19.12
C LYS D 307 -12.80 17.02 20.54
N CYS D 308 -13.72 16.59 21.41
CA CYS D 308 -13.39 16.11 22.74
C CYS D 308 -14.20 14.85 23.03
N TYR D 309 -13.60 13.95 23.78
CA TYR D 309 -14.23 12.71 24.19
C TYR D 309 -13.80 12.40 25.61
N GLY D 310 -14.74 12.00 26.45
CA GLY D 310 -14.35 11.63 27.80
C GLY D 310 -15.50 11.15 28.65
N PHE D 311 -15.20 10.92 29.92
CA PHE D 311 -16.18 10.47 30.90
C PHE D 311 -16.12 11.40 32.11
N SER D 312 -17.16 12.20 32.29
CA SER D 312 -17.21 13.23 33.29
C SER D 312 -18.56 13.20 34.02
N ARG D 313 -18.68 14.03 35.05
CA ARG D 313 -19.91 14.14 35.84
C ARG D 313 -20.69 15.41 35.46
N MET D 314 -21.99 15.27 35.18
CA MET D 314 -22.85 16.41 34.91
C MET D 314 -24.12 16.35 35.76
N MET D 315 -24.99 17.32 35.51
CA MET D 315 -26.27 17.43 36.20
C MET D 315 -27.34 17.00 35.21
N ALA D 316 -28.20 16.08 35.63
CA ALA D 316 -29.32 15.64 34.79
C ALA D 316 -30.52 15.33 35.67
N THR D 317 -31.71 15.45 35.10
CA THR D 317 -32.97 15.14 35.76
C THR D 317 -33.54 13.83 35.24
N LEU D 318 -34.23 13.10 36.10
CA LEU D 318 -34.79 11.80 35.75
C LEU D 318 -36.30 11.89 35.53
N GLU D 319 -36.86 10.81 34.98
CA GLU D 319 -38.27 10.72 34.66
C GLU D 319 -39.12 10.38 35.89
N VAL D 320 -40.31 10.98 35.98
CA VAL D 320 -41.24 10.66 37.06
C VAL D 320 -42.69 10.88 36.64
N GLN E 1 -6.21 -32.46 7.07
CA GLN E 1 -6.90 -31.57 8.00
C GLN E 1 -5.95 -30.51 8.60
N VAL E 2 -6.03 -29.28 8.06
CA VAL E 2 -5.02 -28.25 8.25
C VAL E 2 -4.84 -27.88 9.72
N GLN E 3 -3.59 -27.68 10.14
CA GLN E 3 -3.23 -27.37 11.52
C GLN E 3 -2.30 -26.17 11.59
N LEU E 4 -2.47 -25.36 12.63
CA LEU E 4 -1.63 -24.21 12.95
C LEU E 4 -1.29 -24.27 14.42
N VAL E 5 -0.01 -24.15 14.76
CA VAL E 5 0.45 -24.27 16.14
C VAL E 5 1.33 -23.07 16.47
N GLN E 6 0.86 -22.22 17.37
CA GLN E 6 1.63 -21.04 17.72
C GLN E 6 2.50 -21.31 18.95
N SER E 7 3.49 -20.46 19.15
CA SER E 7 4.32 -20.51 20.34
C SER E 7 3.51 -20.10 21.58
N GLY E 8 4.07 -20.40 22.76
CA GLY E 8 3.39 -20.16 24.03
C GLY E 8 3.39 -18.71 24.47
N ALA E 9 2.71 -18.47 25.59
CA ALA E 9 2.37 -17.11 26.02
C ALA E 9 3.61 -16.34 26.44
N GLU E 10 3.49 -15.00 26.44
CA GLU E 10 4.61 -14.13 26.78
C GLU E 10 4.22 -13.04 27.76
N VAL E 11 5.17 -12.67 28.60
CA VAL E 11 5.09 -11.53 29.51
C VAL E 11 6.41 -10.78 29.33
N LYS E 12 6.38 -9.65 28.60
CA LYS E 12 7.57 -8.84 28.35
C LYS E 12 7.39 -7.45 28.93
N LYS E 13 8.54 -6.70 29.06
CA LYS E 13 8.52 -5.31 29.50
C LYS E 13 8.31 -4.39 28.32
N PRO E 14 7.73 -3.20 28.53
CA PRO E 14 7.71 -2.21 27.44
C PRO E 14 9.12 -1.90 27.00
N GLY E 15 9.35 -1.94 25.69
CA GLY E 15 10.67 -1.72 25.12
C GLY E 15 11.41 -2.95 24.68
N GLU E 16 10.99 -4.15 25.06
CA GLU E 16 11.72 -5.33 24.65
C GLU E 16 11.33 -5.72 23.22
N SER E 17 12.04 -6.71 22.69
CA SER E 17 11.79 -7.26 21.37
C SER E 17 11.21 -8.66 21.51
N LEU E 18 10.19 -8.97 20.71
CA LEU E 18 9.49 -10.25 20.81
C LEU E 18 9.24 -10.85 19.43
N THR E 19 9.33 -12.17 19.35
CA THR E 19 8.93 -12.91 18.16
C THR E 19 7.97 -14.02 18.54
N ILE E 20 6.84 -14.11 17.85
CA ILE E 20 5.95 -15.24 18.07
C ILE E 20 5.79 -15.95 16.73
N SER E 21 5.74 -17.26 16.79
CA SER E 21 5.87 -18.09 15.62
C SER E 21 4.58 -18.87 15.43
N CYS E 22 4.35 -19.32 14.22
CA CYS E 22 3.16 -20.12 13.94
C CYS E 22 3.58 -21.23 13.00
N GLU E 23 3.56 -22.46 13.49
CA GLU E 23 3.98 -23.63 12.72
C GLU E 23 2.81 -24.22 11.95
N THR E 24 3.05 -24.55 10.70
CA THR E 24 2.02 -25.03 9.78
C THR E 24 2.34 -26.44 9.33
N SER E 25 1.30 -27.26 9.26
CA SER E 25 1.47 -28.63 8.80
C SER E 25 0.21 -29.07 8.09
N ARG E 26 0.38 -30.11 7.26
CA ARG E 26 -0.67 -30.85 6.56
C ARG E 26 -1.21 -30.14 5.32
N TYR E 27 -0.47 -29.18 4.75
CA TYR E 27 -0.78 -28.58 3.46
C TYR E 27 0.48 -27.88 2.95
N ASN E 28 0.61 -27.79 1.62
CA ASN E 28 1.81 -27.21 1.02
C ASN E 28 1.85 -25.73 1.43
N PHE E 29 2.84 -25.38 2.27
CA PHE E 29 2.93 -24.06 2.87
C PHE E 29 3.15 -22.94 1.84
N THR E 30 3.57 -23.28 0.61
CA THR E 30 4.15 -22.28 -0.28
C THR E 30 3.13 -21.51 -1.10
N TYR E 31 1.93 -22.05 -1.32
CA TYR E 31 0.99 -21.36 -2.19
C TYR E 31 -0.32 -21.07 -1.48
N HIS E 32 -0.24 -20.76 -0.19
CA HIS E 32 -1.38 -20.29 0.57
C HIS E 32 -0.93 -19.07 1.34
N TRP E 33 -1.78 -18.05 1.39
CA TRP E 33 -1.50 -16.91 2.22
C TRP E 33 -1.64 -17.26 3.69
N VAL E 34 -0.75 -16.74 4.53
CA VAL E 34 -0.95 -16.76 5.98
C VAL E 34 -0.84 -15.33 6.46
N GLY E 35 -1.29 -15.10 7.70
CA GLY E 35 -1.34 -13.76 8.24
C GLY E 35 -1.52 -13.79 9.74
N TRP E 36 -1.46 -12.61 10.34
CA TRP E 36 -1.62 -12.49 11.76
C TRP E 36 -2.76 -11.53 12.09
N VAL E 37 -3.51 -11.87 13.13
CA VAL E 37 -4.66 -11.13 13.62
C VAL E 37 -4.53 -10.95 15.12
N ARG E 38 -4.76 -9.74 15.61
CA ARG E 38 -4.66 -9.45 17.03
C ARG E 38 -6.02 -9.10 17.60
N GLN E 39 -6.24 -9.53 18.84
CA GLN E 39 -7.43 -9.21 19.63
C GLN E 39 -6.98 -8.59 20.94
N MET E 40 -7.20 -7.29 21.08
CA MET E 40 -6.96 -6.63 22.34
C MET E 40 -8.05 -6.97 23.35
N PRO E 41 -7.74 -6.89 24.67
CA PRO E 41 -8.71 -7.25 25.72
C PRO E 41 -10.13 -6.76 25.48
N GLY E 42 -11.05 -7.71 25.38
CA GLY E 42 -12.45 -7.43 25.19
C GLY E 42 -12.73 -6.61 23.95
N GLU E 43 -12.22 -7.07 22.79
CA GLU E 43 -12.40 -6.33 21.54
C GLU E 43 -12.62 -7.31 20.40
N GLY E 44 -12.85 -6.75 19.22
CA GLY E 44 -12.93 -7.52 17.99
C GLY E 44 -11.55 -7.84 17.43
N LEU E 45 -11.57 -8.40 16.23
CA LEU E 45 -10.35 -8.85 15.58
C LEU E 45 -9.76 -7.75 14.70
N GLU E 46 -8.45 -7.51 14.84
CA GLU E 46 -7.76 -6.54 13.98
C GLU E 46 -6.71 -7.27 13.13
N TRP E 47 -6.90 -7.34 11.82
CA TRP E 47 -5.85 -7.94 11.01
C TRP E 47 -4.64 -7.02 10.92
N MET E 48 -3.44 -7.63 10.93
CA MET E 48 -2.15 -6.94 11.01
C MET E 48 -1.39 -7.00 9.70
N GLY E 49 -1.16 -8.19 9.17
CA GLY E 49 -0.53 -8.31 7.87
C GLY E 49 -0.61 -9.73 7.37
N ILE E 50 -0.51 -9.87 6.05
CA ILE E 50 -0.54 -11.20 5.45
C ILE E 50 0.75 -11.39 4.67
N ILE E 51 1.12 -12.65 4.46
CA ILE E 51 2.31 -12.98 3.70
C ILE E 51 2.02 -14.21 2.84
N TYR E 52 2.51 -14.22 1.60
CA TYR E 52 2.42 -15.36 0.68
C TYR E 52 3.79 -16.03 0.57
N PRO E 53 4.01 -17.18 1.18
CA PRO E 53 5.36 -17.74 1.24
C PRO E 53 5.91 -18.25 -0.09
N GLY E 54 5.28 -17.90 -1.21
CA GLY E 54 5.78 -18.40 -2.48
C GLY E 54 6.78 -17.42 -3.08
N ASP E 55 6.44 -16.15 -3.07
CA ASP E 55 7.37 -15.12 -3.47
C ASP E 55 7.63 -14.13 -2.34
N SER E 56 7.28 -14.51 -1.11
CA SER E 56 7.40 -13.64 0.07
C SER E 56 6.78 -12.27 -0.14
N ASP E 57 5.70 -12.20 -0.90
CA ASP E 57 4.95 -10.96 -1.02
C ASP E 57 4.25 -10.71 0.31
N THR E 58 4.69 -9.70 1.05
CA THR E 58 4.20 -9.46 2.41
C THR E 58 3.53 -8.08 2.51
N ARG E 59 2.30 -8.05 3.04
CA ARG E 59 1.44 -6.87 3.01
C ARG E 59 0.83 -6.57 4.38
N TYR E 60 1.06 -5.36 4.87
CA TYR E 60 0.66 -4.95 6.20
C TYR E 60 -0.54 -4.02 6.14
N SER E 61 -1.40 -4.12 7.15
CA SER E 61 -2.42 -3.12 7.37
C SER E 61 -1.75 -1.75 7.54
N PRO E 62 -2.40 -0.66 7.10
CA PRO E 62 -1.82 0.68 7.33
C PRO E 62 -1.56 1.02 8.79
N SER E 63 -2.39 0.51 9.71
CA SER E 63 -2.24 0.81 11.14
C SER E 63 -0.95 0.23 11.72
N PHE E 64 -0.66 -1.04 11.42
CA PHE E 64 0.55 -1.71 11.87
C PHE E 64 1.75 -1.51 10.95
N GLN E 65 1.57 -0.82 9.82
CA GLN E 65 2.69 -0.61 8.91
C GLN E 65 3.78 0.18 9.58
N GLY E 66 4.93 -0.45 9.74
CA GLY E 66 6.07 0.16 10.37
C GLY E 66 6.30 -0.28 11.79
N GLN E 67 5.28 -0.87 12.42
CA GLN E 67 5.40 -1.29 13.81
C GLN E 67 5.80 -2.76 13.98
N ILE E 68 5.72 -3.58 12.91
CA ILE E 68 5.86 -5.03 13.00
C ILE E 68 6.56 -5.56 11.76
N THR E 69 7.04 -6.79 11.85
CA THR E 69 7.61 -7.46 10.69
C THR E 69 7.13 -8.90 10.67
N ILE E 70 6.66 -9.36 9.51
CA ILE E 70 6.12 -10.71 9.36
C ILE E 70 7.02 -11.46 8.41
N SER E 71 7.57 -12.58 8.86
CA SER E 71 8.40 -13.43 8.01
C SER E 71 7.69 -14.76 7.80
N ALA E 72 8.17 -15.51 6.78
CA ALA E 72 7.82 -16.90 6.63
C ALA E 72 9.09 -17.67 6.27
N ASP E 73 9.17 -18.92 6.71
CA ASP E 73 10.32 -19.78 6.49
C ASP E 73 9.82 -21.08 5.86
N LYS E 74 9.73 -21.11 4.52
CA LYS E 74 9.15 -22.28 3.84
C LYS E 74 9.94 -23.52 4.19
N SER E 75 11.21 -23.34 4.51
CA SER E 75 12.02 -24.42 5.03
C SER E 75 11.30 -25.16 6.14
N LEU E 76 10.73 -24.41 7.09
CA LEU E 76 10.09 -25.00 8.26
C LEU E 76 8.57 -24.85 8.26
N SER E 77 7.98 -24.26 7.22
CA SER E 77 6.54 -24.08 7.09
C SER E 77 5.95 -23.36 8.29
N THR E 78 6.68 -22.36 8.80
CA THR E 78 6.19 -21.55 9.90
C THR E 78 6.27 -20.08 9.52
N THR E 79 5.38 -19.27 10.07
CA THR E 79 5.39 -17.83 9.86
C THR E 79 5.67 -17.12 11.18
N TYR E 80 6.33 -15.97 11.09
CA TYR E 80 6.84 -15.24 12.24
C TYR E 80 6.24 -13.85 12.32
N LEU E 81 5.86 -13.47 13.54
CA LEU E 81 5.43 -12.11 13.86
C LEU E 81 6.42 -11.56 14.88
N HIS E 82 6.88 -10.33 14.68
CA HIS E 82 7.96 -9.79 15.50
C HIS E 82 7.85 -8.27 15.67
N TRP E 83 8.03 -7.78 16.90
CA TRP E 83 8.01 -6.36 17.20
C TRP E 83 9.42 -5.87 17.48
N ARG E 84 9.77 -4.74 16.89
CA ARG E 84 10.97 -4.05 17.31
C ARG E 84 10.87 -3.65 18.77
N ARG E 85 9.80 -2.91 19.14
CA ARG E 85 9.73 -2.30 20.48
C ARG E 85 8.29 -2.31 20.99
N LEU E 86 8.01 -3.21 21.92
CA LEU E 86 6.67 -3.33 22.50
C LEU E 86 6.31 -2.10 23.33
N LYS E 87 5.04 -1.69 23.25
CA LYS E 87 4.46 -0.79 24.24
C LYS E 87 3.32 -1.51 24.97
N ALA E 88 2.76 -0.89 26.01
CA ALA E 88 1.78 -1.61 26.84
C ALA E 88 0.56 -2.02 26.04
N SER E 89 0.21 -1.25 25.00
CA SER E 89 -0.94 -1.50 24.15
C SER E 89 -0.76 -2.74 23.28
N ASP E 90 0.38 -3.38 23.34
CA ASP E 90 0.55 -4.63 22.62
C ASP E 90 0.03 -5.84 23.39
N THR E 91 -0.40 -5.63 24.64
CA THR E 91 -1.16 -6.62 25.39
C THR E 91 -2.36 -7.10 24.61
N ALA E 92 -2.38 -8.39 24.25
CA ALA E 92 -3.40 -8.95 23.36
C ALA E 92 -3.19 -10.45 23.15
N ILE E 93 -4.24 -11.08 22.62
CA ILE E 93 -4.10 -12.40 22.00
C ILE E 93 -3.76 -12.21 20.53
N TYR E 94 -2.76 -12.95 20.06
CA TYR E 94 -2.32 -12.87 18.69
C TYR E 94 -2.58 -14.22 18.03
N TYR E 95 -3.34 -14.23 16.93
CA TYR E 95 -3.60 -15.44 16.15
C TYR E 95 -2.84 -15.39 14.82
N CYS E 96 -2.24 -16.51 14.44
CA CYS E 96 -1.91 -16.68 13.03
C CYS E 96 -3.08 -17.39 12.35
N ALA E 97 -3.23 -17.18 11.05
CA ALA E 97 -4.32 -17.83 10.34
C ALA E 97 -3.95 -17.96 8.88
N ARG E 98 -4.49 -18.99 8.25
CA ARG E 98 -4.32 -19.17 6.82
C ARG E 98 -5.50 -18.54 6.11
N LEU E 99 -5.24 -17.87 4.99
CA LEU E 99 -6.23 -17.08 4.29
C LEU E 99 -6.57 -17.71 2.94
N LYS E 100 -7.59 -17.11 2.32
CA LYS E 100 -8.15 -17.54 1.05
C LYS E 100 -8.39 -16.23 0.31
N PRO E 101 -7.89 -16.10 -0.91
CA PRO E 101 -8.00 -14.83 -1.64
C PRO E 101 -9.27 -14.76 -2.45
N ALA E 102 -9.62 -13.54 -2.84
CA ALA E 102 -10.74 -13.26 -3.73
C ALA E 102 -10.32 -12.20 -4.77
N TRP E 103 -9.20 -12.44 -5.47
CA TRP E 103 -8.81 -11.71 -6.68
C TRP E 103 -8.31 -10.29 -6.47
N GLY E 104 -9.02 -9.32 -7.05
CA GLY E 104 -8.70 -7.93 -6.76
C GLY E 104 -9.17 -7.52 -5.38
N ARG E 105 -10.14 -8.25 -4.86
CA ARG E 105 -10.76 -8.00 -3.58
C ARG E 105 -9.86 -8.53 -2.47
N GLY E 106 -10.38 -8.67 -1.25
CA GLY E 106 -9.61 -9.09 -0.10
C GLY E 106 -9.56 -10.59 0.11
N TYR E 107 -9.50 -10.98 1.39
CA TYR E 107 -9.34 -12.36 1.81
C TYR E 107 -10.35 -12.69 2.89
N TYR E 108 -10.66 -13.98 3.04
CA TYR E 108 -11.30 -14.52 4.23
C TYR E 108 -10.37 -15.55 4.86
N PHE E 109 -10.68 -15.95 6.11
CA PHE E 109 -9.75 -16.67 6.98
C PHE E 109 -10.24 -18.09 7.19
N ASP E 110 -9.56 -19.08 6.64
CA ASP E 110 -10.16 -20.41 6.63
C ASP E 110 -9.59 -21.35 7.67
N TYR E 111 -8.49 -21.00 8.34
CA TYR E 111 -7.97 -21.78 9.45
C TYR E 111 -7.19 -20.88 10.41
N TRP E 112 -7.47 -21.06 11.70
CA TRP E 112 -6.87 -20.22 12.73
C TRP E 112 -6.03 -21.07 13.67
N GLY E 113 -4.97 -20.46 14.20
CA GLY E 113 -4.23 -21.06 15.29
C GLY E 113 -4.88 -20.77 16.63
N GLN E 114 -4.32 -21.42 17.65
CA GLN E 114 -4.89 -21.43 19.00
C GLN E 114 -4.97 -20.03 19.61
N GLY E 115 -3.99 -19.18 19.34
CA GLY E 115 -3.82 -17.90 20.00
C GLY E 115 -2.47 -17.84 20.69
N THR E 116 -1.93 -16.65 20.96
CA THR E 116 -0.78 -16.48 21.82
C THR E 116 -1.07 -15.29 22.72
N LEU E 117 -0.93 -15.46 24.03
CA LEU E 117 -1.13 -14.34 24.95
C LEU E 117 0.17 -13.57 25.05
N VAL E 118 0.12 -12.27 24.76
CA VAL E 118 1.27 -11.42 24.91
C VAL E 118 0.90 -10.28 25.86
N THR E 119 1.48 -10.30 27.06
CA THR E 119 1.25 -9.32 28.11
C THR E 119 2.49 -8.42 28.22
N VAL E 120 2.29 -7.13 28.07
CA VAL E 120 3.36 -6.14 28.09
C VAL E 120 3.09 -5.27 29.31
N SER E 121 4.07 -5.18 30.20
CA SER E 121 3.80 -4.45 31.43
C SER E 121 5.10 -4.19 32.16
N SER E 122 5.21 -3.00 32.76
CA SER E 122 6.39 -2.66 33.54
C SER E 122 6.37 -3.25 34.94
N ALA E 123 5.32 -3.98 35.30
CA ALA E 123 5.28 -4.66 36.59
C ALA E 123 6.21 -5.86 36.59
N SER E 124 6.71 -6.17 37.77
CA SER E 124 7.42 -7.41 38.08
C SER E 124 6.44 -8.44 38.66
N THR E 125 6.81 -9.70 38.54
CA THR E 125 5.98 -10.76 39.08
C THR E 125 5.78 -10.52 40.57
N LYS E 126 4.53 -10.58 41.00
CA LYS E 126 4.17 -10.36 42.39
C LYS E 126 3.02 -11.28 42.77
N GLY E 127 3.27 -12.13 43.75
CA GLY E 127 2.24 -12.95 44.32
C GLY E 127 1.22 -12.11 45.04
N PRO E 128 0.00 -12.63 45.14
CA PRO E 128 -1.10 -11.84 45.68
C PRO E 128 -1.08 -11.85 47.20
N SER E 129 -1.70 -10.81 47.73
CA SER E 129 -2.15 -10.78 49.12
C SER E 129 -3.64 -11.10 49.11
N VAL E 130 -4.08 -12.01 49.98
CA VAL E 130 -5.50 -12.35 50.00
C VAL E 130 -6.09 -11.78 51.28
N PHE E 131 -7.39 -11.44 51.23
CA PHE E 131 -8.06 -10.91 52.40
C PHE E 131 -9.44 -11.54 52.53
N PRO E 132 -9.87 -11.80 53.76
CA PRO E 132 -11.19 -12.42 54.00
C PRO E 132 -12.33 -11.42 53.82
N LEU E 133 -13.22 -11.72 52.87
CA LEU E 133 -14.53 -11.10 52.79
C LEU E 133 -15.42 -11.88 53.73
N ALA E 134 -15.65 -11.35 54.93
CA ALA E 134 -16.33 -12.01 56.02
C ALA E 134 -17.84 -11.75 55.98
N PRO E 135 -18.65 -12.77 56.28
CA PRO E 135 -20.11 -12.66 56.40
C PRO E 135 -20.55 -12.01 57.70
N THR E 144 -28.53 -17.01 51.41
CA THR E 144 -28.43 -17.41 52.81
C THR E 144 -27.20 -16.79 53.53
N ALA E 145 -26.00 -17.30 53.27
CA ALA E 145 -24.77 -16.68 53.76
C ALA E 145 -23.77 -16.58 52.63
N ALA E 146 -23.35 -15.35 52.29
CA ALA E 146 -22.23 -15.12 51.39
C ALA E 146 -20.92 -14.99 52.16
N LEU E 147 -19.87 -15.64 51.66
CA LEU E 147 -18.52 -15.36 52.16
C LEU E 147 -17.51 -15.61 51.03
N GLY E 148 -16.32 -15.01 51.16
CA GLY E 148 -15.34 -15.21 50.12
C GLY E 148 -13.97 -14.70 50.47
N CYS E 149 -13.08 -14.75 49.48
CA CYS E 149 -11.69 -14.30 49.56
C CYS E 149 -11.43 -13.20 48.55
N LEU E 150 -10.56 -12.26 48.90
CA LEU E 150 -10.25 -11.15 48.01
C LEU E 150 -8.77 -11.23 47.63
N VAL E 151 -8.51 -11.64 46.40
CA VAL E 151 -7.15 -11.86 45.89
C VAL E 151 -6.71 -10.56 45.23
N LYS E 152 -5.69 -9.89 45.77
CA LYS E 152 -5.41 -8.51 45.39
C LYS E 152 -3.96 -8.29 45.04
N ASP E 153 -3.71 -7.47 44.00
CA ASP E 153 -2.38 -6.95 43.67
C ASP E 153 -1.34 -7.99 43.27
N TYR E 154 -1.56 -8.69 42.14
CA TYR E 154 -0.66 -9.70 41.62
C TYR E 154 -0.35 -9.45 40.14
N PHE E 155 0.79 -9.98 39.68
CA PHE E 155 1.20 -9.94 38.26
C PHE E 155 2.11 -11.11 37.96
N PRO E 156 1.95 -11.77 36.77
CA PRO E 156 0.88 -11.57 35.80
C PRO E 156 -0.23 -12.58 36.06
N GLU E 157 -1.20 -12.72 35.16
CA GLU E 157 -2.24 -13.70 35.35
C GLU E 157 -1.65 -15.10 35.15
N PRO E 158 -2.34 -16.14 35.64
CA PRO E 158 -3.55 -16.07 36.48
C PRO E 158 -3.31 -16.51 37.90
N VAL E 159 -4.39 -16.49 38.68
CA VAL E 159 -4.47 -17.15 39.97
C VAL E 159 -5.65 -18.11 39.94
N THR E 160 -5.45 -19.31 40.44
CA THR E 160 -6.54 -20.25 40.60
C THR E 160 -6.96 -20.25 42.06
N VAL E 161 -8.27 -20.31 42.31
CA VAL E 161 -8.82 -20.31 43.66
C VAL E 161 -9.75 -21.49 43.82
N SER E 162 -9.37 -22.46 44.64
CA SER E 162 -10.26 -23.49 45.11
C SER E 162 -10.72 -23.18 46.52
N TRP E 163 -11.83 -23.79 46.92
CA TRP E 163 -12.30 -23.69 48.29
C TRP E 163 -12.16 -25.04 48.97
N ASN E 164 -11.85 -24.99 50.27
CA ASN E 164 -11.71 -26.16 51.13
C ASN E 164 -11.02 -27.32 50.41
N SER E 165 -9.83 -27.01 49.88
CA SER E 165 -9.03 -27.98 49.13
C SER E 165 -9.83 -28.68 48.04
N GLY E 166 -10.79 -27.97 47.45
CA GLY E 166 -11.53 -28.51 46.33
C GLY E 166 -12.79 -29.28 46.69
N ALA E 167 -13.05 -29.51 47.98
CA ALA E 167 -14.26 -30.21 48.39
C ALA E 167 -15.51 -29.41 48.05
N LEU E 168 -15.42 -28.08 48.13
CA LEU E 168 -16.57 -27.18 48.11
C LEU E 168 -16.58 -26.46 46.76
N THR E 169 -17.47 -26.89 45.87
CA THR E 169 -17.53 -26.35 44.53
C THR E 169 -18.87 -25.78 44.15
N SER E 170 -19.96 -26.19 44.80
CA SER E 170 -21.28 -25.71 44.44
C SER E 170 -21.53 -24.36 45.08
N GLY E 171 -22.04 -23.41 44.29
CA GLY E 171 -22.21 -22.06 44.77
C GLY E 171 -20.95 -21.23 44.80
N VAL E 172 -19.86 -21.68 44.17
CA VAL E 172 -18.61 -20.94 44.12
C VAL E 172 -18.62 -20.04 42.88
N HIS E 173 -18.26 -18.77 43.08
CA HIS E 173 -18.05 -17.83 41.97
C HIS E 173 -16.67 -17.19 42.12
N THR E 174 -15.77 -17.50 41.21
CA THR E 174 -14.50 -16.79 41.12
C THR E 174 -14.59 -15.84 39.93
N PHE E 175 -14.39 -14.55 40.20
CA PHE E 175 -14.66 -13.61 39.13
C PHE E 175 -13.45 -13.41 38.24
N PRO E 176 -13.64 -12.85 37.05
CA PRO E 176 -12.50 -12.40 36.24
C PRO E 176 -11.67 -11.37 36.99
N ALA E 177 -10.37 -11.46 36.83
CA ALA E 177 -9.52 -10.42 37.37
C ALA E 177 -9.85 -9.09 36.70
N VAL E 178 -9.43 -8.01 37.35
CA VAL E 178 -9.34 -6.73 36.68
C VAL E 178 -7.93 -6.21 36.92
N LEU E 179 -7.43 -5.50 35.90
CA LEU E 179 -6.17 -4.79 35.95
C LEU E 179 -6.38 -3.43 36.58
N GLN E 180 -5.66 -3.17 37.66
CA GLN E 180 -5.79 -1.91 38.38
C GLN E 180 -4.89 -0.86 37.75
N SER E 181 -5.12 0.40 38.13
CA SER E 181 -4.27 1.51 37.65
C SER E 181 -2.80 1.31 38.03
N SER E 182 -2.53 0.55 39.10
CA SER E 182 -1.17 0.16 39.48
C SER E 182 -0.50 -0.76 38.46
N GLY E 183 -1.28 -1.42 37.61
CA GLY E 183 -0.74 -2.50 36.80
C GLY E 183 -0.75 -3.87 37.43
N LEU E 184 -1.28 -4.04 38.66
CA LEU E 184 -1.47 -5.33 39.27
C LEU E 184 -2.91 -5.79 39.08
N TYR E 185 -3.11 -7.11 39.13
CA TYR E 185 -4.45 -7.63 38.95
C TYR E 185 -5.14 -7.84 40.29
N SER E 186 -6.48 -7.81 40.26
CA SER E 186 -7.31 -8.05 41.44
C SER E 186 -8.58 -8.84 41.10
N LEU E 187 -9.13 -9.51 42.10
CA LEU E 187 -10.15 -10.52 41.86
C LEU E 187 -10.75 -11.05 43.17
N SER E 188 -12.00 -11.45 43.14
CA SER E 188 -12.68 -12.05 44.29
C SER E 188 -13.20 -13.43 43.94
N SER E 189 -13.08 -14.34 44.91
CA SER E 189 -13.83 -15.59 44.90
C SER E 189 -14.80 -15.61 46.08
N VAL E 190 -16.08 -15.85 45.79
CA VAL E 190 -17.14 -15.90 46.78
C VAL E 190 -17.81 -17.26 46.71
N VAL E 191 -18.59 -17.57 47.74
CA VAL E 191 -19.45 -18.75 47.71
C VAL E 191 -20.64 -18.50 48.63
N THR E 192 -21.82 -19.02 48.26
CA THR E 192 -22.99 -18.98 49.14
C THR E 192 -23.10 -20.30 49.86
N VAL E 193 -23.45 -20.22 51.15
CA VAL E 193 -23.56 -21.39 52.02
C VAL E 193 -24.71 -21.18 52.99
N PRO E 194 -25.29 -22.25 53.54
CA PRO E 194 -26.38 -22.11 54.51
C PRO E 194 -25.90 -21.47 55.79
N SER E 195 -26.74 -20.58 56.34
CA SER E 195 -26.37 -19.89 57.58
C SER E 195 -26.12 -20.86 58.70
N SER E 196 -26.55 -22.12 58.52
CA SER E 196 -26.45 -23.12 59.59
C SER E 196 -25.00 -23.39 59.96
N SER E 197 -24.08 -23.35 58.97
CA SER E 197 -22.79 -23.99 59.08
C SER E 197 -21.65 -23.07 59.52
N LEU E 198 -21.89 -21.77 59.65
CA LEU E 198 -20.87 -20.89 60.23
C LEU E 198 -20.72 -21.20 61.72
N GLY E 199 -19.47 -21.19 62.20
CA GLY E 199 -19.21 -21.61 63.57
C GLY E 199 -19.30 -23.10 63.80
N THR E 200 -19.67 -23.87 62.78
CA THR E 200 -19.58 -25.32 62.78
C THR E 200 -18.57 -25.81 61.75
N GLN E 201 -18.79 -25.49 60.48
CA GLN E 201 -17.87 -25.79 59.38
C GLN E 201 -16.83 -24.68 59.24
N THR E 202 -15.64 -25.07 58.82
CA THR E 202 -14.58 -24.11 58.59
C THR E 202 -14.35 -23.99 57.09
N TYR E 203 -14.34 -22.75 56.60
CA TYR E 203 -14.22 -22.45 55.17
C TYR E 203 -12.84 -21.87 54.88
N ILE E 204 -12.11 -22.53 53.99
CA ILE E 204 -10.74 -22.20 53.61
C ILE E 204 -10.71 -21.92 52.12
N CYS E 205 -10.09 -20.82 51.71
CA CYS E 205 -9.86 -20.57 50.30
C CYS E 205 -8.39 -20.74 49.95
N ASN E 206 -8.11 -21.52 48.91
CA ASN E 206 -6.75 -21.87 48.51
C ASN E 206 -6.37 -21.09 47.26
N VAL E 207 -5.37 -20.23 47.35
CA VAL E 207 -5.07 -19.27 46.31
C VAL E 207 -3.67 -19.57 45.79
N ASN E 208 -3.59 -20.14 44.59
CA ASN E 208 -2.32 -20.42 43.93
C ASN E 208 -2.03 -19.30 42.95
N HIS E 209 -0.77 -18.88 42.89
CA HIS E 209 -0.25 -18.02 41.83
C HIS E 209 1.06 -18.65 41.37
N LYS E 210 1.01 -19.38 40.24
CA LYS E 210 2.18 -20.14 39.81
C LYS E 210 3.37 -19.30 39.44
N PRO E 211 3.25 -18.20 38.68
CA PRO E 211 4.47 -17.47 38.28
C PRO E 211 5.33 -17.06 39.46
N SER E 212 4.71 -16.54 40.52
CA SER E 212 5.41 -16.19 41.75
C SER E 212 5.75 -17.39 42.61
N ASN E 213 5.20 -18.57 42.29
CA ASN E 213 5.44 -19.78 43.09
C ASN E 213 4.92 -19.61 44.50
N THR E 214 3.78 -18.95 44.65
CA THR E 214 3.25 -18.72 45.99
C THR E 214 1.91 -19.42 46.14
N LYS E 215 1.60 -19.73 47.41
CA LYS E 215 0.39 -20.45 47.86
C LYS E 215 -0.05 -19.94 49.20
N VAL E 216 -1.32 -19.58 49.30
CA VAL E 216 -1.86 -18.94 50.48
C VAL E 216 -3.20 -19.58 50.79
N ASP E 217 -3.39 -19.98 52.05
CA ASP E 217 -4.67 -20.44 52.58
C ASP E 217 -5.07 -19.48 53.69
N LYS E 218 -6.27 -18.90 53.58
CA LYS E 218 -6.80 -18.05 54.64
C LYS E 218 -8.17 -18.55 55.10
N LYS E 219 -8.30 -18.75 56.41
CA LYS E 219 -9.59 -19.07 57.01
C LYS E 219 -10.51 -17.86 56.96
N VAL E 220 -11.75 -18.10 56.57
CA VAL E 220 -12.78 -17.06 56.58
C VAL E 220 -13.80 -17.43 57.66
N GLU E 221 -14.18 -16.44 58.47
CA GLU E 221 -14.95 -16.67 59.68
C GLU E 221 -15.57 -15.35 60.14
N PRO E 222 -16.65 -15.40 60.93
CA PRO E 222 -17.24 -14.17 61.49
C PRO E 222 -16.23 -13.31 62.25
N ILE F 2 -16.24 1.70 4.75
CA ILE F 2 -17.37 0.78 4.51
C ILE F 2 -17.64 -0.06 5.76
N VAL F 3 -18.82 0.08 6.35
CA VAL F 3 -19.07 -0.27 7.75
C VAL F 3 -20.03 -1.43 7.84
N LEU F 4 -19.75 -2.37 8.76
CA LEU F 4 -20.56 -3.55 9.00
C LEU F 4 -21.16 -3.47 10.39
N THR F 5 -22.47 -3.50 10.49
CA THR F 5 -23.14 -3.46 11.78
C THR F 5 -23.82 -4.80 12.03
N GLN F 6 -23.53 -5.40 13.18
CA GLN F 6 -24.25 -6.57 13.64
C GLN F 6 -25.17 -6.14 14.78
N SER F 7 -26.48 -6.12 14.53
CA SER F 7 -27.45 -5.79 15.56
C SER F 7 -28.47 -6.92 15.62
N PRO F 8 -28.77 -7.42 16.83
CA PRO F 8 -28.29 -6.87 18.10
C PRO F 8 -26.82 -7.16 18.40
N ALA F 9 -26.24 -6.43 19.36
CA ALA F 9 -24.90 -6.78 19.83
C ALA F 9 -24.94 -8.01 20.73
N THR F 10 -26.07 -8.22 21.40
CA THR F 10 -26.25 -9.40 22.25
C THR F 10 -27.68 -9.90 22.03
N LEU F 11 -27.79 -11.12 21.52
CA LEU F 11 -29.05 -11.77 21.22
C LEU F 11 -29.30 -12.92 22.21
N SER F 12 -30.51 -12.96 22.77
CA SER F 12 -30.90 -13.98 23.74
C SER F 12 -31.89 -14.94 23.11
N VAL F 13 -31.52 -16.22 23.07
CA VAL F 13 -32.36 -17.21 22.41
C VAL F 13 -32.22 -18.52 23.18
N SER F 14 -33.35 -19.22 23.37
CA SER F 14 -33.32 -20.36 24.27
C SER F 14 -32.68 -21.56 23.60
N PRO F 15 -32.05 -22.47 24.34
CA PRO F 15 -31.46 -23.64 23.70
C PRO F 15 -32.57 -24.47 23.07
N GLY F 16 -32.26 -25.06 21.91
CA GLY F 16 -33.26 -25.74 21.12
C GLY F 16 -34.03 -24.84 20.19
N GLU F 17 -34.05 -23.54 20.44
CA GLU F 17 -34.76 -22.60 19.59
C GLU F 17 -33.93 -22.27 18.34
N ARG F 18 -34.38 -21.29 17.57
CA ARG F 18 -33.76 -20.92 16.31
C ARG F 18 -33.12 -19.54 16.38
N ALA F 19 -31.91 -19.43 15.87
CA ALA F 19 -31.13 -18.20 16.01
C ALA F 19 -30.90 -17.54 14.66
N THR F 20 -31.15 -16.23 14.58
CA THR F 20 -31.02 -15.47 13.34
C THR F 20 -30.22 -14.18 13.57
N LEU F 21 -28.98 -14.16 13.12
CA LEU F 21 -28.08 -13.02 13.32
C LEU F 21 -28.05 -12.10 12.11
N SER F 22 -27.98 -10.80 12.37
CA SER F 22 -27.98 -9.80 11.32
C SER F 22 -26.56 -9.33 11.01
N CYS F 23 -26.31 -9.06 9.73
CA CYS F 23 -25.11 -8.34 9.32
C CYS F 23 -25.51 -7.35 8.23
N ARG F 24 -25.31 -6.07 8.50
CA ARG F 24 -25.73 -4.97 7.65
C ARG F 24 -24.48 -4.22 7.19
N ALA F 25 -24.34 -4.04 5.89
CA ALA F 25 -23.21 -3.32 5.34
C ALA F 25 -23.64 -1.94 4.87
N SER F 26 -22.70 -0.98 4.96
CA SER F 26 -22.97 0.39 4.58
C SER F 26 -23.00 0.58 3.06
N GLN F 27 -22.29 -0.25 2.30
CA GLN F 27 -22.39 -0.32 0.84
C GLN F 27 -22.36 -1.78 0.38
N SER F 28 -22.91 -2.04 -0.80
CA SER F 28 -23.05 -3.41 -1.29
C SER F 28 -21.70 -4.13 -1.36
N VAL F 29 -21.70 -5.42 -0.97
CA VAL F 29 -20.50 -6.25 -1.00
C VAL F 29 -20.74 -7.57 -1.74
N SER F 30 -21.80 -7.64 -2.55
CA SER F 30 -22.16 -8.83 -3.31
C SER F 30 -22.31 -10.07 -2.43
N SER F 31 -21.49 -11.09 -2.71
CA SER F 31 -21.44 -12.30 -1.91
C SER F 31 -20.08 -12.46 -1.21
N ASN F 32 -19.31 -11.37 -1.13
CA ASN F 32 -18.02 -11.44 -0.46
C ASN F 32 -18.16 -11.10 1.03
N LEU F 33 -18.98 -11.93 1.69
CA LEU F 33 -19.25 -11.88 3.11
C LEU F 33 -18.94 -13.24 3.69
N ALA F 34 -18.26 -13.28 4.83
CA ALA F 34 -17.98 -14.53 5.55
C ALA F 34 -18.49 -14.44 7.00
N TRP F 35 -18.58 -15.60 7.67
CA TRP F 35 -19.06 -15.70 9.05
C TRP F 35 -18.11 -16.52 9.92
N TYR F 36 -17.83 -16.01 11.13
CA TYR F 36 -16.93 -16.70 12.05
C TYR F 36 -17.61 -16.95 13.39
N GLN F 37 -17.24 -18.06 14.02
CA GLN F 37 -17.63 -18.36 15.38
C GLN F 37 -16.41 -18.24 16.29
N HIS F 38 -16.61 -17.62 17.46
CA HIS F 38 -15.54 -17.39 18.43
C HIS F 38 -16.01 -17.80 19.83
N LYS F 39 -15.63 -19.02 20.24
CA LYS F 39 -16.02 -19.57 21.54
C LYS F 39 -15.21 -18.91 22.64
N PRO F 40 -15.62 -19.10 23.91
CA PRO F 40 -14.78 -18.61 25.01
C PRO F 40 -13.36 -19.16 24.97
N GLY F 41 -12.39 -18.29 24.71
CA GLY F 41 -10.98 -18.64 24.82
C GLY F 41 -10.50 -19.72 23.89
N GLN F 42 -11.08 -19.83 22.70
CA GLN F 42 -10.55 -20.74 21.68
C GLN F 42 -10.23 -19.94 20.43
N ALA F 43 -9.72 -20.65 19.43
CA ALA F 43 -9.49 -20.02 18.14
C ALA F 43 -10.82 -19.80 17.42
N PRO F 44 -10.91 -18.74 16.61
CA PRO F 44 -12.07 -18.59 15.76
C PRO F 44 -12.14 -19.73 14.74
N ARG F 45 -13.34 -20.00 14.25
CA ARG F 45 -13.49 -20.96 13.18
C ARG F 45 -14.41 -20.35 12.13
N LEU F 46 -14.11 -20.64 10.85
CA LEU F 46 -14.94 -20.20 9.74
C LEU F 46 -16.17 -21.09 9.58
N LEU F 47 -17.35 -20.46 9.49
CA LEU F 47 -18.62 -21.15 9.26
C LEU F 47 -19.13 -20.99 7.83
N ILE F 48 -19.14 -19.77 7.32
CA ILE F 48 -19.69 -19.44 6.02
C ILE F 48 -18.71 -18.52 5.31
N TYR F 49 -18.51 -18.76 4.02
CA TYR F 49 -17.86 -17.80 3.15
C TYR F 49 -18.66 -17.72 1.85
N GLY F 50 -18.55 -16.59 1.16
CA GLY F 50 -19.39 -16.40 -0.02
C GLY F 50 -20.85 -16.17 0.29
N ALA F 51 -21.13 -15.75 1.52
CA ALA F 51 -22.45 -15.38 2.03
C ALA F 51 -23.33 -16.60 2.27
N PHE F 52 -23.06 -17.71 1.58
CA PHE F 52 -23.95 -18.86 1.74
C PHE F 52 -23.25 -20.22 1.65
N ILE F 53 -21.97 -20.30 1.39
CA ILE F 53 -21.31 -21.60 1.24
C ILE F 53 -20.82 -22.04 2.61
N ARG F 54 -21.33 -23.18 3.08
CA ARG F 54 -20.88 -23.69 4.36
C ARG F 54 -19.42 -24.13 4.27
N ALA F 55 -18.64 -23.80 5.29
CA ALA F 55 -17.23 -24.14 5.24
C ALA F 55 -17.04 -25.59 5.64
N THR F 56 -15.85 -26.11 5.38
CA THR F 56 -15.58 -27.52 5.54
C THR F 56 -15.75 -27.95 6.99
N GLY F 57 -16.45 -29.06 7.18
CA GLY F 57 -16.60 -29.62 8.50
C GLY F 57 -17.51 -28.86 9.42
N ILE F 58 -18.44 -28.07 8.88
CA ILE F 58 -19.35 -27.26 9.70
C ILE F 58 -20.66 -28.00 9.80
N PRO F 59 -21.21 -28.17 10.99
CA PRO F 59 -22.50 -28.86 11.11
C PRO F 59 -23.56 -28.21 10.23
N ALA F 60 -24.44 -29.07 9.69
CA ALA F 60 -25.48 -28.64 8.76
C ALA F 60 -26.44 -27.58 9.32
N ARG F 61 -26.67 -27.56 10.63
CA ARG F 61 -27.63 -26.60 11.19
C ARG F 61 -27.19 -25.12 11.06
N PHE F 62 -25.98 -24.82 10.58
CA PHE F 62 -25.61 -23.46 10.22
C PHE F 62 -25.88 -23.28 8.73
N SER F 63 -26.55 -22.18 8.38
CA SER F 63 -26.80 -21.81 7.00
C SER F 63 -26.65 -20.29 6.82
N GLY F 64 -26.04 -19.90 5.71
CA GLY F 64 -25.87 -18.49 5.40
C GLY F 64 -26.83 -18.08 4.29
N SER F 65 -27.27 -16.84 4.33
CA SER F 65 -28.12 -16.32 3.25
C SER F 65 -27.95 -14.82 3.20
N GLY F 66 -28.37 -14.25 2.07
CA GLY F 66 -28.23 -12.83 1.79
C GLY F 66 -27.26 -12.57 0.64
N SER F 67 -27.30 -11.34 0.17
CA SER F 67 -26.39 -10.83 -0.85
C SER F 67 -26.62 -9.33 -0.94
N GLY F 68 -25.56 -8.57 -1.11
CA GLY F 68 -25.75 -7.14 -1.21
C GLY F 68 -25.54 -6.39 0.09
N THR F 69 -26.62 -6.13 0.84
CA THR F 69 -26.53 -5.30 2.02
C THR F 69 -27.04 -5.95 3.31
N GLU F 70 -27.89 -6.97 3.24
CA GLU F 70 -28.36 -7.69 4.42
C GLU F 70 -28.00 -9.16 4.33
N PHE F 71 -27.43 -9.67 5.42
CA PHE F 71 -26.97 -11.04 5.53
C PHE F 71 -27.50 -11.61 6.84
N THR F 72 -27.89 -12.88 6.79
CA THR F 72 -28.34 -13.57 7.97
C THR F 72 -27.58 -14.88 8.11
N LEU F 73 -27.03 -15.11 9.28
CA LEU F 73 -26.59 -16.42 9.71
C LEU F 73 -27.73 -17.03 10.53
N THR F 74 -28.20 -18.21 10.14
CA THR F 74 -29.19 -18.92 10.93
C THR F 74 -28.54 -20.19 11.51
N ILE F 75 -28.85 -20.45 12.78
CA ILE F 75 -28.56 -21.72 13.42
C ILE F 75 -29.90 -22.39 13.72
N SER F 76 -30.14 -23.55 13.09
CA SER F 76 -31.52 -24.05 13.03
C SER F 76 -32.01 -24.48 14.42
N SER F 77 -31.23 -25.26 15.16
CA SER F 77 -31.51 -25.46 16.58
C SER F 77 -30.24 -25.32 17.39
N LEU F 78 -30.22 -24.33 18.29
CA LEU F 78 -29.01 -24.08 19.03
C LEU F 78 -28.73 -25.24 19.97
N GLN F 79 -27.48 -25.66 19.94
CA GLN F 79 -26.92 -26.56 20.92
C GLN F 79 -26.06 -25.73 21.87
N SER F 80 -25.62 -26.38 22.95
CA SER F 80 -24.87 -25.67 23.98
C SER F 80 -23.59 -25.06 23.42
N GLU F 81 -22.87 -25.83 22.59
CA GLU F 81 -21.66 -25.30 21.98
C GLU F 81 -21.98 -24.13 21.06
N ASP F 82 -23.24 -23.95 20.70
CA ASP F 82 -23.57 -22.92 19.75
C ASP F 82 -23.67 -21.54 20.40
N PHE F 83 -23.59 -21.46 21.73
CA PHE F 83 -23.62 -20.18 22.42
C PHE F 83 -22.20 -19.62 22.48
N ALA F 84 -21.99 -18.52 21.75
CA ALA F 84 -20.67 -17.97 21.48
C ALA F 84 -20.87 -16.60 20.84
N VAL F 85 -19.75 -15.98 20.46
CA VAL F 85 -19.70 -14.70 19.74
C VAL F 85 -19.52 -14.98 18.25
N TYR F 86 -20.35 -14.36 17.41
CA TYR F 86 -20.33 -14.56 15.96
C TYR F 86 -20.00 -13.25 15.23
N TYR F 87 -19.02 -13.29 14.35
CA TYR F 87 -18.59 -12.14 13.56
C TYR F 87 -18.84 -12.35 12.07
N CYS F 88 -19.27 -11.29 11.38
CA CYS F 88 -19.29 -11.28 9.92
C CYS F 88 -18.14 -10.42 9.42
N GLN F 89 -17.62 -10.76 8.24
CA GLN F 89 -16.50 -10.07 7.61
C GLN F 89 -16.65 -10.07 6.10
N HIS F 90 -16.48 -8.90 5.48
CA HIS F 90 -16.53 -8.78 4.01
C HIS F 90 -15.12 -8.79 3.42
N TYR F 91 -15.04 -9.12 2.14
CA TYR F 91 -13.78 -9.05 1.41
C TYR F 91 -13.99 -8.45 0.03
N ASN F 92 -14.84 -7.41 -0.06
CA ASN F 92 -15.05 -6.64 -1.28
C ASN F 92 -13.86 -5.73 -1.59
N ASN F 93 -13.36 -5.04 -0.58
CA ASN F 93 -12.07 -4.37 -0.62
C ASN F 93 -11.23 -5.04 0.46
N TRP F 94 -10.10 -4.47 0.80
CA TRP F 94 -9.30 -4.96 1.92
C TRP F 94 -8.86 -3.80 2.81
N PRO F 95 -9.79 -3.18 3.52
CA PRO F 95 -9.45 -2.07 4.39
C PRO F 95 -8.99 -2.58 5.73
N PRO F 96 -8.46 -1.72 6.58
CA PRO F 96 -8.26 -2.13 7.99
C PRO F 96 -9.64 -2.34 8.59
N ASN F 97 -9.85 -3.49 9.19
CA ASN F 97 -11.17 -3.88 9.73
C ASN F 97 -12.31 -4.06 8.73
N PRO F 98 -12.28 -5.15 7.96
CA PRO F 98 -13.48 -5.57 7.24
C PRO F 98 -14.45 -6.38 8.11
N PHE F 99 -14.22 -6.42 9.42
CA PHE F 99 -15.04 -7.18 10.39
C PHE F 99 -16.13 -6.30 11.02
N GLY F 100 -17.31 -6.87 11.20
CA GLY F 100 -18.24 -6.29 12.16
C GLY F 100 -17.70 -6.37 13.59
N GLN F 101 -18.43 -5.77 14.53
CA GLN F 101 -18.03 -5.86 15.93
C GLN F 101 -18.53 -7.13 16.63
N GLY F 102 -19.30 -7.97 15.95
CA GLY F 102 -19.67 -9.23 16.58
C GLY F 102 -20.96 -9.18 17.38
N THR F 103 -21.64 -10.31 17.41
CA THR F 103 -22.84 -10.51 18.21
C THR F 103 -22.61 -11.67 19.17
N ARG F 104 -22.90 -11.44 20.45
CA ARG F 104 -22.81 -12.48 21.46
C ARG F 104 -24.15 -13.19 21.56
N LEU F 105 -24.13 -14.52 21.53
CA LEU F 105 -25.33 -15.34 21.71
C LEU F 105 -25.36 -15.88 23.14
N GLU F 106 -26.41 -15.53 23.89
CA GLU F 106 -26.54 -16.01 25.26
C GLU F 106 -27.84 -16.81 25.45
N ILE F 107 -27.82 -17.67 26.47
CA ILE F 107 -28.99 -18.48 26.85
C ILE F 107 -30.11 -17.57 27.39
N LYS F 108 -31.29 -17.64 26.77
CA LYS F 108 -32.44 -16.87 27.24
C LYS F 108 -33.11 -17.62 28.38
N ARG F 109 -33.41 -16.91 29.46
CA ARG F 109 -34.13 -17.55 30.56
C ARG F 109 -34.98 -16.52 31.28
N THR F 110 -35.57 -16.97 32.39
CA THR F 110 -36.52 -16.22 33.18
C THR F 110 -35.83 -15.11 33.92
N VAL F 111 -36.54 -13.99 34.14
CA VAL F 111 -35.95 -12.93 34.94
C VAL F 111 -35.72 -13.46 36.36
N ALA F 112 -34.49 -13.28 36.86
CA ALA F 112 -34.10 -13.66 38.21
C ALA F 112 -33.38 -12.48 38.86
N ALA F 113 -33.79 -12.14 40.11
CA ALA F 113 -33.27 -10.99 40.84
C ALA F 113 -31.99 -11.35 41.60
N PRO F 114 -31.02 -10.44 41.61
CA PRO F 114 -29.77 -10.70 42.33
C PRO F 114 -29.98 -10.67 43.82
N SER F 115 -29.22 -11.48 44.53
CA SER F 115 -29.08 -11.35 45.97
C SER F 115 -27.84 -10.51 46.22
N VAL F 116 -28.00 -9.39 46.93
CA VAL F 116 -26.96 -8.38 47.07
C VAL F 116 -26.31 -8.55 48.43
N PHE F 117 -24.99 -8.58 48.45
CA PHE F 117 -24.21 -8.64 49.66
C PHE F 117 -23.14 -7.57 49.61
N ILE F 118 -22.78 -7.05 50.79
CA ILE F 118 -21.68 -6.10 50.88
C ILE F 118 -20.73 -6.61 51.95
N PHE F 119 -19.44 -6.40 51.74
CA PHE F 119 -18.45 -6.80 52.73
C PHE F 119 -17.59 -5.60 53.14
N PRO F 120 -17.46 -5.33 54.42
CA PRO F 120 -16.58 -4.26 54.86
C PRO F 120 -15.14 -4.70 54.68
N PRO F 121 -14.17 -3.76 54.65
CA PRO F 121 -12.75 -4.15 54.55
C PRO F 121 -12.29 -4.96 55.75
N SER F 122 -11.60 -6.06 55.47
CA SER F 122 -11.00 -6.86 56.53
C SER F 122 -10.10 -6.01 57.41
N ASP F 123 -10.03 -6.38 58.70
CA ASP F 123 -9.10 -5.71 59.62
C ASP F 123 -7.66 -5.84 59.14
N GLU F 124 -7.27 -7.03 58.68
CA GLU F 124 -5.90 -7.27 58.20
C GLU F 124 -5.54 -6.36 57.04
N GLN F 125 -6.47 -6.16 56.09
CA GLN F 125 -6.15 -5.31 54.94
C GLN F 125 -5.95 -3.87 55.38
N LEU F 126 -6.75 -3.39 56.34
CA LEU F 126 -6.67 -2.00 56.78
C LEU F 126 -5.31 -1.67 57.37
N LYS F 127 -4.60 -2.66 57.93
CA LYS F 127 -3.28 -2.34 58.47
C LYS F 127 -2.25 -1.93 57.42
N SER F 128 -2.48 -2.17 56.13
CA SER F 128 -1.48 -1.85 55.12
C SER F 128 -1.76 -0.57 54.33
N GLY F 129 -2.79 0.20 54.68
CA GLY F 129 -2.99 1.50 54.06
C GLY F 129 -4.21 1.60 53.15
N THR F 130 -4.86 0.49 52.80
CA THR F 130 -5.93 0.53 51.83
C THR F 130 -7.16 -0.22 52.33
N ALA F 131 -8.33 0.33 52.01
CA ALA F 131 -9.62 -0.26 52.31
C ALA F 131 -10.34 -0.57 51.01
N SER F 132 -10.72 -1.83 50.83
CA SER F 132 -11.44 -2.30 49.65
C SER F 132 -12.79 -2.82 50.09
N VAL F 133 -13.86 -2.25 49.56
CA VAL F 133 -15.21 -2.66 49.94
C VAL F 133 -15.84 -3.37 48.74
N VAL F 134 -16.35 -4.57 48.97
CA VAL F 134 -16.80 -5.43 47.90
C VAL F 134 -18.30 -5.61 48.02
N CYS F 135 -18.98 -5.35 46.92
CA CYS F 135 -20.39 -5.60 46.77
C CYS F 135 -20.57 -6.75 45.80
N LEU F 136 -21.48 -7.67 46.13
CA LEU F 136 -21.66 -8.90 45.39
C LEU F 136 -23.11 -8.98 44.91
N LEU F 137 -23.31 -9.07 43.59
CA LEU F 137 -24.60 -9.36 43.01
C LEU F 137 -24.61 -10.83 42.59
N ASN F 138 -25.54 -11.59 43.15
CA ASN F 138 -25.53 -13.04 43.00
C ASN F 138 -26.71 -13.56 42.17
N ASN F 139 -26.37 -14.37 41.16
CA ASN F 139 -27.28 -15.23 40.38
C ASN F 139 -28.51 -14.47 39.84
N PHE F 140 -28.23 -13.49 38.99
CA PHE F 140 -29.29 -12.70 38.40
C PHE F 140 -29.30 -12.90 36.89
N TYR F 141 -30.44 -12.54 36.28
CA TYR F 141 -30.69 -12.50 34.85
C TYR F 141 -31.84 -11.54 34.64
N PRO F 142 -31.83 -10.69 33.59
CA PRO F 142 -30.80 -10.50 32.55
C PRO F 142 -29.48 -9.92 33.09
N ARG F 143 -28.46 -9.82 32.25
CA ARG F 143 -27.16 -9.31 32.69
C ARG F 143 -27.17 -7.80 32.94
N GLU F 144 -28.05 -7.08 32.25
CA GLU F 144 -28.04 -5.62 32.36
C GLU F 144 -28.44 -5.24 33.77
N ALA F 145 -27.43 -4.96 34.61
CA ALA F 145 -27.60 -4.51 35.99
C ALA F 145 -26.74 -3.26 36.22
N LYS F 146 -27.21 -2.38 37.09
CA LYS F 146 -26.53 -1.12 37.36
C LYS F 146 -26.29 -0.96 38.87
N VAL F 147 -25.04 -0.68 39.24
CA VAL F 147 -24.58 -0.69 40.65
C VAL F 147 -23.90 0.65 40.95
N GLN F 148 -24.30 1.27 42.06
CA GLN F 148 -23.75 2.56 42.46
C GLN F 148 -23.23 2.47 43.89
N TRP F 149 -22.10 3.12 44.15
CA TRP F 149 -21.51 3.20 45.48
C TRP F 149 -21.83 4.56 46.09
N LYS F 150 -22.24 4.55 47.35
CA LYS F 150 -22.66 5.78 48.04
C LYS F 150 -22.07 5.77 49.42
N VAL F 151 -21.30 6.80 49.75
CA VAL F 151 -20.71 6.96 51.08
C VAL F 151 -21.29 8.21 51.69
N ASP F 152 -21.85 8.08 52.90
CA ASP F 152 -22.48 9.21 53.58
C ASP F 152 -23.43 9.94 52.65
N ASN F 153 -24.07 9.15 51.80
CA ASN F 153 -25.05 9.50 50.78
C ASN F 153 -24.43 10.17 49.56
N ALA F 154 -23.11 10.23 49.45
CA ALA F 154 -22.47 10.81 48.28
C ALA F 154 -22.15 9.71 47.26
N LEU F 155 -22.61 9.91 46.02
CA LEU F 155 -22.33 8.98 44.93
C LEU F 155 -20.82 8.89 44.62
N GLN F 156 -20.39 7.74 44.11
CA GLN F 156 -18.97 7.54 43.82
C GLN F 156 -18.69 7.44 42.33
N SER F 157 -17.47 7.85 41.96
CA SER F 157 -16.97 7.69 40.60
C SER F 157 -15.46 7.47 40.67
N GLY F 158 -14.94 6.62 39.80
CA GLY F 158 -13.52 6.47 39.65
C GLY F 158 -12.83 5.53 40.61
N ASN F 159 -13.49 5.10 41.69
CA ASN F 159 -12.85 4.29 42.71
C ASN F 159 -13.48 2.89 42.83
N SER F 160 -14.07 2.35 41.74
CA SER F 160 -14.63 1.01 41.78
C SER F 160 -14.46 0.32 40.42
N GLN F 161 -14.41 -1.02 40.44
CA GLN F 161 -14.24 -1.81 39.21
C GLN F 161 -15.15 -3.04 39.27
N GLU F 162 -16.05 -3.18 38.29
CA GLU F 162 -16.99 -4.30 38.21
C GLU F 162 -16.38 -5.49 37.48
N SER F 163 -16.72 -6.68 37.92
CA SER F 163 -16.39 -7.90 37.20
C SER F 163 -17.63 -8.79 37.19
N VAL F 164 -17.91 -9.42 36.06
CA VAL F 164 -19.07 -10.28 35.92
C VAL F 164 -18.61 -11.68 35.51
N THR F 165 -19.35 -12.69 35.97
CA THR F 165 -19.10 -14.05 35.55
C THR F 165 -19.72 -14.31 34.19
N GLU F 166 -19.31 -15.39 33.57
CA GLU F 166 -20.06 -15.86 32.44
C GLU F 166 -21.29 -16.61 32.95
N GLN F 167 -22.17 -17.00 32.04
CA GLN F 167 -23.44 -17.58 32.44
C GLN F 167 -23.25 -18.92 33.14
N ASP F 168 -23.95 -19.07 34.26
CA ASP F 168 -23.96 -20.31 35.01
C ASP F 168 -24.38 -21.47 34.11
N SER F 169 -23.77 -22.64 34.30
CA SER F 169 -24.15 -23.78 33.47
C SER F 169 -25.48 -24.38 33.89
N LYS F 170 -25.79 -24.40 35.19
CA LYS F 170 -27.05 -24.99 35.61
C LYS F 170 -28.22 -24.02 35.36
N ASP F 171 -28.22 -22.86 36.04
CA ASP F 171 -29.36 -21.95 36.00
C ASP F 171 -29.19 -20.78 35.03
N SER F 172 -28.08 -20.70 34.32
CA SER F 172 -27.84 -19.67 33.30
C SER F 172 -27.83 -18.26 33.89
N THR F 173 -27.49 -18.10 35.16
CA THR F 173 -27.47 -16.76 35.70
C THR F 173 -26.08 -16.12 35.57
N TYR F 174 -26.03 -14.84 35.92
CA TYR F 174 -24.79 -14.07 36.06
C TYR F 174 -24.59 -13.68 37.50
N SER F 175 -23.34 -13.56 37.90
CA SER F 175 -23.03 -12.95 39.17
C SER F 175 -22.06 -11.83 38.90
N LEU F 176 -22.21 -10.74 39.63
CA LEU F 176 -21.41 -9.56 39.41
C LEU F 176 -20.79 -9.20 40.73
N SER F 177 -19.55 -8.71 40.67
CA SER F 177 -18.86 -8.16 41.83
C SER F 177 -18.40 -6.75 41.51
N SER F 178 -18.66 -5.83 42.42
CA SER F 178 -18.16 -4.46 42.35
C SER F 178 -17.25 -4.24 43.54
N THR F 179 -16.03 -3.77 43.30
CA THR F 179 -15.05 -3.53 44.36
C THR F 179 -14.74 -2.04 44.46
N LEU F 180 -14.91 -1.48 45.65
CA LEU F 180 -14.61 -0.07 45.92
C LEU F 180 -13.29 0.06 46.67
N THR F 181 -12.34 0.81 46.12
CA THR F 181 -10.98 0.85 46.67
C THR F 181 -10.62 2.23 47.20
N LEU F 182 -10.26 2.31 48.48
CA LEU F 182 -9.93 3.58 49.12
C LEU F 182 -8.72 3.42 50.03
N SER F 183 -8.03 4.54 50.24
CA SER F 183 -6.92 4.66 51.18
C SER F 183 -7.40 4.57 52.63
N LYS F 184 -6.53 4.05 53.51
CA LYS F 184 -6.93 3.97 54.92
C LYS F 184 -7.36 5.34 55.46
N ALA F 185 -6.60 6.39 55.14
CA ALA F 185 -6.94 7.74 55.57
C ALA F 185 -8.36 8.11 55.15
N ASP F 186 -8.61 8.12 53.83
CA ASP F 186 -9.92 8.49 53.29
C ASP F 186 -11.03 7.55 53.76
N TYR F 187 -10.72 6.26 53.92
CA TYR F 187 -11.76 5.34 54.37
C TYR F 187 -12.29 5.72 55.74
N GLU F 188 -11.43 6.29 56.60
CA GLU F 188 -11.83 6.61 57.96
C GLU F 188 -12.57 7.93 58.09
N LYS F 189 -12.61 8.75 57.05
CA LYS F 189 -13.37 9.99 57.11
C LYS F 189 -14.86 9.77 56.96
N HIS F 190 -15.36 8.54 56.91
CA HIS F 190 -16.77 8.34 56.59
C HIS F 190 -17.34 7.15 57.37
N LYS F 191 -18.68 7.09 57.42
CA LYS F 191 -19.40 6.19 58.32
C LYS F 191 -20.31 5.20 57.59
N VAL F 192 -21.16 5.66 56.69
CA VAL F 192 -22.09 4.79 55.96
C VAL F 192 -21.47 4.44 54.60
N TYR F 193 -21.38 3.14 54.32
CA TYR F 193 -20.99 2.65 52.99
C TYR F 193 -22.15 1.88 52.40
N ALA F 194 -22.61 2.29 51.22
CA ALA F 194 -23.83 1.76 50.64
C ALA F 194 -23.61 1.34 49.19
N CYS F 195 -24.03 0.12 48.89
CA CYS F 195 -24.08 -0.45 47.54
C CYS F 195 -25.52 -0.39 47.07
N GLU F 196 -25.78 0.29 45.95
CA GLU F 196 -27.15 0.43 45.45
C GLU F 196 -27.32 -0.29 44.12
N VAL F 197 -28.32 -1.17 44.06
CA VAL F 197 -28.46 -2.13 42.96
C VAL F 197 -29.79 -1.91 42.25
N THR F 198 -29.74 -1.80 40.92
CA THR F 198 -30.93 -1.65 40.09
C THR F 198 -30.94 -2.77 39.05
N HIS F 199 -32.06 -3.49 38.98
CA HIS F 199 -32.18 -4.67 38.12
C HIS F 199 -33.64 -4.92 37.75
N GLN F 200 -33.84 -5.46 36.55
CA GLN F 200 -35.20 -5.72 36.03
C GLN F 200 -36.04 -6.53 37.02
N GLY F 201 -35.42 -7.47 37.70
CA GLY F 201 -36.10 -8.31 38.64
C GLY F 201 -36.39 -7.71 39.99
N LEU F 202 -35.95 -6.47 40.25
CA LEU F 202 -36.26 -5.78 41.49
C LEU F 202 -37.35 -4.75 41.23
N SER F 203 -38.35 -4.71 42.10
CA SER F 203 -39.40 -3.72 41.96
C SER F 203 -38.85 -2.30 42.18
N SER F 204 -38.00 -2.14 43.18
CA SER F 204 -37.42 -0.86 43.55
C SER F 204 -35.97 -1.10 43.91
N PRO F 205 -35.12 -0.07 43.84
CA PRO F 205 -33.69 -0.28 44.11
C PRO F 205 -33.43 -0.83 45.50
N VAL F 206 -32.49 -1.77 45.58
CA VAL F 206 -32.14 -2.46 46.82
C VAL F 206 -30.80 -1.90 47.30
N THR F 207 -30.73 -1.53 48.58
CA THR F 207 -29.48 -1.05 49.15
C THR F 207 -28.97 -2.03 50.19
N LYS F 208 -27.65 -2.15 50.27
CA LYS F 208 -27.00 -2.89 51.34
C LYS F 208 -25.86 -2.04 51.85
N SER F 209 -25.80 -1.84 53.17
CA SER F 209 -24.91 -0.83 53.76
C SER F 209 -24.38 -1.30 55.12
N PHE F 210 -23.34 -0.63 55.57
CA PHE F 210 -22.78 -0.87 56.89
C PHE F 210 -22.20 0.43 57.43
N ASN F 211 -22.12 0.49 58.75
CA ASN F 211 -21.47 1.60 59.44
C ASN F 211 -20.14 1.10 59.99
N ARG F 212 -19.06 1.83 59.71
CA ARG F 212 -17.73 1.40 60.10
C ARG F 212 -17.49 1.47 61.62
C1 NAG G . 22.28 6.94 15.39
C2 NAG G . 23.29 6.43 16.40
C3 NAG G . 22.62 5.51 17.43
C4 NAG G . 21.38 6.14 18.05
C5 NAG G . 20.44 6.68 16.96
C6 NAG G . 19.20 7.39 17.49
C7 NAG G . 25.46 6.34 15.24
C8 NAG G . 26.49 5.44 14.60
N2 NAG G . 24.38 5.73 15.74
O3 NAG G . 23.56 5.20 18.46
O4 NAG G . 20.72 5.15 18.83
O5 NAG G . 21.16 7.59 16.10
O6 NAG G . 19.21 8.82 17.50
O7 NAG G . 25.61 7.57 15.29
C1 NAG G . 20.60 5.60 20.23
C2 NAG G . 19.72 4.61 21.01
C3 NAG G . 19.59 5.09 22.46
C4 NAG G . 20.96 5.30 23.09
C5 NAG G . 21.84 6.20 22.22
C6 NAG G . 23.27 6.27 22.72
C7 NAG G . 18.13 3.70 19.37
C8 NAG G . 16.71 3.69 18.90
N2 NAG G . 18.40 4.49 20.42
O3 NAG G . 18.88 4.10 23.20
O4 NAG G . 20.81 5.89 24.39
O5 NAG G . 21.90 5.68 20.88
O6 NAG G . 24.20 6.15 21.65
O7 NAG G . 18.99 3.02 18.83
C1 NAG H . 4.53 -27.24 -3.38
C2 NAG H . 5.55 -28.36 -3.46
C3 NAG H . 6.79 -27.88 -4.23
C4 NAG H . 6.42 -27.31 -5.60
C5 NAG H . 5.29 -26.27 -5.50
C6 NAG H . 4.83 -25.76 -6.87
C7 NAG H . 5.41 -29.93 -1.58
C8 NAG H . 5.91 -30.29 -0.21
N2 NAG H . 5.92 -28.84 -2.14
O3 NAG H . 7.65 -29.01 -4.41
O4 NAG H . 7.58 -26.72 -6.17
O5 NAG H . 4.17 -26.79 -4.77
O6 NAG H . 3.46 -25.96 -7.23
O7 NAG H . 4.56 -30.61 -2.16
C1 NAG H . 7.95 -27.31 -7.44
C2 NAG H . 9.20 -26.63 -8.03
C3 NAG H . 9.66 -27.32 -9.31
C4 NAG H . 9.76 -28.83 -9.12
C5 NAG H . 8.46 -29.38 -8.53
C6 NAG H . 8.53 -30.85 -8.21
C7 NAG H . 9.27 -24.25 -7.40
C8 NAG H . 8.96 -22.84 -7.84
N2 NAG H . 8.98 -25.21 -8.28
O3 NAG H . 10.91 -26.82 -9.72
O4 NAG H . 10.03 -29.46 -10.37
O5 NAG H . 8.17 -28.70 -7.31
O6 NAG H . 9.02 -31.05 -6.89
O7 NAG H . 9.75 -24.49 -6.29
C1 NAG I . -18.44 -35.31 -41.95
C2 NAG I . -19.35 -34.32 -41.18
C3 NAG I . -20.82 -34.58 -41.49
C4 NAG I . -21.06 -34.60 -42.99
C5 NAG I . -20.13 -35.58 -43.68
C6 NAG I . -20.24 -35.55 -45.19
C7 NAG I . -19.81 -33.90 -38.74
C8 NAG I . -19.27 -34.13 -37.35
N2 NAG I . -19.07 -34.41 -39.74
O3 NAG I . -21.60 -33.54 -40.93
O4 NAG I . -22.43 -34.96 -43.22
O5 NAG I . -18.77 -35.28 -43.36
O6 NAG I . -19.49 -34.50 -45.78
O7 NAG I . -20.84 -33.27 -38.93
C1 NAG J . -18.73 -16.85 -38.86
C2 NAG J . -18.10 -16.11 -37.66
C3 NAG J . -18.64 -16.65 -36.33
C4 NAG J . -20.16 -16.65 -36.32
C5 NAG J . -20.70 -17.39 -37.54
C6 NAG J . -22.20 -17.32 -37.66
C7 NAG J . -15.87 -15.19 -38.13
C8 NAG J . -14.38 -15.44 -38.05
N2 NAG J . -16.65 -16.17 -37.67
O3 NAG J . -18.16 -15.84 -35.28
O4 NAG J . -20.66 -17.25 -35.13
O5 NAG J . -20.16 -16.84 -38.76
O6 NAG J . -22.70 -16.12 -37.08
O7 NAG J . -16.33 -14.15 -38.60
C1 NAG K . 6.30 43.58 37.58
C2 NAG K . 7.50 44.52 37.60
C3 NAG K . 7.08 45.95 37.33
C4 NAG K . 6.30 46.04 36.03
C5 NAG K . 5.12 45.07 36.05
C6 NAG K . 4.38 45.01 34.74
C7 NAG K . 9.34 43.72 39.02
C8 NAG K . 9.93 43.70 40.40
N2 NAG K . 8.20 44.42 38.88
O3 NAG K . 8.25 46.76 37.23
O4 NAG K . 5.83 47.37 35.84
O5 NAG K . 5.58 43.74 36.33
O6 NAG K . 4.99 44.12 33.81
O7 NAG K . 9.86 43.14 38.08
C1 NAG L . -7.25 36.63 27.93
C2 NAG L . -7.18 35.38 27.02
C3 NAG L . -6.08 35.54 25.97
C4 NAG L . -6.29 36.82 25.18
C5 NAG L . -6.38 38.02 26.12
C6 NAG L . -6.76 39.28 25.38
C7 NAG L . -8.01 33.39 28.18
C8 NAG L . -7.63 32.13 28.90
N2 NAG L . -6.99 34.15 27.77
O3 NAG L . -6.07 34.41 25.11
O4 NAG L . -5.27 37.02 24.21
O5 NAG L . -7.40 37.81 27.12
O6 NAG L . -7.39 38.94 24.15
O7 NAG L . -9.17 33.69 27.98
#